data_4OZL
# 
_entry.id   4OZL 
# 
_audit_conform.dict_name       mmcif_pdbx.dic 
_audit_conform.dict_version    5.383 
_audit_conform.dict_location   http://mmcif.pdb.org/dictionaries/ascii/mmcif_pdbx.dic 
# 
loop_
_database_2.database_id 
_database_2.database_code 
_database_2.pdbx_database_accession 
_database_2.pdbx_DOI 
PDB   4OZL         pdb_00004ozl 10.2210/pdb4ozl/pdb 
WWPDB D_1000200348 ?            ?                   
# 
loop_
_pdbx_audit_revision_history.ordinal 
_pdbx_audit_revision_history.data_content_type 
_pdbx_audit_revision_history.major_revision 
_pdbx_audit_revision_history.minor_revision 
_pdbx_audit_revision_history.revision_date 
1 'Structure model' 1 0 2014-07-02 
2 'Structure model' 1 1 2014-10-01 
3 'Structure model' 1 2 2023-12-27 
# 
_pdbx_audit_revision_details.ordinal             1 
_pdbx_audit_revision_details.revision_ordinal    1 
_pdbx_audit_revision_details.data_content_type   'Structure model' 
_pdbx_audit_revision_details.provider            repository 
_pdbx_audit_revision_details.type                'Initial release' 
_pdbx_audit_revision_details.description         ? 
_pdbx_audit_revision_details.details             ? 
# 
loop_
_pdbx_audit_revision_group.ordinal 
_pdbx_audit_revision_group.revision_ordinal 
_pdbx_audit_revision_group.data_content_type 
_pdbx_audit_revision_group.group 
1 2 'Structure model' 'Database references'    
2 3 'Structure model' 'Data collection'        
3 3 'Structure model' 'Database references'    
4 3 'Structure model' 'Derived calculations'   
5 3 'Structure model' Other                    
6 3 'Structure model' 'Refinement description' 
7 3 'Structure model' 'Source and taxonomy'    
8 3 'Structure model' 'Structure summary'      
# 
loop_
_pdbx_audit_revision_category.ordinal 
_pdbx_audit_revision_category.revision_ordinal 
_pdbx_audit_revision_category.data_content_type 
_pdbx_audit_revision_category.category 
1  3 'Structure model' chem_comp_atom               
2  3 'Structure model' chem_comp_bond               
3  3 'Structure model' database_2                   
4  3 'Structure model' diffrn_source                
5  3 'Structure model' entity_src_gen               
6  3 'Structure model' pdbx_database_status         
7  3 'Structure model' pdbx_struct_assembly         
8  3 'Structure model' pdbx_struct_oper_list        
9  3 'Structure model' pdbx_struct_special_symmetry 
10 3 'Structure model' refine_hist                  
11 3 'Structure model' struct_keywords              
12 3 'Structure model' symmetry                     
# 
loop_
_pdbx_audit_revision_item.ordinal 
_pdbx_audit_revision_item.revision_ordinal 
_pdbx_audit_revision_item.data_content_type 
_pdbx_audit_revision_item.item 
1 3 'Structure model' '_database_2.pdbx_DOI'                        
2 3 'Structure model' '_database_2.pdbx_database_accession'         
3 3 'Structure model' '_diffrn_source.pdbx_synchrotron_site'        
4 3 'Structure model' '_entity_src_gen.pdbx_alt_source_flag'        
5 3 'Structure model' '_pdbx_database_status.pdb_format_compatible' 
6 3 'Structure model' '_pdbx_struct_assembly.oligomeric_details'    
7 3 'Structure model' '_pdbx_struct_oper_list.symmetry_operation'   
8 3 'Structure model' '_struct_keywords.text'                       
9 3 'Structure model' '_symmetry.Int_Tables_number'                 
# 
_pdbx_database_status.status_code                     REL 
_pdbx_database_status.status_code_sf                  REL 
_pdbx_database_status.status_code_mr                  . 
_pdbx_database_status.entry_id                        4OZL 
_pdbx_database_status.recvd_initial_deposition_date   2014-02-17 
_pdbx_database_status.SG_entry                        N 
_pdbx_database_status.deposit_site                    RCSB 
_pdbx_database_status.process_site                    RCSB 
_pdbx_database_status.status_code_cs                  . 
_pdbx_database_status.methods_development_category    . 
_pdbx_database_status.status_code_nmr_data            ? 
_pdbx_database_status.pdb_format_compatible           Y 
# 
loop_
_audit_author.name 
_audit_author.pdbx_ordinal 
'Palanca, C.'    1 
'Pedro-Roig, L.' 2 
'Llacer, J.L.'   3 
'Camacho, M.'    4 
'Bonete, M.J.'   5 
'Rubio, V.'      6 
# 
_citation.abstract                  . 
_citation.abstract_id_CAS           . 
_citation.book_id_ISBN              . 
_citation.book_publisher            ? 
_citation.book_publisher_city       . 
_citation.book_title                . 
_citation.coordinate_linkage        . 
_citation.country                   UK 
_citation.database_id_Medline       . 
_citation.details                   . 
_citation.id                        primary 
_citation.journal_abbrev            'Febs J.' 
_citation.journal_id_ASTM           ? 
_citation.journal_id_CSD            ? 
_citation.journal_id_ISSN           1742-464X 
_citation.journal_full              . 
_citation.journal_issue             . 
_citation.journal_volume            281 
_citation.language                  . 
_citation.page_first                3299 
_citation.page_last                 3314 
_citation.title                     
'The structure of a PII signaling protein from a halophilic archaeon reveals novel traits and high-salt adaptations.' 
_citation.year                      2014 
_citation.database_id_CSD           . 
_citation.pdbx_database_id_DOI      10.1111/febs.12881 
_citation.pdbx_database_id_PubMed   24946894 
_citation.unpublished_flag          . 
# 
loop_
_citation_author.citation_id 
_citation_author.name 
_citation_author.ordinal 
_citation_author.identifier_ORCID 
primary 'Palanca, C.'    1 ? 
primary 'Pedro-Roig, L.' 2 ? 
primary 'Llacer, J.L.'   3 ? 
primary 'Camacho, M.'    4 ? 
primary 'Bonete, M.J.'   5 ? 
primary 'Rubio, V.'      6 ? 
# 
loop_
_entity.id 
_entity.type 
_entity.src_method 
_entity.pdbx_description 
_entity.formula_weight 
_entity.pdbx_number_of_molecules 
_entity.pdbx_ec 
_entity.pdbx_mutation 
_entity.pdbx_fragment 
_entity.details 
1 polymer     man 'Nitrogen regulatory protein P-II' 15022.854 1  ? ? ? ? 
2 non-polymer syn 'ADENOSINE MONOPHOSPHATE'          347.221   1  ? ? ? ? 
3 non-polymer syn 'SULFATE ION'                      96.063    2  ? ? ? ? 
4 water       nat water                              18.015    61 ? ? ? ? 
# 
_entity_name_com.entity_id   1 
_entity_name_com.name        'PII family protein glnK2' 
# 
_entity_poly.entity_id                      1 
_entity_poly.type                           'polypeptide(L)' 
_entity_poly.nstd_linkage                   no 
_entity_poly.nstd_monomer                   no 
_entity_poly.pdbx_seq_one_letter_code       
;MGSSHHHHHHSSGLVPAGSHMSDADLPNDGGIKLVMAIIRPDKLADVKTALAEVGAPSLTVTNVSGRGSQPAKKSQWRGE
EYTVDLHQKVKVECVVADTPAEDVADAIADAAHTGEKGDGKIFILPVENAIQVRTGKTGRDAV
;
_entity_poly.pdbx_seq_one_letter_code_can   
;MGSSHHHHHHSSGLVPAGSHMSDADLPNDGGIKLVMAIIRPDKLADVKTALAEVGAPSLTVTNVSGRGSQPAKKSQWRGE
EYTVDLHQKVKVECVVADTPAEDVADAIADAAHTGEKGDGKIFILPVENAIQVRTGKTGRDAV
;
_entity_poly.pdbx_strand_id                 A 
_entity_poly.pdbx_target_identifier         ? 
# 
loop_
_pdbx_entity_nonpoly.entity_id 
_pdbx_entity_nonpoly.name 
_pdbx_entity_nonpoly.comp_id 
2 'ADENOSINE MONOPHOSPHATE' AMP 
3 'SULFATE ION'             SO4 
4 water                     HOH 
# 
loop_
_entity_poly_seq.entity_id 
_entity_poly_seq.num 
_entity_poly_seq.mon_id 
_entity_poly_seq.hetero 
1 1   MET n 
1 2   GLY n 
1 3   SER n 
1 4   SER n 
1 5   HIS n 
1 6   HIS n 
1 7   HIS n 
1 8   HIS n 
1 9   HIS n 
1 10  HIS n 
1 11  SER n 
1 12  SER n 
1 13  GLY n 
1 14  LEU n 
1 15  VAL n 
1 16  PRO n 
1 17  ALA n 
1 18  GLY n 
1 19  SER n 
1 20  HIS n 
1 21  MET n 
1 22  SER n 
1 23  ASP n 
1 24  ALA n 
1 25  ASP n 
1 26  LEU n 
1 27  PRO n 
1 28  ASN n 
1 29  ASP n 
1 30  GLY n 
1 31  GLY n 
1 32  ILE n 
1 33  LYS n 
1 34  LEU n 
1 35  VAL n 
1 36  MET n 
1 37  ALA n 
1 38  ILE n 
1 39  ILE n 
1 40  ARG n 
1 41  PRO n 
1 42  ASP n 
1 43  LYS n 
1 44  LEU n 
1 45  ALA n 
1 46  ASP n 
1 47  VAL n 
1 48  LYS n 
1 49  THR n 
1 50  ALA n 
1 51  LEU n 
1 52  ALA n 
1 53  GLU n 
1 54  VAL n 
1 55  GLY n 
1 56  ALA n 
1 57  PRO n 
1 58  SER n 
1 59  LEU n 
1 60  THR n 
1 61  VAL n 
1 62  THR n 
1 63  ASN n 
1 64  VAL n 
1 65  SER n 
1 66  GLY n 
1 67  ARG n 
1 68  GLY n 
1 69  SER n 
1 70  GLN n 
1 71  PRO n 
1 72  ALA n 
1 73  LYS n 
1 74  LYS n 
1 75  SER n 
1 76  GLN n 
1 77  TRP n 
1 78  ARG n 
1 79  GLY n 
1 80  GLU n 
1 81  GLU n 
1 82  TYR n 
1 83  THR n 
1 84  VAL n 
1 85  ASP n 
1 86  LEU n 
1 87  HIS n 
1 88  GLN n 
1 89  LYS n 
1 90  VAL n 
1 91  LYS n 
1 92  VAL n 
1 93  GLU n 
1 94  CYS n 
1 95  VAL n 
1 96  VAL n 
1 97  ALA n 
1 98  ASP n 
1 99  THR n 
1 100 PRO n 
1 101 ALA n 
1 102 GLU n 
1 103 ASP n 
1 104 VAL n 
1 105 ALA n 
1 106 ASP n 
1 107 ALA n 
1 108 ILE n 
1 109 ALA n 
1 110 ASP n 
1 111 ALA n 
1 112 ALA n 
1 113 HIS n 
1 114 THR n 
1 115 GLY n 
1 116 GLU n 
1 117 LYS n 
1 118 GLY n 
1 119 ASP n 
1 120 GLY n 
1 121 LYS n 
1 122 ILE n 
1 123 PHE n 
1 124 ILE n 
1 125 LEU n 
1 126 PRO n 
1 127 VAL n 
1 128 GLU n 
1 129 ASN n 
1 130 ALA n 
1 131 ILE n 
1 132 GLN n 
1 133 VAL n 
1 134 ARG n 
1 135 THR n 
1 136 GLY n 
1 137 LYS n 
1 138 THR n 
1 139 GLY n 
1 140 ARG n 
1 141 ASP n 
1 142 ALA n 
1 143 VAL n 
# 
_entity_src_gen.entity_id                          1 
_entity_src_gen.pdbx_src_id                        1 
_entity_src_gen.pdbx_alt_source_flag               sample 
_entity_src_gen.pdbx_seq_type                      'Biological sequence' 
_entity_src_gen.pdbx_beg_seq_num                   1 
_entity_src_gen.pdbx_end_seq_num                   139 
_entity_src_gen.gene_src_common_name               ? 
_entity_src_gen.gene_src_genus                     ? 
_entity_src_gen.pdbx_gene_src_gene                 'glnK2, HFX_0092, C439_09930' 
_entity_src_gen.gene_src_species                   ? 
_entity_src_gen.gene_src_strain                    'ATCC 33500 / DSM 1411 / JCM 8866 / NBRC 14739 / NCIMB 2177 / R-4' 
_entity_src_gen.gene_src_tissue                    ? 
_entity_src_gen.gene_src_tissue_fraction           ? 
_entity_src_gen.gene_src_details                   ? 
_entity_src_gen.pdbx_gene_src_fragment             ? 
_entity_src_gen.pdbx_gene_src_scientific_name      'Haloferax mediterranei' 
_entity_src_gen.pdbx_gene_src_ncbi_taxonomy_id     523841 
_entity_src_gen.pdbx_gene_src_variant              ? 
_entity_src_gen.pdbx_gene_src_cell_line            ? 
_entity_src_gen.pdbx_gene_src_atcc                 ? 
_entity_src_gen.pdbx_gene_src_organ                ? 
_entity_src_gen.pdbx_gene_src_organelle            ? 
_entity_src_gen.pdbx_gene_src_cell                 ? 
_entity_src_gen.pdbx_gene_src_cellular_location    ? 
_entity_src_gen.host_org_common_name               ? 
_entity_src_gen.pdbx_host_org_scientific_name      'Escherichia coli' 
_entity_src_gen.pdbx_host_org_ncbi_taxonomy_id     469008 
_entity_src_gen.host_org_genus                     ? 
_entity_src_gen.pdbx_host_org_gene                 ? 
_entity_src_gen.pdbx_host_org_organ                ? 
_entity_src_gen.host_org_species                   ? 
_entity_src_gen.pdbx_host_org_tissue               ? 
_entity_src_gen.pdbx_host_org_tissue_fraction      ? 
_entity_src_gen.pdbx_host_org_strain               'BL21(DE3)' 
_entity_src_gen.pdbx_host_org_variant              ? 
_entity_src_gen.pdbx_host_org_cell_line            ? 
_entity_src_gen.pdbx_host_org_atcc                 ? 
_entity_src_gen.pdbx_host_org_culture_collection   ? 
_entity_src_gen.pdbx_host_org_cell                 ? 
_entity_src_gen.pdbx_host_org_organelle            ? 
_entity_src_gen.pdbx_host_org_cellular_location    ? 
_entity_src_gen.pdbx_host_org_vector_type          ? 
_entity_src_gen.pdbx_host_org_vector               ? 
_entity_src_gen.host_org_details                   ? 
_entity_src_gen.expression_system_id               ? 
_entity_src_gen.plasmid_name                       ? 
_entity_src_gen.plasmid_details                    ? 
_entity_src_gen.pdbx_description                   ? 
# 
loop_
_chem_comp.id 
_chem_comp.type 
_chem_comp.mon_nstd_flag 
_chem_comp.name 
_chem_comp.pdbx_synonyms 
_chem_comp.formula 
_chem_comp.formula_weight 
ALA 'L-peptide linking' y ALANINE                   ? 'C3 H7 N O2'      89.093  
AMP non-polymer         . 'ADENOSINE MONOPHOSPHATE' ? 'C10 H14 N5 O7 P' 347.221 
ARG 'L-peptide linking' y ARGININE                  ? 'C6 H15 N4 O2 1'  175.209 
ASN 'L-peptide linking' y ASPARAGINE                ? 'C4 H8 N2 O3'     132.118 
ASP 'L-peptide linking' y 'ASPARTIC ACID'           ? 'C4 H7 N O4'      133.103 
CYS 'L-peptide linking' y CYSTEINE                  ? 'C3 H7 N O2 S'    121.158 
GLN 'L-peptide linking' y GLUTAMINE                 ? 'C5 H10 N2 O3'    146.144 
GLU 'L-peptide linking' y 'GLUTAMIC ACID'           ? 'C5 H9 N O4'      147.129 
GLY 'peptide linking'   y GLYCINE                   ? 'C2 H5 N O2'      75.067  
HIS 'L-peptide linking' y HISTIDINE                 ? 'C6 H10 N3 O2 1'  156.162 
HOH non-polymer         . WATER                     ? 'H2 O'            18.015  
ILE 'L-peptide linking' y ISOLEUCINE                ? 'C6 H13 N O2'     131.173 
LEU 'L-peptide linking' y LEUCINE                   ? 'C6 H13 N O2'     131.173 
LYS 'L-peptide linking' y LYSINE                    ? 'C6 H15 N2 O2 1'  147.195 
MET 'L-peptide linking' y METHIONINE                ? 'C5 H11 N O2 S'   149.211 
PHE 'L-peptide linking' y PHENYLALANINE             ? 'C9 H11 N O2'     165.189 
PRO 'L-peptide linking' y PROLINE                   ? 'C5 H9 N O2'      115.130 
SER 'L-peptide linking' y SERINE                    ? 'C3 H7 N O3'      105.093 
SO4 non-polymer         . 'SULFATE ION'             ? 'O4 S -2'         96.063  
THR 'L-peptide linking' y THREONINE                 ? 'C4 H9 N O3'      119.119 
TRP 'L-peptide linking' y TRYPTOPHAN                ? 'C11 H12 N2 O2'   204.225 
TYR 'L-peptide linking' y TYROSINE                  ? 'C9 H11 N O3'     181.189 
VAL 'L-peptide linking' y VALINE                    ? 'C5 H11 N O2'     117.146 
# 
loop_
_pdbx_poly_seq_scheme.asym_id 
_pdbx_poly_seq_scheme.entity_id 
_pdbx_poly_seq_scheme.seq_id 
_pdbx_poly_seq_scheme.mon_id 
_pdbx_poly_seq_scheme.ndb_seq_num 
_pdbx_poly_seq_scheme.pdb_seq_num 
_pdbx_poly_seq_scheme.auth_seq_num 
_pdbx_poly_seq_scheme.pdb_mon_id 
_pdbx_poly_seq_scheme.auth_mon_id 
_pdbx_poly_seq_scheme.pdb_strand_id 
_pdbx_poly_seq_scheme.pdb_ins_code 
_pdbx_poly_seq_scheme.hetero 
A 1 1   MET 1   -19 ?   ?   ?   A . n 
A 1 2   GLY 2   -18 ?   ?   ?   A . n 
A 1 3   SER 3   -17 ?   ?   ?   A . n 
A 1 4   SER 4   -16 ?   ?   ?   A . n 
A 1 5   HIS 5   -15 ?   ?   ?   A . n 
A 1 6   HIS 6   -14 ?   ?   ?   A . n 
A 1 7   HIS 7   -13 ?   ?   ?   A . n 
A 1 8   HIS 8   -12 ?   ?   ?   A . n 
A 1 9   HIS 9   -11 ?   ?   ?   A . n 
A 1 10  HIS 10  -10 ?   ?   ?   A . n 
A 1 11  SER 11  -9  ?   ?   ?   A . n 
A 1 12  SER 12  -8  ?   ?   ?   A . n 
A 1 13  GLY 13  -7  ?   ?   ?   A . n 
A 1 14  LEU 14  -6  ?   ?   ?   A . n 
A 1 15  VAL 15  -5  ?   ?   ?   A . n 
A 1 16  PRO 16  -4  ?   ?   ?   A . n 
A 1 17  ALA 17  -3  ?   ?   ?   A . n 
A 1 18  GLY 18  -2  ?   ?   ?   A . n 
A 1 19  SER 19  -1  ?   ?   ?   A . n 
A 1 20  HIS 20  0   ?   ?   ?   A . n 
A 1 21  MET 21  1   ?   ?   ?   A . n 
A 1 22  SER 22  2   ?   ?   ?   A . n 
A 1 23  ASP 23  3   ?   ?   ?   A . n 
A 1 24  ALA 24  4   ?   ?   ?   A . n 
A 1 25  ASP 25  5   5   ASP ALA A . n 
A 1 26  LEU 26  6   6   LEU LEU A . n 
A 1 27  PRO 27  7   7   PRO PRO A . n 
A 1 28  ASN 28  8   8   ASN ASN A . n 
A 1 29  ASP 29  9   9   ASP ASP A . n 
A 1 30  GLY 30  10  10  GLY GLY A . n 
A 1 31  GLY 31  11  11  GLY GLY A . n 
A 1 32  ILE 32  12  12  ILE ILE A . n 
A 1 33  LYS 33  13  13  LYS LYS A . n 
A 1 34  LEU 34  14  14  LEU LEU A . n 
A 1 35  VAL 35  15  15  VAL VAL A . n 
A 1 36  MET 36  16  16  MET MET A . n 
A 1 37  ALA 37  17  17  ALA ALA A . n 
A 1 38  ILE 38  18  18  ILE ILE A . n 
A 1 39  ILE 39  19  19  ILE ILE A . n 
A 1 40  ARG 40  20  20  ARG ARG A . n 
A 1 41  PRO 41  21  21  PRO PRO A . n 
A 1 42  ASP 42  22  22  ASP ASP A . n 
A 1 43  LYS 43  23  23  LYS LYS A . n 
A 1 44  LEU 44  24  24  LEU LEU A . n 
A 1 45  ALA 45  25  25  ALA ALA A . n 
A 1 46  ASP 46  26  26  ASP ASP A . n 
A 1 47  VAL 47  27  27  VAL VAL A . n 
A 1 48  LYS 48  28  28  LYS LYS A . n 
A 1 49  THR 49  29  29  THR THR A . n 
A 1 50  ALA 50  30  30  ALA ALA A . n 
A 1 51  LEU 51  31  31  LEU LEU A . n 
A 1 52  ALA 52  32  32  ALA ALA A . n 
A 1 53  GLU 53  33  33  GLU GLU A . n 
A 1 54  VAL 54  34  34  VAL VAL A . n 
A 1 55  GLY 55  35  35  GLY GLY A . n 
A 1 56  ALA 56  36  36  ALA ALA A . n 
A 1 57  PRO 57  37  37  PRO PRO A . n 
A 1 58  SER 58  38  38  SER SER A . n 
A 1 59  LEU 59  39  39  LEU LEU A . n 
A 1 60  THR 60  40  40  THR THR A . n 
A 1 61  VAL 61  41  41  VAL VAL A . n 
A 1 62  THR 62  42  42  THR THR A . n 
A 1 63  ASN 63  43  43  ASN ASN A . n 
A 1 64  VAL 64  44  44  VAL VAL A . n 
A 1 65  SER 65  45  45  SER SER A . n 
A 1 66  GLY 66  46  46  GLY GLY A . n 
A 1 67  ARG 67  47  47  ARG ARG A . n 
A 1 68  GLY 68  48  48  GLY GLY A . n 
A 1 69  SER 69  49  49  SER SER A . n 
A 1 70  GLN 70  50  ?   ?   ?   A . n 
A 1 71  PRO 71  51  ?   ?   ?   A . n 
A 1 72  ALA 72  52  ?   ?   ?   A . n 
A 1 73  LYS 73  53  ?   ?   ?   A . n 
A 1 74  LYS 74  54  ?   ?   ?   A . n 
A 1 75  SER 75  55  ?   ?   ?   A . n 
A 1 76  GLN 76  56  ?   ?   ?   A . n 
A 1 77  TRP 77  57  ?   ?   ?   A . n 
A 1 78  ARG 78  58  ?   ?   ?   A . n 
A 1 79  GLY 79  59  ?   ?   ?   A . n 
A 1 80  GLU 80  60  ?   ?   ?   A . n 
A 1 81  GLU 81  61  ?   ?   ?   A . n 
A 1 82  TYR 82  62  ?   ?   ?   A . n 
A 1 83  THR 83  63  ?   ?   ?   A . n 
A 1 84  VAL 84  64  ?   ?   ?   A . n 
A 1 85  ASP 85  65  65  ASP ALA A . n 
A 1 86  LEU 86  66  66  LEU LEU A . n 
A 1 87  HIS 87  67  67  HIS HIS A . n 
A 1 88  GLN 88  68  68  GLN GLN A . n 
A 1 89  LYS 89  69  69  LYS LYS A . n 
A 1 90  VAL 90  70  70  VAL VAL A . n 
A 1 91  LYS 91  71  71  LYS LYS A . n 
A 1 92  VAL 92  72  72  VAL VAL A . n 
A 1 93  GLU 93  73  73  GLU GLU A . n 
A 1 94  CYS 94  74  74  CYS CYS A . n 
A 1 95  VAL 95  75  75  VAL VAL A . n 
A 1 96  VAL 96  76  76  VAL VAL A . n 
A 1 97  ALA 97  77  77  ALA ALA A . n 
A 1 98  ASP 98  78  78  ASP ASP A . n 
A 1 99  THR 99  79  79  THR THR A . n 
A 1 100 PRO 100 80  80  PRO PRO A . n 
A 1 101 ALA 101 81  81  ALA ALA A . n 
A 1 102 GLU 102 82  82  GLU GLU A . n 
A 1 103 ASP 103 83  83  ASP ASP A . n 
A 1 104 VAL 104 84  84  VAL VAL A . n 
A 1 105 ALA 105 85  85  ALA ALA A . n 
A 1 106 ASP 106 86  86  ASP ASP A . n 
A 1 107 ALA 107 87  87  ALA ALA A . n 
A 1 108 ILE 108 88  88  ILE ILE A . n 
A 1 109 ALA 109 89  89  ALA ALA A . n 
A 1 110 ASP 110 90  90  ASP ASP A . n 
A 1 111 ALA 111 91  91  ALA ALA A . n 
A 1 112 ALA 112 92  92  ALA ALA A . n 
A 1 113 HIS 113 93  93  HIS HIS A . n 
A 1 114 THR 114 94  94  THR THR A . n 
A 1 115 GLY 115 95  95  GLY GLY A . n 
A 1 116 GLU 116 96  96  GLU GLU A . n 
A 1 117 LYS 117 97  97  LYS LYS A . n 
A 1 118 GLY 118 98  98  GLY GLY A . n 
A 1 119 ASP 119 99  99  ASP ASP A . n 
A 1 120 GLY 120 100 100 GLY GLY A . n 
A 1 121 LYS 121 101 101 LYS LYS A . n 
A 1 122 ILE 122 102 102 ILE ILE A . n 
A 1 123 PHE 123 103 103 PHE PHE A . n 
A 1 124 ILE 124 104 104 ILE ILE A . n 
A 1 125 LEU 125 105 105 LEU LEU A . n 
A 1 126 PRO 126 106 106 PRO PRO A . n 
A 1 127 VAL 127 107 107 VAL VAL A . n 
A 1 128 GLU 128 108 108 GLU GLU A . n 
A 1 129 ASN 129 109 109 ASN ASN A . n 
A 1 130 ALA 130 110 110 ALA ALA A . n 
A 1 131 ILE 131 111 111 ILE ILE A . n 
A 1 132 GLN 132 112 112 GLN GLN A . n 
A 1 133 VAL 133 113 113 VAL VAL A . n 
A 1 134 ARG 134 114 114 ARG ARG A . n 
A 1 135 THR 135 115 115 THR THR A . n 
A 1 136 GLY 136 116 116 GLY GLY A . n 
A 1 137 LYS 137 117 117 LYS LYS A . n 
A 1 138 THR 138 118 118 THR THR A . n 
A 1 139 GLY 139 119 119 GLY GLY A . n 
A 1 140 ARG 140 120 120 ARG ARG A . n 
A 1 141 ASP 141 121 121 ASP ASP A . n 
A 1 142 ALA 142 122 122 ALA ALA A . n 
A 1 143 VAL 143 123 123 VAL VAL A . n 
# 
loop_
_pdbx_nonpoly_scheme.asym_id 
_pdbx_nonpoly_scheme.entity_id 
_pdbx_nonpoly_scheme.mon_id 
_pdbx_nonpoly_scheme.ndb_seq_num 
_pdbx_nonpoly_scheme.pdb_seq_num 
_pdbx_nonpoly_scheme.auth_seq_num 
_pdbx_nonpoly_scheme.pdb_mon_id 
_pdbx_nonpoly_scheme.auth_mon_id 
_pdbx_nonpoly_scheme.pdb_strand_id 
_pdbx_nonpoly_scheme.pdb_ins_code 
B 2 AMP 1  201 1  AMP AMP A . 
C 3 SO4 1  202 1  SO4 SO4 A . 
D 3 SO4 1  203 2  SO4 SO4 A . 
E 4 HOH 1  301 56 HOH HOH A . 
E 4 HOH 2  302 44 HOH HOH A . 
E 4 HOH 3  303 42 HOH HOH A . 
E 4 HOH 4  304 28 HOH HOH A . 
E 4 HOH 5  305 9  HOH HOH A . 
E 4 HOH 6  306 3  HOH HOH A . 
E 4 HOH 7  307 1  HOH HOH A . 
E 4 HOH 8  308 34 HOH HOH A . 
E 4 HOH 9  309 57 HOH HOH A . 
E 4 HOH 10 310 51 HOH HOH A . 
E 4 HOH 11 311 8  HOH HOH A . 
E 4 HOH 12 312 37 HOH HOH A . 
E 4 HOH 13 313 12 HOH HOH A . 
E 4 HOH 14 314 26 HOH HOH A . 
E 4 HOH 15 315 30 HOH HOH A . 
E 4 HOH 16 316 40 HOH HOH A . 
E 4 HOH 17 317 20 HOH HOH A . 
E 4 HOH 18 318 36 HOH HOH A . 
E 4 HOH 19 319 25 HOH HOH A . 
E 4 HOH 20 320 5  HOH HOH A . 
E 4 HOH 21 321 13 HOH HOH A . 
E 4 HOH 22 322 17 HOH HOH A . 
E 4 HOH 23 323 50 HOH HOH A . 
E 4 HOH 24 324 31 HOH HOH A . 
E 4 HOH 25 325 41 HOH HOH A . 
E 4 HOH 26 326 46 HOH HOH A . 
E 4 HOH 27 327 4  HOH HOH A . 
E 4 HOH 28 328 27 HOH HOH A . 
E 4 HOH 29 329 14 HOH HOH A . 
E 4 HOH 30 330 45 HOH HOH A . 
E 4 HOH 31 331 61 HOH HOH A . 
E 4 HOH 32 332 21 HOH HOH A . 
E 4 HOH 33 333 32 HOH HOH A . 
E 4 HOH 34 334 2  HOH HOH A . 
E 4 HOH 35 335 6  HOH HOH A . 
E 4 HOH 36 336 7  HOH HOH A . 
E 4 HOH 37 337 10 HOH HOH A . 
E 4 HOH 38 338 11 HOH HOH A . 
E 4 HOH 39 339 15 HOH HOH A . 
E 4 HOH 40 340 16 HOH HOH A . 
E 4 HOH 41 341 18 HOH HOH A . 
E 4 HOH 42 342 19 HOH HOH A . 
E 4 HOH 43 343 22 HOH HOH A . 
E 4 HOH 44 344 23 HOH HOH A . 
E 4 HOH 45 345 24 HOH HOH A . 
E 4 HOH 46 346 29 HOH HOH A . 
E 4 HOH 47 347 33 HOH HOH A . 
E 4 HOH 48 348 35 HOH HOH A . 
E 4 HOH 49 349 38 HOH HOH A . 
E 4 HOH 50 350 39 HOH HOH A . 
E 4 HOH 51 351 43 HOH HOH A . 
E 4 HOH 52 352 47 HOH HOH A . 
E 4 HOH 53 353 48 HOH HOH A . 
E 4 HOH 54 354 49 HOH HOH A . 
E 4 HOH 55 355 52 HOH HOH A . 
E 4 HOH 56 356 53 HOH HOH A . 
E 4 HOH 57 357 54 HOH HOH A . 
E 4 HOH 58 358 55 HOH HOH A . 
E 4 HOH 59 359 58 HOH HOH A . 
E 4 HOH 60 360 60 HOH HOH A . 
E 4 HOH 61 361 62 HOH HOH A . 
# 
loop_
_pdbx_unobs_or_zero_occ_atoms.id 
_pdbx_unobs_or_zero_occ_atoms.PDB_model_num 
_pdbx_unobs_or_zero_occ_atoms.polymer_flag 
_pdbx_unobs_or_zero_occ_atoms.occupancy_flag 
_pdbx_unobs_or_zero_occ_atoms.auth_asym_id 
_pdbx_unobs_or_zero_occ_atoms.auth_comp_id 
_pdbx_unobs_or_zero_occ_atoms.auth_seq_id 
_pdbx_unobs_or_zero_occ_atoms.PDB_ins_code 
_pdbx_unobs_or_zero_occ_atoms.auth_atom_id 
_pdbx_unobs_or_zero_occ_atoms.label_alt_id 
_pdbx_unobs_or_zero_occ_atoms.label_asym_id 
_pdbx_unobs_or_zero_occ_atoms.label_comp_id 
_pdbx_unobs_or_zero_occ_atoms.label_seq_id 
_pdbx_unobs_or_zero_occ_atoms.label_atom_id 
1 1 Y 1 A ASP 5  ? CG  ? A ASP 25 CG  
2 1 Y 1 A ASP 5  ? OD1 ? A ASP 25 OD1 
3 1 Y 1 A ASP 5  ? OD2 ? A ASP 25 OD2 
4 1 Y 1 A ASP 65 ? CG  ? A ASP 85 CG  
5 1 Y 1 A ASP 65 ? OD1 ? A ASP 85 OD1 
6 1 Y 1 A ASP 65 ? OD2 ? A ASP 85 OD2 
# 
_software.citation_id            ? 
_software.classification         refinement 
_software.compiler_name          . 
_software.compiler_version       . 
_software.contact_author         . 
_software.contact_author_email   . 
_software.date                   . 
_software.description            . 
_software.dependencies           . 
_software.hardware               . 
_software.language               . 
_software.location               . 
_software.mods                   . 
_software.name                   PHENIX 
_software.os                     . 
_software.os_version             . 
_software.type                   . 
_software.version                '(phenix.refine: 1.7.1_743)' 
_software.pdbx_ordinal           1 
# 
_cell.entry_id           4OZL 
_cell.length_a           89.090 
_cell.length_b           89.090 
_cell.length_c           95.260 
_cell.angle_alpha        90.00 
_cell.angle_beta         90.00 
_cell.angle_gamma        120.00 
_cell.Z_PDB              18 
_cell.pdbx_unique_axis   ? 
# 
_symmetry.entry_id                         4OZL 
_symmetry.cell_setting                     . 
_symmetry.Int_Tables_number                155 
_symmetry.space_group_name_Hall            . 
_symmetry.space_group_name_H-M             'H 3 2' 
_symmetry.pdbx_full_space_group_name_H-M   . 
# 
_exptl.absorpt_coefficient_mu     . 
_exptl.absorpt_correction_T_max   . 
_exptl.absorpt_correction_T_min   . 
_exptl.absorpt_correction_type    . 
_exptl.absorpt_process_details    . 
_exptl.entry_id                   4OZL 
_exptl.crystals_number            . 
_exptl.details                    . 
_exptl.method                     'X-RAY DIFFRACTION' 
_exptl.method_details             . 
# 
_exptl_crystal.colour                      . 
_exptl_crystal.density_diffrn              . 
_exptl_crystal.density_Matthews            2.48 
_exptl_crystal.density_method              . 
_exptl_crystal.density_percent_sol         50.43 
_exptl_crystal.description                 . 
_exptl_crystal.F_000                       . 
_exptl_crystal.id                          1 
_exptl_crystal.preparation                 . 
_exptl_crystal.size_max                    . 
_exptl_crystal.size_mid                    . 
_exptl_crystal.size_min                    . 
_exptl_crystal.size_rad                    . 
_exptl_crystal.colour_lustre               . 
_exptl_crystal.colour_modifier             . 
_exptl_crystal.colour_primary              . 
_exptl_crystal.density_meas                . 
_exptl_crystal.density_meas_esd            . 
_exptl_crystal.density_meas_gt             . 
_exptl_crystal.density_meas_lt             . 
_exptl_crystal.density_meas_temp           . 
_exptl_crystal.density_meas_temp_esd       . 
_exptl_crystal.density_meas_temp_gt        . 
_exptl_crystal.density_meas_temp_lt        . 
_exptl_crystal.pdbx_crystal_image_url      . 
_exptl_crystal.pdbx_crystal_image_format   . 
_exptl_crystal.pdbx_mosaicity              . 
_exptl_crystal.pdbx_mosaicity_esd          . 
# 
_exptl_crystal_grow.apparatus       . 
_exptl_crystal_grow.atmosphere      . 
_exptl_crystal_grow.crystal_id      1 
_exptl_crystal_grow.details         . 
_exptl_crystal_grow.method          'VAPOR DIFFUSION, HANGING DROP' 
_exptl_crystal_grow.method_ref      . 
_exptl_crystal_grow.pH              5.6 
_exptl_crystal_grow.pressure        . 
_exptl_crystal_grow.pressure_esd    . 
_exptl_crystal_grow.seeding         . 
_exptl_crystal_grow.seeding_ref     . 
_exptl_crystal_grow.temp            294 
_exptl_crystal_grow.temp_details    . 
_exptl_crystal_grow.temp_esd        . 
_exptl_crystal_grow.time            . 
_exptl_crystal_grow.pdbx_details    '2 M ammonium sulphate, 0.1 M NaCitrate, 0.2 M Na/K Tartrate' 
_exptl_crystal_grow.pdbx_pH_range   . 
# 
_diffrn.ambient_environment    . 
_diffrn.ambient_temp           100 
_diffrn.ambient_temp_details   . 
_diffrn.ambient_temp_esd       . 
_diffrn.crystal_id             1 
_diffrn.crystal_support        . 
_diffrn.crystal_treatment      . 
_diffrn.details                . 
_diffrn.id                     1 
_diffrn.ambient_pressure       . 
_diffrn.ambient_pressure_esd   . 
_diffrn.ambient_pressure_gt    . 
_diffrn.ambient_pressure_lt    . 
_diffrn.ambient_temp_gt        . 
_diffrn.ambient_temp_lt        . 
# 
_diffrn_detector.details                      . 
_diffrn_detector.detector                     PIXEL 
_diffrn_detector.diffrn_id                    1 
_diffrn_detector.type                         'PSI PILATUS 6M' 
_diffrn_detector.area_resol_mean              . 
_diffrn_detector.dtime                        . 
_diffrn_detector.pdbx_frames_total            . 
_diffrn_detector.pdbx_collection_time_total   . 
_diffrn_detector.pdbx_collection_date         2013-04-27 
# 
_diffrn_radiation.collimation                      . 
_diffrn_radiation.diffrn_id                        1 
_diffrn_radiation.filter_edge                      . 
_diffrn_radiation.inhomogeneity                    . 
_diffrn_radiation.monochromator                    . 
_diffrn_radiation.polarisn_norm                    . 
_diffrn_radiation.polarisn_ratio                   . 
_diffrn_radiation.probe                            . 
_diffrn_radiation.type                             . 
_diffrn_radiation.xray_symbol                      . 
_diffrn_radiation.wavelength_id                    1 
_diffrn_radiation.pdbx_monochromatic_or_laue_m_l   M 
_diffrn_radiation.pdbx_wavelength_list             . 
_diffrn_radiation.pdbx_wavelength                  . 
_diffrn_radiation.pdbx_diffrn_protocol             'SINGLE WAVELENGTH' 
_diffrn_radiation.pdbx_analyzer                    . 
_diffrn_radiation.pdbx_scattering_type             x-ray 
# 
_diffrn_radiation_wavelength.id           1 
_diffrn_radiation_wavelength.wavelength   0.9618 
_diffrn_radiation_wavelength.wt           1.0 
# 
_diffrn_source.current                     . 
_diffrn_source.details                     . 
_diffrn_source.diffrn_id                   1 
_diffrn_source.power                       . 
_diffrn_source.size                        . 
_diffrn_source.source                      SYNCHROTRON 
_diffrn_source.target                      . 
_diffrn_source.type                        'DIAMOND BEAMLINE I03' 
_diffrn_source.voltage                     . 
_diffrn_source.take-off_angle              . 
_diffrn_source.pdbx_wavelength_list        0.9618 
_diffrn_source.pdbx_wavelength             . 
_diffrn_source.pdbx_synchrotron_beamline   I03 
_diffrn_source.pdbx_synchrotron_site       Diamond 
# 
_reflns.B_iso_Wilson_estimate            . 
_reflns.entry_id                         4OZL 
_reflns.data_reduction_details           . 
_reflns.data_reduction_method            . 
_reflns.d_resolution_high                1.02 
_reflns.d_resolution_low                 59.96 
_reflns.details                          . 
_reflns.limit_h_max                      . 
_reflns.limit_h_min                      . 
_reflns.limit_k_max                      . 
_reflns.limit_k_min                      . 
_reflns.limit_l_max                      . 
_reflns.limit_l_min                      . 
_reflns.number_all                       . 
_reflns.number_obs                       23723 
_reflns.observed_criterion               . 
_reflns.observed_criterion_F_max         . 
_reflns.observed_criterion_F_min         . 
_reflns.observed_criterion_I_max         . 
_reflns.observed_criterion_I_min         . 
_reflns.observed_criterion_sigma_F       . 
_reflns.observed_criterion_sigma_I       . 
_reflns.percent_possible_obs             100 
_reflns.R_free_details                   . 
_reflns.Rmerge_F_all                     . 
_reflns.Rmerge_F_obs                     . 
_reflns.Friedel_coverage                 . 
_reflns.number_gt                        . 
_reflns.threshold_expression             . 
_reflns.pdbx_redundancy                  19.9 
_reflns.pdbx_Rmerge_I_obs                . 
_reflns.pdbx_Rmerge_I_all                . 
_reflns.pdbx_Rsym_value                  . 
_reflns.pdbx_netI_over_av_sigmaI         . 
_reflns.pdbx_netI_over_sigmaI            37.3 
_reflns.pdbx_res_netI_over_av_sigmaI_2   . 
_reflns.pdbx_res_netI_over_sigmaI_2      . 
_reflns.pdbx_chi_squared                 . 
_reflns.pdbx_scaling_rejects             . 
_reflns.pdbx_d_res_high_opt              . 
_reflns.pdbx_d_res_low_opt               . 
_reflns.pdbx_d_res_opt_method            . 
_reflns.phase_calculation_details        . 
_reflns.pdbx_Rrim_I_all                  . 
_reflns.pdbx_Rpim_I_all                  . 
_reflns.pdbx_d_opt                       . 
_reflns.pdbx_number_measured_all         . 
_reflns.pdbx_diffrn_id                   1 
_reflns.pdbx_ordinal                     1 
# 
_refine.aniso_B[1][1]                            -2.4563 
_refine.aniso_B[1][2]                            -0.0000 
_refine.aniso_B[1][3]                            0.0000 
_refine.aniso_B[2][2]                            -2.4563 
_refine.aniso_B[2][3]                            0.0000 
_refine.aniso_B[3][3]                            4.9125 
_refine.B_iso_max                                . 
_refine.B_iso_mean                               . 
_refine.B_iso_min                                . 
_refine.correlation_coeff_Fo_to_Fc               . 
_refine.correlation_coeff_Fo_to_Fc_free          . 
_refine.details                                  . 
_refine.diff_density_max                         . 
_refine.diff_density_max_esd                     . 
_refine.diff_density_min                         . 
_refine.diff_density_min_esd                     . 
_refine.diff_density_rms                         . 
_refine.diff_density_rms_esd                     . 
_refine.entry_id                                 4OZL 
_refine.pdbx_refine_id                           'X-RAY DIFFRACTION' 
_refine.ls_abs_structure_details                 . 
_refine.ls_abs_structure_Flack                   . 
_refine.ls_abs_structure_Flack_esd               . 
_refine.ls_abs_structure_Rogers                  . 
_refine.ls_abs_structure_Rogers_esd              . 
_refine.ls_d_res_high                            1.4942 
_refine.ls_d_res_low                             59.956 
_refine.ls_extinction_coef                       . 
_refine.ls_extinction_coef_esd                   . 
_refine.ls_extinction_expression                 . 
_refine.ls_extinction_method                     . 
_refine.ls_goodness_of_fit_all                   . 
_refine.ls_goodness_of_fit_all_esd               . 
_refine.ls_goodness_of_fit_obs                   . 
_refine.ls_goodness_of_fit_obs_esd               . 
_refine.ls_hydrogen_treatment                    . 
_refine.ls_matrix_type                           . 
_refine.ls_number_constraints                    . 
_refine.ls_number_parameters                     . 
_refine.ls_number_reflns_all                     . 
_refine.ls_number_reflns_obs                     23722 
_refine.ls_number_reflns_R_free                  1217 
_refine.ls_number_reflns_R_work                  . 
_refine.ls_number_restraints                     . 
_refine.ls_percent_reflns_obs                    99.95 
_refine.ls_percent_reflns_R_free                 5.13 
_refine.ls_R_factor_all                          . 
_refine.ls_R_factor_obs                          0.1625 
_refine.ls_R_factor_R_free                       0.1842 
_refine.ls_R_factor_R_free_error                 . 
_refine.ls_R_factor_R_free_error_details         . 
_refine.ls_R_factor_R_work                       0.1614 
_refine.ls_R_Fsqd_factor_obs                     . 
_refine.ls_R_I_factor_obs                        . 
_refine.ls_redundancy_reflns_all                 . 
_refine.ls_redundancy_reflns_obs                 . 
_refine.ls_restrained_S_all                      . 
_refine.ls_restrained_S_obs                      . 
_refine.ls_shift_over_esd_max                    . 
_refine.ls_shift_over_esd_mean                   . 
_refine.ls_structure_factor_coef                 . 
_refine.ls_weighting_details                     . 
_refine.ls_weighting_scheme                      . 
_refine.ls_wR_factor_all                         . 
_refine.ls_wR_factor_obs                         . 
_refine.ls_wR_factor_R_free                      . 
_refine.ls_wR_factor_R_work                      . 
_refine.occupancy_max                            . 
_refine.occupancy_min                            . 
_refine.overall_SU_B                             . 
_refine.overall_SU_ML                            0.32 
_refine.overall_SU_R_Cruickshank_DPI             . 
_refine.overall_SU_R_free                        . 
_refine.overall_FOM_free_R_set                   . 
_refine.overall_FOM_work_R_set                   . 
_refine.solvent_model_details                    'FLAT BULK SOLVENT MODEL' 
_refine.solvent_model_param_bsol                 42.134 
_refine.solvent_model_param_ksol                 0.357 
_refine.ls_R_factor_gt                           . 
_refine.ls_goodness_of_fit_gt                    . 
_refine.ls_goodness_of_fit_ref                   . 
_refine.ls_shift_over_su_max                     . 
_refine.ls_shift_over_su_max_lt                  . 
_refine.ls_shift_over_su_mean                    . 
_refine.ls_shift_over_su_mean_lt                 . 
_refine.pdbx_ls_sigma_I                          . 
_refine.pdbx_ls_sigma_F                          1.35 
_refine.pdbx_ls_sigma_Fsqd                       . 
_refine.pdbx_data_cutoff_high_absF               . 
_refine.pdbx_data_cutoff_high_rms_absF           . 
_refine.pdbx_data_cutoff_low_absF                . 
_refine.pdbx_isotropic_thermal_model             . 
_refine.pdbx_ls_cross_valid_method               'FREE R-VALUE' 
_refine.pdbx_method_to_determine_struct          'MOLECULAR REPLACEMENT' 
_refine.pdbx_starting_model                      . 
_refine.pdbx_stereochemistry_target_values       ML 
_refine.pdbx_R_Free_selection_details            . 
_refine.pdbx_stereochem_target_val_spec_case     . 
_refine.pdbx_overall_ESU_R                       . 
_refine.pdbx_overall_ESU_R_Free                  . 
_refine.pdbx_solvent_vdw_probe_radii             1.20 
_refine.pdbx_solvent_ion_probe_radii             . 
_refine.pdbx_solvent_shrinkage_radii             0.95 
_refine.pdbx_real_space_R                        . 
_refine.pdbx_density_correlation                 . 
_refine.pdbx_pd_number_of_powder_patterns        . 
_refine.pdbx_pd_number_of_points                 . 
_refine.pdbx_pd_meas_number_of_points            . 
_refine.pdbx_pd_proc_ls_prof_R_factor            . 
_refine.pdbx_pd_proc_ls_prof_wR_factor           . 
_refine.pdbx_pd_Marquardt_correlation_coeff      . 
_refine.pdbx_pd_Fsqrd_R_factor                   . 
_refine.pdbx_pd_ls_matrix_band_width             . 
_refine.pdbx_overall_phase_error                 13.06 
_refine.pdbx_overall_SU_R_free_Cruickshank_DPI   . 
_refine.pdbx_overall_SU_R_free_Blow_DPI          . 
_refine.pdbx_overall_SU_R_Blow_DPI               . 
_refine.pdbx_TLS_residual_ADP_flag               . 
_refine.pdbx_diffrn_id                           1 
# 
_refine_hist.pdbx_refine_id                   'X-RAY DIFFRACTION' 
_refine_hist.cycle_id                         LAST 
_refine_hist.pdbx_number_atoms_protein        746 
_refine_hist.pdbx_number_atoms_nucleic_acid   0 
_refine_hist.pdbx_number_atoms_ligand         33 
_refine_hist.number_atoms_solvent             61 
_refine_hist.number_atoms_total               840 
_refine_hist.d_res_high                       1.4942 
_refine_hist.d_res_low                        59.956 
# 
loop_
_refine_ls_restr.pdbx_refine_id 
_refine_ls_restr.criterion 
_refine_ls_restr.dev_ideal 
_refine_ls_restr.dev_ideal_target 
_refine_ls_restr.number 
_refine_ls_restr.rejects 
_refine_ls_restr.type 
_refine_ls_restr.weight 
_refine_ls_restr.pdbx_restraint_function 
'X-RAY DIFFRACTION' . 0.006  . 836  . f_bond_d           . . 
'X-RAY DIFFRACTION' . 1.162  . 1155 . f_angle_d          . . 
'X-RAY DIFFRACTION' . 14.752 . 317  . f_dihedral_angle_d . . 
'X-RAY DIFFRACTION' . 0.065  . 146  . f_chiral_restr     . . 
'X-RAY DIFFRACTION' . 0.005  . 145  . f_plane_restr      . . 
# 
loop_
_refine_ls_shell.pdbx_refine_id 
_refine_ls_shell.d_res_high 
_refine_ls_shell.d_res_low 
_refine_ls_shell.number_reflns_all 
_refine_ls_shell.number_reflns_obs 
_refine_ls_shell.number_reflns_R_free 
_refine_ls_shell.number_reflns_R_work 
_refine_ls_shell.percent_reflns_obs 
_refine_ls_shell.percent_reflns_R_free 
_refine_ls_shell.R_factor_all 
_refine_ls_shell.R_factor_obs 
_refine_ls_shell.R_factor_R_free 
_refine_ls_shell.R_factor_R_free_error 
_refine_ls_shell.R_factor_R_work 
_refine_ls_shell.redundancy_reflns_all 
_refine_ls_shell.redundancy_reflns_obs 
_refine_ls_shell.wR_factor_all 
_refine_ls_shell.wR_factor_obs 
_refine_ls_shell.wR_factor_R_free 
_refine_ls_shell.wR_factor_R_work 
_refine_ls_shell.pdbx_total_number_of_bins_used 
_refine_ls_shell.pdbx_phase_error 
'X-RAY DIFFRACTION' 1.4942 1.5540  . . 141 2477 100.00 . . . 0.2785 . 0.2273 . . . . . . . . 
'X-RAY DIFFRACTION' 1.5540 1.6247  . . 141 2455 100.00 . . . 0.2186 . 0.1914 . . . . . . . . 
'X-RAY DIFFRACTION' 1.6247 1.7104  . . 129 2481 100.00 . . . 0.2228 . 0.1688 . . . . . . . . 
'X-RAY DIFFRACTION' 1.7104 1.8176  . . 146 2471 100.00 . . . 0.1826 . 0.1438 . . . . . . . . 
'X-RAY DIFFRACTION' 1.8176 1.9579  . . 136 2487 100.00 . . . 0.1619 . 0.1235 . . . . . . . . 
'X-RAY DIFFRACTION' 1.9579 2.1549  . . 137 2490 100.00 . . . 0.1524 . 0.1331 . . . . . . . . 
'X-RAY DIFFRACTION' 2.1549 2.4668  . . 127 2501 100.00 . . . 0.1834 . 0.1504 . . . . . . . . 
'X-RAY DIFFRACTION' 2.4668 3.1079  . . 132 2524 100.00 . . . 0.1977 . 0.1821 . . . . . . . . 
'X-RAY DIFFRACTION' 3.1079 60.0040 . . 128 2619 100.00 . . . 0.1758 . 0.1634 . . . . . . . . 
# 
_struct.entry_id                     4OZL 
_struct.title                        'GlnK2 from Haloferax mediterranei complexed with AMP' 
_struct.pdbx_model_details           . 
_struct.pdbx_formula_weight          . 
_struct.pdbx_formula_weight_method   . 
_struct.pdbx_model_type_details      . 
_struct.pdbx_CASP_flag               . 
# 
_struct_keywords.entry_id        4OZL 
_struct_keywords.text            'GlnK, PII, GlnB, signaling, Haloferax mediterranei, halophile, archaea, SIGNALING PROTEIN' 
_struct_keywords.pdbx_keywords   'SIGNALING PROTEIN' 
# 
loop_
_struct_asym.id 
_struct_asym.pdbx_blank_PDB_chainid_flag 
_struct_asym.pdbx_modified 
_struct_asym.entity_id 
_struct_asym.details 
A N N 1 ? 
B N N 2 ? 
C N N 3 ? 
D N N 3 ? 
E N N 4 ? 
# 
_struct_ref.id                         1 
_struct_ref.db_name                    UNP 
_struct_ref.db_code                    B8ZYW1_HALMT 
_struct_ref.pdbx_db_accession          B8ZYW1 
_struct_ref.entity_id                  1 
_struct_ref.pdbx_seq_one_letter_code   
;MSDADLPNDGGIKLVMAIIRPDKLADVKTALAEVGAPSLTVTNVSGRGSQPAKKSQWRGEEYTVDLHQKVKVECVVADTP
AEDVADAIADAAHTGEKGDGKIFILPVENAIQVRTGKTG
;
_struct_ref.pdbx_align_begin           1 
_struct_ref.pdbx_db_isoform            ? 
# 
_struct_ref_seq.align_id                      1 
_struct_ref_seq.ref_id                        1 
_struct_ref_seq.pdbx_PDB_id_code              4OZL 
_struct_ref_seq.pdbx_strand_id                A 
_struct_ref_seq.seq_align_beg                 21 
_struct_ref_seq.pdbx_seq_align_beg_ins_code   ? 
_struct_ref_seq.seq_align_end                 139 
_struct_ref_seq.pdbx_seq_align_end_ins_code   ? 
_struct_ref_seq.pdbx_db_accession             B8ZYW1 
_struct_ref_seq.db_align_beg                  1 
_struct_ref_seq.pdbx_db_align_beg_ins_code    ? 
_struct_ref_seq.db_align_end                  119 
_struct_ref_seq.pdbx_db_align_end_ins_code    ? 
_struct_ref_seq.pdbx_auth_seq_align_beg       1 
_struct_ref_seq.pdbx_auth_seq_align_end       119 
# 
loop_
_struct_ref_seq_dif.align_id 
_struct_ref_seq_dif.pdbx_pdb_id_code 
_struct_ref_seq_dif.mon_id 
_struct_ref_seq_dif.pdbx_pdb_strand_id 
_struct_ref_seq_dif.seq_num 
_struct_ref_seq_dif.pdbx_pdb_ins_code 
_struct_ref_seq_dif.pdbx_seq_db_name 
_struct_ref_seq_dif.pdbx_seq_db_accession_code 
_struct_ref_seq_dif.db_mon_id 
_struct_ref_seq_dif.pdbx_seq_db_seq_num 
_struct_ref_seq_dif.details 
_struct_ref_seq_dif.pdbx_auth_seq_num 
_struct_ref_seq_dif.pdbx_ordinal 
1 4OZL MET A 1   ? UNP B8ZYW1 ? ? 'expression tag' -19 1  
1 4OZL GLY A 2   ? UNP B8ZYW1 ? ? 'expression tag' -18 2  
1 4OZL SER A 3   ? UNP B8ZYW1 ? ? 'expression tag' -17 3  
1 4OZL SER A 4   ? UNP B8ZYW1 ? ? 'expression tag' -16 4  
1 4OZL HIS A 5   ? UNP B8ZYW1 ? ? 'expression tag' -15 5  
1 4OZL HIS A 6   ? UNP B8ZYW1 ? ? 'expression tag' -14 6  
1 4OZL HIS A 7   ? UNP B8ZYW1 ? ? 'expression tag' -13 7  
1 4OZL HIS A 8   ? UNP B8ZYW1 ? ? 'expression tag' -12 8  
1 4OZL HIS A 9   ? UNP B8ZYW1 ? ? 'expression tag' -11 9  
1 4OZL HIS A 10  ? UNP B8ZYW1 ? ? 'expression tag' -10 10 
1 4OZL SER A 11  ? UNP B8ZYW1 ? ? 'expression tag' -9  11 
1 4OZL SER A 12  ? UNP B8ZYW1 ? ? 'expression tag' -8  12 
1 4OZL GLY A 13  ? UNP B8ZYW1 ? ? 'expression tag' -7  13 
1 4OZL LEU A 14  ? UNP B8ZYW1 ? ? 'expression tag' -6  14 
1 4OZL VAL A 15  ? UNP B8ZYW1 ? ? 'expression tag' -5  15 
1 4OZL PRO A 16  ? UNP B8ZYW1 ? ? 'expression tag' -4  16 
1 4OZL ALA A 17  ? UNP B8ZYW1 ? ? 'expression tag' -3  17 
1 4OZL GLY A 18  ? UNP B8ZYW1 ? ? 'expression tag' -2  18 
1 4OZL SER A 19  ? UNP B8ZYW1 ? ? 'expression tag' -1  19 
1 4OZL HIS A 20  ? UNP B8ZYW1 ? ? 'expression tag' 0   20 
1 4OZL ARG A 140 ? UNP B8ZYW1 ? ? 'expression tag' 120 21 
1 4OZL ASP A 141 ? UNP B8ZYW1 ? ? 'expression tag' 121 22 
1 4OZL ALA A 142 ? UNP B8ZYW1 ? ? 'expression tag' 122 23 
1 4OZL VAL A 143 ? UNP B8ZYW1 ? ? 'expression tag' 123 24 
# 
_pdbx_struct_assembly.id                   1 
_pdbx_struct_assembly.details              author_and_software_defined_assembly 
_pdbx_struct_assembly.method_details       PISA 
_pdbx_struct_assembly.oligomeric_details   trimeric 
_pdbx_struct_assembly.oligomeric_count     3 
# 
loop_
_pdbx_struct_assembly_prop.biol_id 
_pdbx_struct_assembly_prop.type 
_pdbx_struct_assembly_prop.value 
_pdbx_struct_assembly_prop.details 
1 'ABSA (A^2)' 8880  ? 
1 MORE         -38   ? 
1 'SSA (A^2)'  12740 ? 
# 
_pdbx_struct_assembly_gen.assembly_id       1 
_pdbx_struct_assembly_gen.oper_expression   1,2,3 
_pdbx_struct_assembly_gen.asym_id_list      A,B,C,D,E 
# 
loop_
_pdbx_struct_oper_list.id 
_pdbx_struct_oper_list.type 
_pdbx_struct_oper_list.name 
_pdbx_struct_oper_list.symmetry_operation 
_pdbx_struct_oper_list.matrix[1][1] 
_pdbx_struct_oper_list.matrix[1][2] 
_pdbx_struct_oper_list.matrix[1][3] 
_pdbx_struct_oper_list.vector[1] 
_pdbx_struct_oper_list.matrix[2][1] 
_pdbx_struct_oper_list.matrix[2][2] 
_pdbx_struct_oper_list.matrix[2][3] 
_pdbx_struct_oper_list.vector[2] 
_pdbx_struct_oper_list.matrix[3][1] 
_pdbx_struct_oper_list.matrix[3][2] 
_pdbx_struct_oper_list.matrix[3][3] 
_pdbx_struct_oper_list.vector[3] 
1 'identity operation'         1_555 x,y,z         1.0000000000  0.0000000000  0.0000000000  0.0000000000   0.0000000000  1.0000000000 0.0000000000  0.0000000000  0.0000000000  0.0000000000  1.0000000000  0.0000000000   
2 'crystal symmetry operation' 2_765 -y+2,x-y+1,z  -0.4667429634 -0.5046815751 -0.7262558185 -14.0481498082 0.0904870507  0.7896301169 -0.6068742639 -6.3920582405 0.8797517262  -0.3489710394 -0.3228871535 -11.1609220297 
3 'crystal symmetry operation' 3_675 -x+y+1,-x+2,z -0.4667429634 0.0904870507  0.8797517262  3.8403638487   -0.5046815751 0.7896301169 -0.3489710394 -5.9373192369 -0.7262558185 -0.6068742639 -0.3228871535 -17.6854445191 
# 
loop_
_struct_conf.conf_type_id 
_struct_conf.id 
_struct_conf.pdbx_PDB_helix_id 
_struct_conf.beg_label_comp_id 
_struct_conf.beg_label_asym_id 
_struct_conf.beg_label_seq_id 
_struct_conf.pdbx_beg_PDB_ins_code 
_struct_conf.end_label_comp_id 
_struct_conf.end_label_asym_id 
_struct_conf.end_label_seq_id 
_struct_conf.pdbx_end_PDB_ins_code 
_struct_conf.beg_auth_comp_id 
_struct_conf.beg_auth_asym_id 
_struct_conf.beg_auth_seq_id 
_struct_conf.end_auth_comp_id 
_struct_conf.end_auth_asym_id 
_struct_conf.end_auth_seq_id 
_struct_conf.pdbx_PDB_helix_class 
_struct_conf.details 
_struct_conf.pdbx_PDB_helix_length 
HELX_P HELX_P1 AA1 LEU A 26  ? GLY A 31  ? LEU A 6   GLY A 11  5 ? 6  
HELX_P HELX_P2 AA2 ARG A 40  ? ASP A 42  ? ARG A 20  ASP A 22  5 ? 3  
HELX_P HELX_P3 AA3 LYS A 43  ? VAL A 54  ? LYS A 23  VAL A 34  1 ? 12 
HELX_P HELX_P4 AA4 PRO A 100 ? HIS A 113 ? PRO A 80  HIS A 93  1 ? 14 
HELX_P HELX_P5 AA5 GLY A 139 ? VAL A 143 ? GLY A 119 VAL A 123 5 ? 5  
# 
_struct_conf_type.id          HELX_P 
_struct_conf_type.criteria    ? 
_struct_conf_type.reference   ? 
# 
_struct_sheet.id               AA1 
_struct_sheet.type             ? 
_struct_sheet.number_strands   4 
_struct_sheet.details          ? 
# 
loop_
_struct_sheet_order.sheet_id 
_struct_sheet_order.range_id_1 
_struct_sheet_order.range_id_2 
_struct_sheet_order.offset 
_struct_sheet_order.sense 
AA1 1 2 ? anti-parallel 
AA1 2 3 ? anti-parallel 
AA1 3 4 ? anti-parallel 
# 
loop_
_struct_sheet_range.sheet_id 
_struct_sheet_range.id 
_struct_sheet_range.beg_label_comp_id 
_struct_sheet_range.beg_label_asym_id 
_struct_sheet_range.beg_label_seq_id 
_struct_sheet_range.pdbx_beg_PDB_ins_code 
_struct_sheet_range.end_label_comp_id 
_struct_sheet_range.end_label_asym_id 
_struct_sheet_range.end_label_seq_id 
_struct_sheet_range.pdbx_end_PDB_ins_code 
_struct_sheet_range.beg_auth_comp_id 
_struct_sheet_range.beg_auth_asym_id 
_struct_sheet_range.beg_auth_seq_id 
_struct_sheet_range.end_auth_comp_id 
_struct_sheet_range.end_auth_asym_id 
_struct_sheet_range.end_auth_seq_id 
AA1 1 THR A 60  ? GLY A 66  ? THR A 40  GLY A 46  
AA1 2 HIS A 87  ? VAL A 96  ? HIS A 67  VAL A 76  
AA1 3 ILE A 32  ? ILE A 39  ? ILE A 12  ILE A 19  
AA1 4 LYS A 121 ? VAL A 127 ? LYS A 101 VAL A 107 
# 
loop_
_pdbx_struct_sheet_hbond.sheet_id 
_pdbx_struct_sheet_hbond.range_id_1 
_pdbx_struct_sheet_hbond.range_id_2 
_pdbx_struct_sheet_hbond.range_1_label_atom_id 
_pdbx_struct_sheet_hbond.range_1_label_comp_id 
_pdbx_struct_sheet_hbond.range_1_label_asym_id 
_pdbx_struct_sheet_hbond.range_1_label_seq_id 
_pdbx_struct_sheet_hbond.range_1_PDB_ins_code 
_pdbx_struct_sheet_hbond.range_1_auth_atom_id 
_pdbx_struct_sheet_hbond.range_1_auth_comp_id 
_pdbx_struct_sheet_hbond.range_1_auth_asym_id 
_pdbx_struct_sheet_hbond.range_1_auth_seq_id 
_pdbx_struct_sheet_hbond.range_2_label_atom_id 
_pdbx_struct_sheet_hbond.range_2_label_comp_id 
_pdbx_struct_sheet_hbond.range_2_label_asym_id 
_pdbx_struct_sheet_hbond.range_2_label_seq_id 
_pdbx_struct_sheet_hbond.range_2_PDB_ins_code 
_pdbx_struct_sheet_hbond.range_2_auth_atom_id 
_pdbx_struct_sheet_hbond.range_2_auth_comp_id 
_pdbx_struct_sheet_hbond.range_2_auth_asym_id 
_pdbx_struct_sheet_hbond.range_2_auth_seq_id 
AA1 1 2 N THR A 60 ? N THR A 40 O GLU A 93  ? O GLU A 73  
AA1 2 3 O VAL A 92 ? O VAL A 72 N ALA A 37  ? N ALA A 17  
AA1 3 4 N MET A 36 ? N MET A 16 O PHE A 123 ? O PHE A 103 
# 
loop_
_struct_site.id 
_struct_site.pdbx_evidence_code 
_struct_site.pdbx_auth_asym_id 
_struct_site.pdbx_auth_comp_id 
_struct_site.pdbx_auth_seq_id 
_struct_site.pdbx_auth_ins_code 
_struct_site.pdbx_num_residues 
_struct_site.details 
AC1 Software A AMP 201 ? 17 'binding site for residue AMP A 201' 
AC2 Software A SO4 202 ? 9  'binding site for residue SO4 A 202' 
AC3 Software A SO4 203 ? 3  'binding site for residue SO4 A 203' 
# 
loop_
_struct_site_gen.id 
_struct_site_gen.site_id 
_struct_site_gen.pdbx_num_res 
_struct_site_gen.label_comp_id 
_struct_site_gen.label_asym_id 
_struct_site_gen.label_seq_id 
_struct_site_gen.pdbx_auth_ins_code 
_struct_site_gen.auth_comp_id 
_struct_site_gen.auth_asym_id 
_struct_site_gen.auth_seq_id 
_struct_site_gen.label_atom_id 
_struct_site_gen.label_alt_id 
_struct_site_gen.symmetry 
_struct_site_gen.details 
1  AC1 17 ILE A 38  ? ILE A 18  . ? 1_555 ? 
2  AC1 17 SER A 58  ? SER A 38  . ? 2_765 ? 
3  AC1 17 LEU A 59  ? LEU A 39  . ? 2_765 ? 
4  AC1 17 THR A 60  ? THR A 40  . ? 2_765 ? 
5  AC1 17 GLY A 66  ? GLY A 46  . ? 1_555 ? 
6  AC1 17 ARG A 67  ? ARG A 47  . ? 1_555 ? 
7  AC1 17 GLY A 68  ? GLY A 48  . ? 1_555 ? 
8  AC1 17 GLU A 93  ? GLU A 73  . ? 2_765 ? 
9  AC1 17 VAL A 95  ? VAL A 75  . ? 2_765 ? 
10 AC1 17 GLY A 118 ? GLY A 98  . ? 1_555 ? 
11 AC1 17 ASP A 119 ? ASP A 99  . ? 1_555 ? 
12 AC1 17 GLY A 120 ? GLY A 100 . ? 1_555 ? 
13 AC1 17 LYS A 121 ? LYS A 101 . ? 1_555 ? 
14 AC1 17 VAL A 143 ? VAL A 123 . ? 2_765 ? 
15 AC1 17 HOH E .   ? HOH A 302 . ? 1_555 ? 
16 AC1 17 HOH E .   ? HOH A 335 . ? 1_555 ? 
17 AC1 17 HOH E .   ? HOH A 360 . ? 1_555 ? 
18 AC2 9  ASN A 63  ? ASN A 43  . ? 2_765 ? 
19 AC2 9  ASN A 63  ? ASN A 43  . ? 4_557 ? 
20 AC2 9  ASN A 63  ? ASN A 43  . ? 1_555 ? 
21 AC2 9  ASN A 63  ? ASN A 43  . ? 5_677 ? 
22 AC2 9  ASN A 63  ? ASN A 43  . ? 3_675 ? 
23 AC2 9  ASN A 63  ? ASN A 43  . ? 6_767 ? 
24 AC2 9  HOH E .   ? HOH A 306 . ? 4_557 ? 
25 AC2 9  HOH E .   ? HOH A 306 . ? 3_675 ? 
26 AC2 9  HOH E .   ? HOH A 306 . ? 5_677 ? 
27 AC3 3  VAL A 61  ? VAL A 41  . ? 1_555 ? 
28 AC3 3  GLN A 88  ? GLN A 68  . ? 5_677 ? 
29 AC3 3  VAL A 90  ? VAL A 70  . ? 1_555 ? 
# 
_pdbx_validate_torsion.id              1 
_pdbx_validate_torsion.PDB_model_num   1 
_pdbx_validate_torsion.auth_comp_id    ALA 
_pdbx_validate_torsion.auth_asym_id    A 
_pdbx_validate_torsion.auth_seq_id     77 
_pdbx_validate_torsion.PDB_ins_code    ? 
_pdbx_validate_torsion.label_alt_id    ? 
_pdbx_validate_torsion.phi             -142.89 
_pdbx_validate_torsion.psi             -55.44 
# 
loop_
_pdbx_struct_special_symmetry.id 
_pdbx_struct_special_symmetry.PDB_model_num 
_pdbx_struct_special_symmetry.auth_asym_id 
_pdbx_struct_special_symmetry.auth_comp_id 
_pdbx_struct_special_symmetry.auth_seq_id 
_pdbx_struct_special_symmetry.PDB_ins_code 
_pdbx_struct_special_symmetry.label_asym_id 
_pdbx_struct_special_symmetry.label_comp_id 
_pdbx_struct_special_symmetry.label_seq_id 
1 1 A SO4 202 ? C SO4 . 
2 1 A SO4 202 ? C SO4 . 
3 1 A SO4 203 ? D SO4 . 
4 1 A HOH 328 ? E HOH . 
5 1 A HOH 333 ? E HOH . 
# 
loop_
_pdbx_unobs_or_zero_occ_residues.id 
_pdbx_unobs_or_zero_occ_residues.PDB_model_num 
_pdbx_unobs_or_zero_occ_residues.polymer_flag 
_pdbx_unobs_or_zero_occ_residues.occupancy_flag 
_pdbx_unobs_or_zero_occ_residues.auth_asym_id 
_pdbx_unobs_or_zero_occ_residues.auth_comp_id 
_pdbx_unobs_or_zero_occ_residues.auth_seq_id 
_pdbx_unobs_or_zero_occ_residues.PDB_ins_code 
_pdbx_unobs_or_zero_occ_residues.label_asym_id 
_pdbx_unobs_or_zero_occ_residues.label_comp_id 
_pdbx_unobs_or_zero_occ_residues.label_seq_id 
1  1 Y 1 A MET -19 ? A MET 1  
2  1 Y 1 A GLY -18 ? A GLY 2  
3  1 Y 1 A SER -17 ? A SER 3  
4  1 Y 1 A SER -16 ? A SER 4  
5  1 Y 1 A HIS -15 ? A HIS 5  
6  1 Y 1 A HIS -14 ? A HIS 6  
7  1 Y 1 A HIS -13 ? A HIS 7  
8  1 Y 1 A HIS -12 ? A HIS 8  
9  1 Y 1 A HIS -11 ? A HIS 9  
10 1 Y 1 A HIS -10 ? A HIS 10 
11 1 Y 1 A SER -9  ? A SER 11 
12 1 Y 1 A SER -8  ? A SER 12 
13 1 Y 1 A GLY -7  ? A GLY 13 
14 1 Y 1 A LEU -6  ? A LEU 14 
15 1 Y 1 A VAL -5  ? A VAL 15 
16 1 Y 1 A PRO -4  ? A PRO 16 
17 1 Y 1 A ALA -3  ? A ALA 17 
18 1 Y 1 A GLY -2  ? A GLY 18 
19 1 Y 1 A SER -1  ? A SER 19 
20 1 Y 1 A HIS 0   ? A HIS 20 
21 1 Y 1 A MET 1   ? A MET 21 
22 1 Y 1 A SER 2   ? A SER 22 
23 1 Y 1 A ASP 3   ? A ASP 23 
24 1 Y 1 A ALA 4   ? A ALA 24 
25 1 Y 1 A GLN 50  ? A GLN 70 
26 1 Y 1 A PRO 51  ? A PRO 71 
27 1 Y 1 A ALA 52  ? A ALA 72 
28 1 Y 1 A LYS 53  ? A LYS 73 
29 1 Y 1 A LYS 54  ? A LYS 74 
30 1 Y 1 A SER 55  ? A SER 75 
31 1 Y 1 A GLN 56  ? A GLN 76 
32 1 Y 1 A TRP 57  ? A TRP 77 
33 1 Y 1 A ARG 58  ? A ARG 78 
34 1 Y 1 A GLY 59  ? A GLY 79 
35 1 Y 1 A GLU 60  ? A GLU 80 
36 1 Y 1 A GLU 61  ? A GLU 81 
37 1 Y 1 A TYR 62  ? A TYR 82 
38 1 Y 1 A THR 63  ? A THR 83 
39 1 Y 1 A VAL 64  ? A VAL 84 
# 
loop_
_chem_comp_atom.comp_id 
_chem_comp_atom.atom_id 
_chem_comp_atom.type_symbol 
_chem_comp_atom.pdbx_aromatic_flag 
_chem_comp_atom.pdbx_stereo_config 
_chem_comp_atom.pdbx_ordinal 
ALA N      N N N 1   
ALA CA     C N S 2   
ALA C      C N N 3   
ALA O      O N N 4   
ALA CB     C N N 5   
ALA OXT    O N N 6   
ALA H      H N N 7   
ALA H2     H N N 8   
ALA HA     H N N 9   
ALA HB1    H N N 10  
ALA HB2    H N N 11  
ALA HB3    H N N 12  
ALA HXT    H N N 13  
AMP P      P N N 14  
AMP O1P    O N N 15  
AMP O2P    O N N 16  
AMP O3P    O N N 17  
AMP "O5'"  O N N 18  
AMP "C5'"  C N N 19  
AMP "C4'"  C N R 20  
AMP "O4'"  O N N 21  
AMP "C3'"  C N S 22  
AMP "O3'"  O N N 23  
AMP "C2'"  C N R 24  
AMP "O2'"  O N N 25  
AMP "C1'"  C N R 26  
AMP N9     N Y N 27  
AMP C8     C Y N 28  
AMP N7     N Y N 29  
AMP C5     C Y N 30  
AMP C6     C Y N 31  
AMP N6     N N N 32  
AMP N1     N Y N 33  
AMP C2     C Y N 34  
AMP N3     N Y N 35  
AMP C4     C Y N 36  
AMP HOP2   H N N 37  
AMP HOP3   H N N 38  
AMP "H5'1" H N N 39  
AMP "H5'2" H N N 40  
AMP "H4'"  H N N 41  
AMP "H3'"  H N N 42  
AMP "HO3'" H N N 43  
AMP "H2'"  H N N 44  
AMP "HO2'" H N N 45  
AMP "H1'"  H N N 46  
AMP H8     H N N 47  
AMP HN61   H N N 48  
AMP HN62   H N N 49  
AMP H2     H N N 50  
ARG N      N N N 51  
ARG CA     C N S 52  
ARG C      C N N 53  
ARG O      O N N 54  
ARG CB     C N N 55  
ARG CG     C N N 56  
ARG CD     C N N 57  
ARG NE     N N N 58  
ARG CZ     C N N 59  
ARG NH1    N N N 60  
ARG NH2    N N N 61  
ARG OXT    O N N 62  
ARG H      H N N 63  
ARG H2     H N N 64  
ARG HA     H N N 65  
ARG HB2    H N N 66  
ARG HB3    H N N 67  
ARG HG2    H N N 68  
ARG HG3    H N N 69  
ARG HD2    H N N 70  
ARG HD3    H N N 71  
ARG HE     H N N 72  
ARG HH11   H N N 73  
ARG HH12   H N N 74  
ARG HH21   H N N 75  
ARG HH22   H N N 76  
ARG HXT    H N N 77  
ASN N      N N N 78  
ASN CA     C N S 79  
ASN C      C N N 80  
ASN O      O N N 81  
ASN CB     C N N 82  
ASN CG     C N N 83  
ASN OD1    O N N 84  
ASN ND2    N N N 85  
ASN OXT    O N N 86  
ASN H      H N N 87  
ASN H2     H N N 88  
ASN HA     H N N 89  
ASN HB2    H N N 90  
ASN HB3    H N N 91  
ASN HD21   H N N 92  
ASN HD22   H N N 93  
ASN HXT    H N N 94  
ASP N      N N N 95  
ASP CA     C N S 96  
ASP C      C N N 97  
ASP O      O N N 98  
ASP CB     C N N 99  
ASP CG     C N N 100 
ASP OD1    O N N 101 
ASP OD2    O N N 102 
ASP OXT    O N N 103 
ASP H      H N N 104 
ASP H2     H N N 105 
ASP HA     H N N 106 
ASP HB2    H N N 107 
ASP HB3    H N N 108 
ASP HD2    H N N 109 
ASP HXT    H N N 110 
CYS N      N N N 111 
CYS CA     C N R 112 
CYS C      C N N 113 
CYS O      O N N 114 
CYS CB     C N N 115 
CYS SG     S N N 116 
CYS OXT    O N N 117 
CYS H      H N N 118 
CYS H2     H N N 119 
CYS HA     H N N 120 
CYS HB2    H N N 121 
CYS HB3    H N N 122 
CYS HG     H N N 123 
CYS HXT    H N N 124 
GLN N      N N N 125 
GLN CA     C N S 126 
GLN C      C N N 127 
GLN O      O N N 128 
GLN CB     C N N 129 
GLN CG     C N N 130 
GLN CD     C N N 131 
GLN OE1    O N N 132 
GLN NE2    N N N 133 
GLN OXT    O N N 134 
GLN H      H N N 135 
GLN H2     H N N 136 
GLN HA     H N N 137 
GLN HB2    H N N 138 
GLN HB3    H N N 139 
GLN HG2    H N N 140 
GLN HG3    H N N 141 
GLN HE21   H N N 142 
GLN HE22   H N N 143 
GLN HXT    H N N 144 
GLU N      N N N 145 
GLU CA     C N S 146 
GLU C      C N N 147 
GLU O      O N N 148 
GLU CB     C N N 149 
GLU CG     C N N 150 
GLU CD     C N N 151 
GLU OE1    O N N 152 
GLU OE2    O N N 153 
GLU OXT    O N N 154 
GLU H      H N N 155 
GLU H2     H N N 156 
GLU HA     H N N 157 
GLU HB2    H N N 158 
GLU HB3    H N N 159 
GLU HG2    H N N 160 
GLU HG3    H N N 161 
GLU HE2    H N N 162 
GLU HXT    H N N 163 
GLY N      N N N 164 
GLY CA     C N N 165 
GLY C      C N N 166 
GLY O      O N N 167 
GLY OXT    O N N 168 
GLY H      H N N 169 
GLY H2     H N N 170 
GLY HA2    H N N 171 
GLY HA3    H N N 172 
GLY HXT    H N N 173 
HIS N      N N N 174 
HIS CA     C N S 175 
HIS C      C N N 176 
HIS O      O N N 177 
HIS CB     C N N 178 
HIS CG     C Y N 179 
HIS ND1    N Y N 180 
HIS CD2    C Y N 181 
HIS CE1    C Y N 182 
HIS NE2    N Y N 183 
HIS OXT    O N N 184 
HIS H      H N N 185 
HIS H2     H N N 186 
HIS HA     H N N 187 
HIS HB2    H N N 188 
HIS HB3    H N N 189 
HIS HD1    H N N 190 
HIS HD2    H N N 191 
HIS HE1    H N N 192 
HIS HE2    H N N 193 
HIS HXT    H N N 194 
HOH O      O N N 195 
HOH H1     H N N 196 
HOH H2     H N N 197 
ILE N      N N N 198 
ILE CA     C N S 199 
ILE C      C N N 200 
ILE O      O N N 201 
ILE CB     C N S 202 
ILE CG1    C N N 203 
ILE CG2    C N N 204 
ILE CD1    C N N 205 
ILE OXT    O N N 206 
ILE H      H N N 207 
ILE H2     H N N 208 
ILE HA     H N N 209 
ILE HB     H N N 210 
ILE HG12   H N N 211 
ILE HG13   H N N 212 
ILE HG21   H N N 213 
ILE HG22   H N N 214 
ILE HG23   H N N 215 
ILE HD11   H N N 216 
ILE HD12   H N N 217 
ILE HD13   H N N 218 
ILE HXT    H N N 219 
LEU N      N N N 220 
LEU CA     C N S 221 
LEU C      C N N 222 
LEU O      O N N 223 
LEU CB     C N N 224 
LEU CG     C N N 225 
LEU CD1    C N N 226 
LEU CD2    C N N 227 
LEU OXT    O N N 228 
LEU H      H N N 229 
LEU H2     H N N 230 
LEU HA     H N N 231 
LEU HB2    H N N 232 
LEU HB3    H N N 233 
LEU HG     H N N 234 
LEU HD11   H N N 235 
LEU HD12   H N N 236 
LEU HD13   H N N 237 
LEU HD21   H N N 238 
LEU HD22   H N N 239 
LEU HD23   H N N 240 
LEU HXT    H N N 241 
LYS N      N N N 242 
LYS CA     C N S 243 
LYS C      C N N 244 
LYS O      O N N 245 
LYS CB     C N N 246 
LYS CG     C N N 247 
LYS CD     C N N 248 
LYS CE     C N N 249 
LYS NZ     N N N 250 
LYS OXT    O N N 251 
LYS H      H N N 252 
LYS H2     H N N 253 
LYS HA     H N N 254 
LYS HB2    H N N 255 
LYS HB3    H N N 256 
LYS HG2    H N N 257 
LYS HG3    H N N 258 
LYS HD2    H N N 259 
LYS HD3    H N N 260 
LYS HE2    H N N 261 
LYS HE3    H N N 262 
LYS HZ1    H N N 263 
LYS HZ2    H N N 264 
LYS HZ3    H N N 265 
LYS HXT    H N N 266 
MET N      N N N 267 
MET CA     C N S 268 
MET C      C N N 269 
MET O      O N N 270 
MET CB     C N N 271 
MET CG     C N N 272 
MET SD     S N N 273 
MET CE     C N N 274 
MET OXT    O N N 275 
MET H      H N N 276 
MET H2     H N N 277 
MET HA     H N N 278 
MET HB2    H N N 279 
MET HB3    H N N 280 
MET HG2    H N N 281 
MET HG3    H N N 282 
MET HE1    H N N 283 
MET HE2    H N N 284 
MET HE3    H N N 285 
MET HXT    H N N 286 
PHE N      N N N 287 
PHE CA     C N S 288 
PHE C      C N N 289 
PHE O      O N N 290 
PHE CB     C N N 291 
PHE CG     C Y N 292 
PHE CD1    C Y N 293 
PHE CD2    C Y N 294 
PHE CE1    C Y N 295 
PHE CE2    C Y N 296 
PHE CZ     C Y N 297 
PHE OXT    O N N 298 
PHE H      H N N 299 
PHE H2     H N N 300 
PHE HA     H N N 301 
PHE HB2    H N N 302 
PHE HB3    H N N 303 
PHE HD1    H N N 304 
PHE HD2    H N N 305 
PHE HE1    H N N 306 
PHE HE2    H N N 307 
PHE HZ     H N N 308 
PHE HXT    H N N 309 
PRO N      N N N 310 
PRO CA     C N S 311 
PRO C      C N N 312 
PRO O      O N N 313 
PRO CB     C N N 314 
PRO CG     C N N 315 
PRO CD     C N N 316 
PRO OXT    O N N 317 
PRO H      H N N 318 
PRO HA     H N N 319 
PRO HB2    H N N 320 
PRO HB3    H N N 321 
PRO HG2    H N N 322 
PRO HG3    H N N 323 
PRO HD2    H N N 324 
PRO HD3    H N N 325 
PRO HXT    H N N 326 
SER N      N N N 327 
SER CA     C N S 328 
SER C      C N N 329 
SER O      O N N 330 
SER CB     C N N 331 
SER OG     O N N 332 
SER OXT    O N N 333 
SER H      H N N 334 
SER H2     H N N 335 
SER HA     H N N 336 
SER HB2    H N N 337 
SER HB3    H N N 338 
SER HG     H N N 339 
SER HXT    H N N 340 
SO4 S      S N N 341 
SO4 O1     O N N 342 
SO4 O2     O N N 343 
SO4 O3     O N N 344 
SO4 O4     O N N 345 
THR N      N N N 346 
THR CA     C N S 347 
THR C      C N N 348 
THR O      O N N 349 
THR CB     C N R 350 
THR OG1    O N N 351 
THR CG2    C N N 352 
THR OXT    O N N 353 
THR H      H N N 354 
THR H2     H N N 355 
THR HA     H N N 356 
THR HB     H N N 357 
THR HG1    H N N 358 
THR HG21   H N N 359 
THR HG22   H N N 360 
THR HG23   H N N 361 
THR HXT    H N N 362 
TRP N      N N N 363 
TRP CA     C N S 364 
TRP C      C N N 365 
TRP O      O N N 366 
TRP CB     C N N 367 
TRP CG     C Y N 368 
TRP CD1    C Y N 369 
TRP CD2    C Y N 370 
TRP NE1    N Y N 371 
TRP CE2    C Y N 372 
TRP CE3    C Y N 373 
TRP CZ2    C Y N 374 
TRP CZ3    C Y N 375 
TRP CH2    C Y N 376 
TRP OXT    O N N 377 
TRP H      H N N 378 
TRP H2     H N N 379 
TRP HA     H N N 380 
TRP HB2    H N N 381 
TRP HB3    H N N 382 
TRP HD1    H N N 383 
TRP HE1    H N N 384 
TRP HE3    H N N 385 
TRP HZ2    H N N 386 
TRP HZ3    H N N 387 
TRP HH2    H N N 388 
TRP HXT    H N N 389 
TYR N      N N N 390 
TYR CA     C N S 391 
TYR C      C N N 392 
TYR O      O N N 393 
TYR CB     C N N 394 
TYR CG     C Y N 395 
TYR CD1    C Y N 396 
TYR CD2    C Y N 397 
TYR CE1    C Y N 398 
TYR CE2    C Y N 399 
TYR CZ     C Y N 400 
TYR OH     O N N 401 
TYR OXT    O N N 402 
TYR H      H N N 403 
TYR H2     H N N 404 
TYR HA     H N N 405 
TYR HB2    H N N 406 
TYR HB3    H N N 407 
TYR HD1    H N N 408 
TYR HD2    H N N 409 
TYR HE1    H N N 410 
TYR HE2    H N N 411 
TYR HH     H N N 412 
TYR HXT    H N N 413 
VAL N      N N N 414 
VAL CA     C N S 415 
VAL C      C N N 416 
VAL O      O N N 417 
VAL CB     C N N 418 
VAL CG1    C N N 419 
VAL CG2    C N N 420 
VAL OXT    O N N 421 
VAL H      H N N 422 
VAL H2     H N N 423 
VAL HA     H N N 424 
VAL HB     H N N 425 
VAL HG11   H N N 426 
VAL HG12   H N N 427 
VAL HG13   H N N 428 
VAL HG21   H N N 429 
VAL HG22   H N N 430 
VAL HG23   H N N 431 
VAL HXT    H N N 432 
# 
loop_
_chem_comp_bond.comp_id 
_chem_comp_bond.atom_id_1 
_chem_comp_bond.atom_id_2 
_chem_comp_bond.value_order 
_chem_comp_bond.pdbx_aromatic_flag 
_chem_comp_bond.pdbx_stereo_config 
_chem_comp_bond.pdbx_ordinal 
ALA N     CA     sing N N 1   
ALA N     H      sing N N 2   
ALA N     H2     sing N N 3   
ALA CA    C      sing N N 4   
ALA CA    CB     sing N N 5   
ALA CA    HA     sing N N 6   
ALA C     O      doub N N 7   
ALA C     OXT    sing N N 8   
ALA CB    HB1    sing N N 9   
ALA CB    HB2    sing N N 10  
ALA CB    HB3    sing N N 11  
ALA OXT   HXT    sing N N 12  
AMP P     O1P    doub N N 13  
AMP P     O2P    sing N N 14  
AMP P     O3P    sing N N 15  
AMP P     "O5'"  sing N N 16  
AMP O2P   HOP2   sing N N 17  
AMP O3P   HOP3   sing N N 18  
AMP "O5'" "C5'"  sing N N 19  
AMP "C5'" "C4'"  sing N N 20  
AMP "C5'" "H5'1" sing N N 21  
AMP "C5'" "H5'2" sing N N 22  
AMP "C4'" "O4'"  sing N N 23  
AMP "C4'" "C3'"  sing N N 24  
AMP "C4'" "H4'"  sing N N 25  
AMP "O4'" "C1'"  sing N N 26  
AMP "C3'" "O3'"  sing N N 27  
AMP "C3'" "C2'"  sing N N 28  
AMP "C3'" "H3'"  sing N N 29  
AMP "O3'" "HO3'" sing N N 30  
AMP "C2'" "O2'"  sing N N 31  
AMP "C2'" "C1'"  sing N N 32  
AMP "C2'" "H2'"  sing N N 33  
AMP "O2'" "HO2'" sing N N 34  
AMP "C1'" N9     sing N N 35  
AMP "C1'" "H1'"  sing N N 36  
AMP N9    C8     sing Y N 37  
AMP N9    C4     sing Y N 38  
AMP C8    N7     doub Y N 39  
AMP C8    H8     sing N N 40  
AMP N7    C5     sing Y N 41  
AMP C5    C6     sing Y N 42  
AMP C5    C4     doub Y N 43  
AMP C6    N6     sing N N 44  
AMP C6    N1     doub Y N 45  
AMP N6    HN61   sing N N 46  
AMP N6    HN62   sing N N 47  
AMP N1    C2     sing Y N 48  
AMP C2    N3     doub Y N 49  
AMP C2    H2     sing N N 50  
AMP N3    C4     sing Y N 51  
ARG N     CA     sing N N 52  
ARG N     H      sing N N 53  
ARG N     H2     sing N N 54  
ARG CA    C      sing N N 55  
ARG CA    CB     sing N N 56  
ARG CA    HA     sing N N 57  
ARG C     O      doub N N 58  
ARG C     OXT    sing N N 59  
ARG CB    CG     sing N N 60  
ARG CB    HB2    sing N N 61  
ARG CB    HB3    sing N N 62  
ARG CG    CD     sing N N 63  
ARG CG    HG2    sing N N 64  
ARG CG    HG3    sing N N 65  
ARG CD    NE     sing N N 66  
ARG CD    HD2    sing N N 67  
ARG CD    HD3    sing N N 68  
ARG NE    CZ     sing N N 69  
ARG NE    HE     sing N N 70  
ARG CZ    NH1    sing N N 71  
ARG CZ    NH2    doub N N 72  
ARG NH1   HH11   sing N N 73  
ARG NH1   HH12   sing N N 74  
ARG NH2   HH21   sing N N 75  
ARG NH2   HH22   sing N N 76  
ARG OXT   HXT    sing N N 77  
ASN N     CA     sing N N 78  
ASN N     H      sing N N 79  
ASN N     H2     sing N N 80  
ASN CA    C      sing N N 81  
ASN CA    CB     sing N N 82  
ASN CA    HA     sing N N 83  
ASN C     O      doub N N 84  
ASN C     OXT    sing N N 85  
ASN CB    CG     sing N N 86  
ASN CB    HB2    sing N N 87  
ASN CB    HB3    sing N N 88  
ASN CG    OD1    doub N N 89  
ASN CG    ND2    sing N N 90  
ASN ND2   HD21   sing N N 91  
ASN ND2   HD22   sing N N 92  
ASN OXT   HXT    sing N N 93  
ASP N     CA     sing N N 94  
ASP N     H      sing N N 95  
ASP N     H2     sing N N 96  
ASP CA    C      sing N N 97  
ASP CA    CB     sing N N 98  
ASP CA    HA     sing N N 99  
ASP C     O      doub N N 100 
ASP C     OXT    sing N N 101 
ASP CB    CG     sing N N 102 
ASP CB    HB2    sing N N 103 
ASP CB    HB3    sing N N 104 
ASP CG    OD1    doub N N 105 
ASP CG    OD2    sing N N 106 
ASP OD2   HD2    sing N N 107 
ASP OXT   HXT    sing N N 108 
CYS N     CA     sing N N 109 
CYS N     H      sing N N 110 
CYS N     H2     sing N N 111 
CYS CA    C      sing N N 112 
CYS CA    CB     sing N N 113 
CYS CA    HA     sing N N 114 
CYS C     O      doub N N 115 
CYS C     OXT    sing N N 116 
CYS CB    SG     sing N N 117 
CYS CB    HB2    sing N N 118 
CYS CB    HB3    sing N N 119 
CYS SG    HG     sing N N 120 
CYS OXT   HXT    sing N N 121 
GLN N     CA     sing N N 122 
GLN N     H      sing N N 123 
GLN N     H2     sing N N 124 
GLN CA    C      sing N N 125 
GLN CA    CB     sing N N 126 
GLN CA    HA     sing N N 127 
GLN C     O      doub N N 128 
GLN C     OXT    sing N N 129 
GLN CB    CG     sing N N 130 
GLN CB    HB2    sing N N 131 
GLN CB    HB3    sing N N 132 
GLN CG    CD     sing N N 133 
GLN CG    HG2    sing N N 134 
GLN CG    HG3    sing N N 135 
GLN CD    OE1    doub N N 136 
GLN CD    NE2    sing N N 137 
GLN NE2   HE21   sing N N 138 
GLN NE2   HE22   sing N N 139 
GLN OXT   HXT    sing N N 140 
GLU N     CA     sing N N 141 
GLU N     H      sing N N 142 
GLU N     H2     sing N N 143 
GLU CA    C      sing N N 144 
GLU CA    CB     sing N N 145 
GLU CA    HA     sing N N 146 
GLU C     O      doub N N 147 
GLU C     OXT    sing N N 148 
GLU CB    CG     sing N N 149 
GLU CB    HB2    sing N N 150 
GLU CB    HB3    sing N N 151 
GLU CG    CD     sing N N 152 
GLU CG    HG2    sing N N 153 
GLU CG    HG3    sing N N 154 
GLU CD    OE1    doub N N 155 
GLU CD    OE2    sing N N 156 
GLU OE2   HE2    sing N N 157 
GLU OXT   HXT    sing N N 158 
GLY N     CA     sing N N 159 
GLY N     H      sing N N 160 
GLY N     H2     sing N N 161 
GLY CA    C      sing N N 162 
GLY CA    HA2    sing N N 163 
GLY CA    HA3    sing N N 164 
GLY C     O      doub N N 165 
GLY C     OXT    sing N N 166 
GLY OXT   HXT    sing N N 167 
HIS N     CA     sing N N 168 
HIS N     H      sing N N 169 
HIS N     H2     sing N N 170 
HIS CA    C      sing N N 171 
HIS CA    CB     sing N N 172 
HIS CA    HA     sing N N 173 
HIS C     O      doub N N 174 
HIS C     OXT    sing N N 175 
HIS CB    CG     sing N N 176 
HIS CB    HB2    sing N N 177 
HIS CB    HB3    sing N N 178 
HIS CG    ND1    sing Y N 179 
HIS CG    CD2    doub Y N 180 
HIS ND1   CE1    doub Y N 181 
HIS ND1   HD1    sing N N 182 
HIS CD2   NE2    sing Y N 183 
HIS CD2   HD2    sing N N 184 
HIS CE1   NE2    sing Y N 185 
HIS CE1   HE1    sing N N 186 
HIS NE2   HE2    sing N N 187 
HIS OXT   HXT    sing N N 188 
HOH O     H1     sing N N 189 
HOH O     H2     sing N N 190 
ILE N     CA     sing N N 191 
ILE N     H      sing N N 192 
ILE N     H2     sing N N 193 
ILE CA    C      sing N N 194 
ILE CA    CB     sing N N 195 
ILE CA    HA     sing N N 196 
ILE C     O      doub N N 197 
ILE C     OXT    sing N N 198 
ILE CB    CG1    sing N N 199 
ILE CB    CG2    sing N N 200 
ILE CB    HB     sing N N 201 
ILE CG1   CD1    sing N N 202 
ILE CG1   HG12   sing N N 203 
ILE CG1   HG13   sing N N 204 
ILE CG2   HG21   sing N N 205 
ILE CG2   HG22   sing N N 206 
ILE CG2   HG23   sing N N 207 
ILE CD1   HD11   sing N N 208 
ILE CD1   HD12   sing N N 209 
ILE CD1   HD13   sing N N 210 
ILE OXT   HXT    sing N N 211 
LEU N     CA     sing N N 212 
LEU N     H      sing N N 213 
LEU N     H2     sing N N 214 
LEU CA    C      sing N N 215 
LEU CA    CB     sing N N 216 
LEU CA    HA     sing N N 217 
LEU C     O      doub N N 218 
LEU C     OXT    sing N N 219 
LEU CB    CG     sing N N 220 
LEU CB    HB2    sing N N 221 
LEU CB    HB3    sing N N 222 
LEU CG    CD1    sing N N 223 
LEU CG    CD2    sing N N 224 
LEU CG    HG     sing N N 225 
LEU CD1   HD11   sing N N 226 
LEU CD1   HD12   sing N N 227 
LEU CD1   HD13   sing N N 228 
LEU CD2   HD21   sing N N 229 
LEU CD2   HD22   sing N N 230 
LEU CD2   HD23   sing N N 231 
LEU OXT   HXT    sing N N 232 
LYS N     CA     sing N N 233 
LYS N     H      sing N N 234 
LYS N     H2     sing N N 235 
LYS CA    C      sing N N 236 
LYS CA    CB     sing N N 237 
LYS CA    HA     sing N N 238 
LYS C     O      doub N N 239 
LYS C     OXT    sing N N 240 
LYS CB    CG     sing N N 241 
LYS CB    HB2    sing N N 242 
LYS CB    HB3    sing N N 243 
LYS CG    CD     sing N N 244 
LYS CG    HG2    sing N N 245 
LYS CG    HG3    sing N N 246 
LYS CD    CE     sing N N 247 
LYS CD    HD2    sing N N 248 
LYS CD    HD3    sing N N 249 
LYS CE    NZ     sing N N 250 
LYS CE    HE2    sing N N 251 
LYS CE    HE3    sing N N 252 
LYS NZ    HZ1    sing N N 253 
LYS NZ    HZ2    sing N N 254 
LYS NZ    HZ3    sing N N 255 
LYS OXT   HXT    sing N N 256 
MET N     CA     sing N N 257 
MET N     H      sing N N 258 
MET N     H2     sing N N 259 
MET CA    C      sing N N 260 
MET CA    CB     sing N N 261 
MET CA    HA     sing N N 262 
MET C     O      doub N N 263 
MET C     OXT    sing N N 264 
MET CB    CG     sing N N 265 
MET CB    HB2    sing N N 266 
MET CB    HB3    sing N N 267 
MET CG    SD     sing N N 268 
MET CG    HG2    sing N N 269 
MET CG    HG3    sing N N 270 
MET SD    CE     sing N N 271 
MET CE    HE1    sing N N 272 
MET CE    HE2    sing N N 273 
MET CE    HE3    sing N N 274 
MET OXT   HXT    sing N N 275 
PHE N     CA     sing N N 276 
PHE N     H      sing N N 277 
PHE N     H2     sing N N 278 
PHE CA    C      sing N N 279 
PHE CA    CB     sing N N 280 
PHE CA    HA     sing N N 281 
PHE C     O      doub N N 282 
PHE C     OXT    sing N N 283 
PHE CB    CG     sing N N 284 
PHE CB    HB2    sing N N 285 
PHE CB    HB3    sing N N 286 
PHE CG    CD1    doub Y N 287 
PHE CG    CD2    sing Y N 288 
PHE CD1   CE1    sing Y N 289 
PHE CD1   HD1    sing N N 290 
PHE CD2   CE2    doub Y N 291 
PHE CD2   HD2    sing N N 292 
PHE CE1   CZ     doub Y N 293 
PHE CE1   HE1    sing N N 294 
PHE CE2   CZ     sing Y N 295 
PHE CE2   HE2    sing N N 296 
PHE CZ    HZ     sing N N 297 
PHE OXT   HXT    sing N N 298 
PRO N     CA     sing N N 299 
PRO N     CD     sing N N 300 
PRO N     H      sing N N 301 
PRO CA    C      sing N N 302 
PRO CA    CB     sing N N 303 
PRO CA    HA     sing N N 304 
PRO C     O      doub N N 305 
PRO C     OXT    sing N N 306 
PRO CB    CG     sing N N 307 
PRO CB    HB2    sing N N 308 
PRO CB    HB3    sing N N 309 
PRO CG    CD     sing N N 310 
PRO CG    HG2    sing N N 311 
PRO CG    HG3    sing N N 312 
PRO CD    HD2    sing N N 313 
PRO CD    HD3    sing N N 314 
PRO OXT   HXT    sing N N 315 
SER N     CA     sing N N 316 
SER N     H      sing N N 317 
SER N     H2     sing N N 318 
SER CA    C      sing N N 319 
SER CA    CB     sing N N 320 
SER CA    HA     sing N N 321 
SER C     O      doub N N 322 
SER C     OXT    sing N N 323 
SER CB    OG     sing N N 324 
SER CB    HB2    sing N N 325 
SER CB    HB3    sing N N 326 
SER OG    HG     sing N N 327 
SER OXT   HXT    sing N N 328 
SO4 S     O1     doub N N 329 
SO4 S     O2     doub N N 330 
SO4 S     O3     sing N N 331 
SO4 S     O4     sing N N 332 
THR N     CA     sing N N 333 
THR N     H      sing N N 334 
THR N     H2     sing N N 335 
THR CA    C      sing N N 336 
THR CA    CB     sing N N 337 
THR CA    HA     sing N N 338 
THR C     O      doub N N 339 
THR C     OXT    sing N N 340 
THR CB    OG1    sing N N 341 
THR CB    CG2    sing N N 342 
THR CB    HB     sing N N 343 
THR OG1   HG1    sing N N 344 
THR CG2   HG21   sing N N 345 
THR CG2   HG22   sing N N 346 
THR CG2   HG23   sing N N 347 
THR OXT   HXT    sing N N 348 
TRP N     CA     sing N N 349 
TRP N     H      sing N N 350 
TRP N     H2     sing N N 351 
TRP CA    C      sing N N 352 
TRP CA    CB     sing N N 353 
TRP CA    HA     sing N N 354 
TRP C     O      doub N N 355 
TRP C     OXT    sing N N 356 
TRP CB    CG     sing N N 357 
TRP CB    HB2    sing N N 358 
TRP CB    HB3    sing N N 359 
TRP CG    CD1    doub Y N 360 
TRP CG    CD2    sing Y N 361 
TRP CD1   NE1    sing Y N 362 
TRP CD1   HD1    sing N N 363 
TRP CD2   CE2    doub Y N 364 
TRP CD2   CE3    sing Y N 365 
TRP NE1   CE2    sing Y N 366 
TRP NE1   HE1    sing N N 367 
TRP CE2   CZ2    sing Y N 368 
TRP CE3   CZ3    doub Y N 369 
TRP CE3   HE3    sing N N 370 
TRP CZ2   CH2    doub Y N 371 
TRP CZ2   HZ2    sing N N 372 
TRP CZ3   CH2    sing Y N 373 
TRP CZ3   HZ3    sing N N 374 
TRP CH2   HH2    sing N N 375 
TRP OXT   HXT    sing N N 376 
TYR N     CA     sing N N 377 
TYR N     H      sing N N 378 
TYR N     H2     sing N N 379 
TYR CA    C      sing N N 380 
TYR CA    CB     sing N N 381 
TYR CA    HA     sing N N 382 
TYR C     O      doub N N 383 
TYR C     OXT    sing N N 384 
TYR CB    CG     sing N N 385 
TYR CB    HB2    sing N N 386 
TYR CB    HB3    sing N N 387 
TYR CG    CD1    doub Y N 388 
TYR CG    CD2    sing Y N 389 
TYR CD1   CE1    sing Y N 390 
TYR CD1   HD1    sing N N 391 
TYR CD2   CE2    doub Y N 392 
TYR CD2   HD2    sing N N 393 
TYR CE1   CZ     doub Y N 394 
TYR CE1   HE1    sing N N 395 
TYR CE2   CZ     sing Y N 396 
TYR CE2   HE2    sing N N 397 
TYR CZ    OH     sing N N 398 
TYR OH    HH     sing N N 399 
TYR OXT   HXT    sing N N 400 
VAL N     CA     sing N N 401 
VAL N     H      sing N N 402 
VAL N     H2     sing N N 403 
VAL CA    C      sing N N 404 
VAL CA    CB     sing N N 405 
VAL CA    HA     sing N N 406 
VAL C     O      doub N N 407 
VAL C     OXT    sing N N 408 
VAL CB    CG1    sing N N 409 
VAL CB    CG2    sing N N 410 
VAL CB    HB     sing N N 411 
VAL CG1   HG11   sing N N 412 
VAL CG1   HG12   sing N N 413 
VAL CG1   HG13   sing N N 414 
VAL CG2   HG21   sing N N 415 
VAL CG2   HG22   sing N N 416 
VAL CG2   HG23   sing N N 417 
VAL OXT   HXT    sing N N 418 
# 
loop_
_pdbx_audit_support.funding_organization 
_pdbx_audit_support.country 
_pdbx_audit_support.grant_number 
_pdbx_audit_support.ordinal 
'Spanish government'   Spain BFU2011_30407      1 
'Spanish government'   Spain BIO2008_00082      2 
'Valencian government' Spain 'Prometeo 2009/51' 3 
# 
_atom_sites.entry_id                    4OZL 
_atom_sites.fract_transf_matrix[1][1]   -0.00526458 
_atom_sites.fract_transf_matrix[1][2]   0.00336328 
_atom_sites.fract_transf_matrix[1][3]   0.01135678 
_atom_sites.fract_transf_matrix[2][1]   -0.01275204 
_atom_sites.fract_transf_matrix[2][2]   -0.00134935 
_atom_sites.fract_transf_matrix[2][3]   0.00188471 
_atom_sites.fract_transf_matrix[3][1]   0.00156316 
_atom_sites.fract_transf_matrix[3][2]   -0.00973405 
_atom_sites.fract_transf_matrix[3][3]   0.00360733 
_atom_sites.fract_transf_vector[1]      1.105164 
_atom_sites.fract_transf_vector[2]      0.969182 
_atom_sites.fract_transf_vector[3]      1.157831 
# 
loop_
_atom_type.symbol 
C 
N 
O 
P 
S 
# 
loop_
_atom_site.group_PDB 
_atom_site.id 
_atom_site.type_symbol 
_atom_site.label_atom_id 
_atom_site.label_alt_id 
_atom_site.label_comp_id 
_atom_site.label_asym_id 
_atom_site.label_entity_id 
_atom_site.label_seq_id 
_atom_site.pdbx_PDB_ins_code 
_atom_site.Cartn_x 
_atom_site.Cartn_y 
_atom_site.Cartn_z 
_atom_site.occupancy 
_atom_site.B_iso_or_equiv 
_atom_site.pdbx_formal_charge 
_atom_site.auth_seq_id 
_atom_site.auth_comp_id 
_atom_site.auth_asym_id 
_atom_site.auth_atom_id 
_atom_site.pdbx_PDB_model_num 
ATOM   1   N N     . ASP A 1 25  ? 10.309  -17.736 9.746   1.00 74.31 ? 5   ASP A N     1 
ATOM   2   C CA    . ASP A 1 25  ? 11.454  -17.011 10.285  1.00 73.44 ? 5   ASP A CA    1 
ATOM   3   C C     . ASP A 1 25  ? 11.475  -15.558 9.810   1.00 70.75 ? 5   ASP A C     1 
ATOM   4   O O     . ASP A 1 25  ? 11.417  -14.630 10.619  1.00 71.57 ? 5   ASP A O     1 
ATOM   5   C CB    . ASP A 1 25  ? 12.751  -17.716 9.912   1.00 74.33 ? 5   ASP A CB    1 
ATOM   6   N N     . LEU A 1 26  ? 11.558  -15.368 8.497   1.00 66.07 ? 6   LEU A N     1 
ATOM   7   C CA    . LEU A 1 26  ? 11.590  -14.030 7.908   1.00 60.56 ? 6   LEU A CA    1 
ATOM   8   C C     . LEU A 1 26  ? 10.205  -13.386 7.857   1.00 52.64 ? 6   LEU A C     1 
ATOM   9   O O     . LEU A 1 26  ? 9.188   -14.079 7.931   1.00 50.46 ? 6   LEU A O     1 
ATOM   10  C CB    . LEU A 1 26  ? 12.190  -14.082 6.497   1.00 62.36 ? 6   LEU A CB    1 
ATOM   11  C CG    . LEU A 1 26  ? 13.715  -14.148 6.367   1.00 64.25 ? 6   LEU A CG    1 
ATOM   12  C CD1   . LEU A 1 26  ? 14.121  -14.527 4.949   1.00 64.24 ? 6   LEU A CD1   1 
ATOM   13  C CD2   . LEU A 1 26  ? 14.348  -12.823 6.774   1.00 65.10 ? 6   LEU A CD2   1 
ATOM   14  N N     . PRO A 1 27  ? 10.162  -12.050 7.738   1.00 46.78 ? 7   PRO A N     1 
ATOM   15  C CA    . PRO A 1 27  ? 8.889   -11.351 7.538   1.00 43.15 ? 7   PRO A CA    1 
ATOM   16  C C     . PRO A 1 27  ? 8.209   -11.862 6.277   1.00 39.76 ? 7   PRO A C     1 
ATOM   17  O O     . PRO A 1 27  ? 8.901   -12.219 5.323   1.00 38.61 ? 7   PRO A O     1 
ATOM   18  C CB    . PRO A 1 27  ? 9.316   -9.894  7.341   1.00 43.70 ? 7   PRO A CB    1 
ATOM   19  C CG    . PRO A 1 27  ? 10.648  -9.788  7.990   1.00 45.57 ? 7   PRO A CG    1 
ATOM   20  C CD    . PRO A 1 27  ? 11.304  -11.121 7.798   1.00 46.21 ? 7   PRO A CD    1 
ATOM   21  N N     . ASN A 1 28  ? 6.879   -11.897 6.275   1.00 36.72 ? 8   ASN A N     1 
ATOM   22  C CA    . ASN A 1 28  ? 6.118   -12.338 5.110   1.00 35.14 ? 8   ASN A CA    1 
ATOM   23  C C     . ASN A 1 28  ? 6.478   -13.749 4.666   1.00 38.63 ? 8   ASN A C     1 
ATOM   24  O O     . ASN A 1 28  ? 6.432   -14.067 3.480   1.00 38.00 ? 8   ASN A O     1 
ATOM   25  C CB    . ASN A 1 28  ? 6.309   -11.351 3.959   1.00 31.65 ? 8   ASN A CB    1 
ATOM   26  C CG    . ASN A 1 28  ? 5.888   -9.948  4.333   1.00 29.15 ? 8   ASN A CG    1 
ATOM   27  O OD1   . ASN A 1 28  ? 4.746   -9.722  4.725   1.00 29.19 ? 8   ASN A OD1   1 
ATOM   28  N ND2   . ASN A 1 28  ? 6.817   -9.002  4.242   1.00 27.93 ? 8   ASN A ND2   1 
ATOM   29  N N     . ASP A 1 29  ? 6.831   -14.590 5.634   1.00 42.24 ? 9   ASP A N     1 
ATOM   30  C CA    . ASP A 1 29  ? 7.221   -15.973 5.364   1.00 47.35 ? 9   ASP A CA    1 
ATOM   31  C C     . ASP A 1 29  ? 8.363   -16.055 4.354   1.00 44.63 ? 9   ASP A C     1 
ATOM   32  O O     . ASP A 1 29  ? 8.447   -17.006 3.576   1.00 45.36 ? 9   ASP A O     1 
ATOM   33  C CB    . ASP A 1 29  ? 6.027   -16.793 4.866   1.00 54.86 ? 9   ASP A CB    1 
ATOM   34  C CG    . ASP A 1 29  ? 5.001   -17.054 5.955   1.00 62.26 ? 9   ASP A CG    1 
ATOM   35  O OD1   . ASP A 1 29  ? 5.349   -16.916 7.148   1.00 64.54 ? 9   ASP A OD1   1 
ATOM   36  O OD2   . ASP A 1 29  ? 3.850   -17.409 5.616   1.00 65.44 ? 9   ASP A OD2   1 
ATOM   37  N N     . GLY A 1 30  ? 9.239   -15.055 4.372   1.00 41.15 ? 10  GLY A N     1 
ATOM   38  C CA    . GLY A 1 30  ? 10.377  -15.016 3.471   1.00 39.26 ? 10  GLY A CA    1 
ATOM   39  C C     . GLY A 1 30  ? 10.000  -14.692 2.037   1.00 37.46 ? 10  GLY A C     1 
ATOM   40  O O     . GLY A 1 30  ? 10.821  -14.824 1.128   1.00 38.76 ? 10  GLY A O     1 
ATOM   41  N N     . GLY A 1 31  ? 8.754   -14.269 1.836   1.00 33.57 ? 11  GLY A N     1 
ATOM   42  C CA    . GLY A 1 31  ? 8.268   -13.917 0.512   1.00 31.92 ? 11  GLY A CA    1 
ATOM   43  C C     . GLY A 1 31  ? 8.034   -12.433 0.300   1.00 28.11 ? 11  GLY A C     1 
ATOM   44  O O     . GLY A 1 31  ? 8.553   -11.584 1.034   1.00 28.67 ? 11  GLY A O     1 
ATOM   45  N N     . ILE A 1 32  ? 7.235   -12.135 -0.722  1.00 23.68 ? 12  ILE A N     1 
ATOM   46  C CA    . ILE A 1 32  ? 6.941   -10.772 -1.149  1.00 20.77 ? 12  ILE A CA    1 
ATOM   47  C C     . ILE A 1 32  ? 5.425   -10.587 -1.186  1.00 20.07 ? 12  ILE A C     1 
ATOM   48  O O     . ILE A 1 32  ? 4.696   -11.504 -1.579  1.00 20.82 ? 12  ILE A O     1 
ATOM   49  C CB    . ILE A 1 32  ? 7.500   -10.511 -2.567  1.00 20.15 ? 12  ILE A CB    1 
ATOM   50  C CG1   . ILE A 1 32  ? 8.984   -10.879 -2.644  1.00 21.71 ? 12  ILE A CG1   1 
ATOM   51  C CG2   . ILE A 1 32  ? 7.306   -9.046  -2.959  1.00 20.91 ? 12  ILE A CG2   1 
ATOM   52  C CD1   . ILE A 1 32  ? 9.514   -10.924 -4.061  1.00 23.42 ? 12  ILE A CD1   1 
ATOM   53  N N     . LYS A 1 33  ? 4.954   -9.407  -0.782  1.00 18.76 ? 13  LYS A N     1 
ATOM   54  C CA    . LYS A 1 33  ? 3.524   -9.114  -0.774  1.00 18.22 ? 13  LYS A CA    1 
ATOM   55  C C     . LYS A 1 33  ? 3.241   -7.740  -1.360  1.00 17.32 ? 13  LYS A C     1 
ATOM   56  O O     . LYS A 1 33  ? 4.059   -6.823  -1.235  1.00 18.67 ? 13  LYS A O     1 
ATOM   57  C CB    . LYS A 1 33  ? 2.955   -9.143  0.652   1.00 19.64 ? 13  LYS A CB    1 
ATOM   58  C CG    . LYS A 1 33  ? 3.173   -10.429 1.427   1.00 20.29 ? 13  LYS A CG    1 
ATOM   59  C CD    . LYS A 1 33  ? 2.450   -11.627 0.815   1.00 22.17 ? 13  LYS A CD    1 
ATOM   60  C CE    . LYS A 1 33  ? 2.844   -12.910 1.554   1.00 25.06 ? 13  LYS A CE    1 
ATOM   61  N NZ    . LYS A 1 33  ? 2.253   -14.130 0.932   1.00 26.31 ? 13  LYS A NZ    1 
ATOM   62  N N     . LEU A 1 34  ? 2.073   -7.610  -1.985  1.00 16.75 ? 14  LEU A N     1 
ATOM   63  C CA    . LEU A 1 34  ? 1.563   -6.322  -2.436  1.00 15.24 ? 14  LEU A CA    1 
ATOM   64  C C     . LEU A 1 34  ? 0.497   -5.852  -1.469  1.00 15.68 ? 14  LEU A C     1 
ATOM   65  O O     . LEU A 1 34  ? -0.505  -6.533  -1.267  1.00 17.64 ? 14  LEU A O     1 
ATOM   66  C CB    . LEU A 1 34  ? 0.949   -6.446  -3.834  1.00 16.18 ? 14  LEU A CB    1 
ATOM   67  C CG    . LEU A 1 34  ? 0.097   -5.251  -4.316  1.00 15.41 ? 14  LEU A CG    1 
ATOM   68  C CD1   . LEU A 1 34  ? 0.923   -3.968  -4.353  1.00 18.24 ? 14  LEU A CD1   1 
ATOM   69  C CD2   . LEU A 1 34  ? -0.550  -5.530  -5.682  1.00 17.94 ? 14  LEU A CD2   1 
ATOM   70  N N     . VAL A 1 35  ? 0.725   -4.698  -0.853  1.00 15.01 ? 15  VAL A N     1 
ATOM   71  C CA    . VAL A 1 35  ? -0.286  -4.053  -0.029  1.00 14.92 ? 15  VAL A CA    1 
ATOM   72  C C     . VAL A 1 35  ? -0.958  -2.997  -0.897  1.00 14.51 ? 15  VAL A C     1 
ATOM   73  O O     . VAL A 1 35  ? -0.304  -2.070  -1.369  1.00 15.84 ? 15  VAL A O     1 
ATOM   74  C CB    . VAL A 1 35  ? 0.351   -3.410  1.217   1.00 15.70 ? 15  VAL A CB    1 
ATOM   75  C CG1   . VAL A 1 35  ? -0.711  -2.754  2.088   1.00 16.80 ? 15  VAL A CG1   1 
ATOM   76  C CG2   . VAL A 1 35  ? 1.123   -4.471  2.019   1.00 19.35 ? 15  VAL A CG2   1 
ATOM   77  N N     . MET A 1 36  ? -2.257  -3.175  -1.141  1.00 14.61 ? 16  MET A N     1 
ATOM   78  C CA    A MET A 1 36  ? -2.986  -2.261  -2.000  0.36 15.52 ? 16  MET A CA    1 
ATOM   79  C CA    B MET A 1 36  ? -3.018  -2.289  -2.022  0.64 13.53 ? 16  MET A CA    1 
ATOM   80  C C     . MET A 1 36  ? -4.137  -1.619  -1.241  1.00 14.70 ? 16  MET A C     1 
ATOM   81  O O     . MET A 1 36  ? -5.076  -2.287  -0.805  1.00 17.45 ? 16  MET A O     1 
ATOM   82  C CB    A MET A 1 36  ? -3.485  -2.977  -3.253  0.36 18.93 ? 16  MET A CB    1 
ATOM   83  C CB    B MET A 1 36  ? -3.629  -3.082  -3.186  0.64 14.96 ? 16  MET A CB    1 
ATOM   84  C CG    A MET A 1 36  ? -4.115  -2.040  -4.260  0.36 21.62 ? 16  MET A CG    1 
ATOM   85  C CG    B MET A 1 36  ? -4.261  -2.204  -4.269  0.64 18.05 ? 16  MET A CG    1 
ATOM   86  S SD    A MET A 1 36  ? -5.886  -1.943  -4.025  0.36 24.34 ? 16  MET A SD    1 
ATOM   87  S SD    B MET A 1 36  ? -5.172  -3.109  -5.540  0.64 24.56 ? 16  MET A SD    1 
ATOM   88  C CE    A MET A 1 36  ? -6.374  -3.499  -4.775  0.36 25.01 ? 16  MET A CE    1 
ATOM   89  C CE    B MET A 1 36  ? -3.972  -4.310  -6.108  0.64 27.76 ? 16  MET A CE    1 
ATOM   90  N N     . ALA A 1 37  ? -4.045  -0.307  -1.069  1.00 13.80 ? 17  ALA A N     1 
ATOM   91  C CA    . ALA A 1 37  ? -5.027  0.428   -0.281  1.00 13.67 ? 17  ALA A CA    1 
ATOM   92  C C     . ALA A 1 37  ? -5.825  1.361   -1.165  1.00 12.45 ? 17  ALA A C     1 
ATOM   93  O O     . ALA A 1 37  ? -5.277  1.948   -2.087  1.00 13.88 ? 17  ALA A O     1 
ATOM   94  C CB    . ALA A 1 37  ? -4.298  1.234   0.808   1.00 16.05 ? 17  ALA A CB    1 
ATOM   95  N N     . ILE A 1 38  ? -7.129  1.465   -0.920  1.00 12.91 ? 18  ILE A N     1 
ATOM   96  C CA    A ILE A 1 38  ? -7.960  2.483   -1.557  0.60 14.40 ? 18  ILE A CA    1 
ATOM   97  C CA    B ILE A 1 38  ? -7.937  2.487   -1.560  0.40 13.87 ? 18  ILE A CA    1 
ATOM   98  C C     . ILE A 1 38  ? -8.449  3.383   -0.438  1.00 14.45 ? 18  ILE A C     1 
ATOM   99  O O     . ILE A 1 38  ? -9.141  2.923   0.482   1.00 17.59 ? 18  ILE A O     1 
ATOM   100 C CB    A ILE A 1 38  ? -9.184  1.886   -2.284  0.60 16.57 ? 18  ILE A CB    1 
ATOM   101 C CB    B ILE A 1 38  ? -9.077  1.876   -2.403  0.40 14.61 ? 18  ILE A CB    1 
ATOM   102 C CG1   A ILE A 1 38  ? -8.772  0.704   -3.160  0.60 18.34 ? 18  ILE A CG1   1 
ATOM   103 C CG1   B ILE A 1 38  ? -8.494  0.963   -3.490  0.40 17.31 ? 18  ILE A CG1   1 
ATOM   104 C CG2   A ILE A 1 38  ? -9.893  2.964   -3.109  0.60 18.00 ? 18  ILE A CG2   1 
ATOM   105 C CG2   B ILE A 1 38  ? -9.929  2.976   -3.029  0.40 15.97 ? 18  ILE A CG2   1 
ATOM   106 C CD1   A ILE A 1 38  ? -7.883  1.092   -4.293  0.60 17.36 ? 18  ILE A CD1   1 
ATOM   107 C CD1   B ILE A 1 38  ? -9.461  -0.087  -4.025  0.40 19.73 ? 18  ILE A CD1   1 
ATOM   108 N N     . ILE A 1 39  ? -8.074  4.656   -0.488  1.00 14.20 ? 19  ILE A N     1 
ATOM   109 C CA    . ILE A 1 39  ? -8.320  5.558   0.639   1.00 15.47 ? 19  ILE A CA    1 
ATOM   110 C C     . ILE A 1 39  ? -8.808  6.924   0.158   1.00 13.81 ? 19  ILE A C     1 
ATOM   111 O O     . ILE A 1 39  ? -8.864  7.182   -1.046  1.00 14.37 ? 19  ILE A O     1 
ATOM   112 C CB    . ILE A 1 39  ? -7.018  5.765   1.461   1.00 17.45 ? 19  ILE A CB    1 
ATOM   113 C CG1   . ILE A 1 39  ? -5.936  6.410   0.578   1.00 19.51 ? 19  ILE A CG1   1 
ATOM   114 C CG2   . ILE A 1 39  ? -6.527  4.433   2.035   1.00 20.41 ? 19  ILE A CG2   1 
ATOM   115 C CD1   . ILE A 1 39  ? -4.640  6.798   1.297   1.00 22.15 ? 19  ILE A CD1   1 
ATOM   116 N N     . ARG A 1 40  ? -9.119  7.813   1.099   1.00 15.16 ? 20  ARG A N     1 
ATOM   117 C CA    . ARG A 1 40  ? -9.504  9.178   0.760   1.00 15.53 ? 20  ARG A CA    1 
ATOM   118 C C     . ARG A 1 40  ? -8.293  9.950   0.245   1.00 17.26 ? 20  ARG A C     1 
ATOM   119 O O     . ARG A 1 40  ? -7.211  9.870   0.829   1.00 17.97 ? 20  ARG A O     1 
ATOM   120 C CB    . ARG A 1 40  ? -10.054 9.896   1.990   1.00 17.93 ? 20  ARG A CB    1 
ATOM   121 C CG    . ARG A 1 40  ? -11.274 9.238   2.571   1.00 17.72 ? 20  ARG A CG    1 
ATOM   122 C CD    . ARG A 1 40  ? -11.763 9.999   3.804   1.00 19.13 ? 20  ARG A CD    1 
ATOM   123 N NE    . ARG A 1 40  ? -12.861 9.294   4.462   1.00 19.73 ? 20  ARG A NE    1 
ATOM   124 C CZ    . ARG A 1 40  ? -14.135 9.416   4.112   1.00 21.26 ? 20  ARG A CZ    1 
ATOM   125 N NH1   . ARG A 1 40  ? -14.476 10.230  3.114   1.00 22.58 ? 20  ARG A NH1   1 
ATOM   126 N NH2   . ARG A 1 40  ? -15.067 8.730   4.757   1.00 22.29 ? 20  ARG A NH2   1 
ATOM   127 N N     . PRO A 1 41  ? -8.479  10.738  -0.823  1.00 19.51 ? 21  PRO A N     1 
ATOM   128 C CA    . PRO A 1 41  ? -7.351  11.506  -1.360  1.00 20.20 ? 21  PRO A CA    1 
ATOM   129 C C     . PRO A 1 41  ? -6.711  12.436  -0.329  1.00 20.15 ? 21  PRO A C     1 
ATOM   130 O O     . PRO A 1 41  ? -5.492  12.623  -0.340  1.00 22.58 ? 21  PRO A O     1 
ATOM   131 C CB    . PRO A 1 41  ? -7.989  12.302  -2.511  1.00 22.64 ? 21  PRO A CB    1 
ATOM   132 C CG    . PRO A 1 41  ? -9.114  11.408  -2.985  1.00 22.98 ? 21  PRO A CG    1 
ATOM   133 C CD    . PRO A 1 41  ? -9.655  10.764  -1.714  1.00 21.47 ? 21  PRO A CD    1 
ATOM   134 N N     . ASP A 1 42  ? -7.515  12.998  0.565   1.00 20.00 ? 22  ASP A N     1 
ATOM   135 C CA    . ASP A 1 42  ? -6.985  13.980  1.510   1.00 23.30 ? 22  ASP A CA    1 
ATOM   136 C C     . ASP A 1 42  ? -6.112  13.330  2.594   1.00 21.95 ? 22  ASP A C     1 
ATOM   137 O O     . ASP A 1 42  ? -5.449  14.025  3.355   1.00 23.98 ? 22  ASP A O     1 
ATOM   138 C CB    . ASP A 1 42  ? -8.111  14.805  2.149   1.00 27.42 ? 22  ASP A CB    1 
ATOM   139 C CG    . ASP A 1 42  ? -8.881  15.666  1.135   1.00 37.11 ? 22  ASP A CG    1 
ATOM   140 O OD1   . ASP A 1 42  ? -8.417  15.848  -0.015  1.00 41.12 ? 22  ASP A OD1   1 
ATOM   141 O OD2   . ASP A 1 42  ? -9.962  16.182  1.504   1.00 40.53 ? 22  ASP A OD2   1 
ATOM   142 N N     . LYS A 1 43  ? -6.109  11.999  2.656   1.00 19.67 ? 23  LYS A N     1 
ATOM   143 C CA    . LYS A 1 43  ? -5.289  11.274  3.628   1.00 19.96 ? 23  LYS A CA    1 
ATOM   144 C C     . LYS A 1 43  ? -3.944  10.805  3.067   1.00 19.46 ? 23  LYS A C     1 
ATOM   145 O O     . LYS A 1 43  ? -3.140  10.218  3.782   1.00 19.79 ? 23  LYS A O     1 
ATOM   146 C CB    . LYS A 1 43  ? -6.057  10.072  4.194   1.00 20.74 ? 23  LYS A CB    1 
ATOM   147 C CG    . LYS A 1 43  ? -7.193  10.462  5.113   1.00 21.93 ? 23  LYS A CG    1 
ATOM   148 C CD    . LYS A 1 43  ? -6.664  11.253  6.289   1.00 25.46 ? 23  LYS A CD    1 
ATOM   149 C CE    . LYS A 1 43  ? -7.680  11.318  7.390   1.00 28.37 ? 23  LYS A CE    1 
ATOM   150 N NZ    . LYS A 1 43  ? -7.186  12.187  8.488   1.00 30.43 ? 23  LYS A NZ    1 
ATOM   151 N N     . LEU A 1 44  ? -3.693  11.051  1.786   1.00 19.76 ? 24  LEU A N     1 
ATOM   152 C CA    . LEU A 1 44  ? -2.459  10.565  1.181   1.00 20.13 ? 24  LEU A CA    1 
ATOM   153 C C     . LEU A 1 44  ? -1.207  11.128  1.864   1.00 19.55 ? 24  LEU A C     1 
ATOM   154 O O     . LEU A 1 44  ? -0.243  10.398  2.104   1.00 20.38 ? 24  LEU A O     1 
ATOM   155 C CB    . LEU A 1 44  ? -2.429  10.839  -0.325  1.00 18.85 ? 24  LEU A CB    1 
ATOM   156 C CG    . LEU A 1 44  ? -1.156  10.362  -1.026  1.00 19.58 ? 24  LEU A CG    1 
ATOM   157 C CD1   . LEU A 1 44  ? -0.964  8.848   -0.830  1.00 21.40 ? 24  LEU A CD1   1 
ATOM   158 C CD2   . LEU A 1 44  ? -1.175  10.728  -2.507  1.00 21.26 ? 24  LEU A CD2   1 
ATOM   159 N N     . ALA A 1 45  ? -1.223  12.417  2.197   1.00 20.53 ? 25  ALA A N     1 
ATOM   160 C CA    . ALA A 1 45  ? -0.069  13.014  2.874   1.00 21.91 ? 25  ALA A CA    1 
ATOM   161 C C     . ALA A 1 45  ? 0.300   12.284  4.172   1.00 23.18 ? 25  ALA A C     1 
ATOM   162 O O     . ALA A 1 45  ? 1.471   11.957  4.404   1.00 24.56 ? 25  ALA A O     1 
ATOM   163 C CB    . ALA A 1 45  ? -0.299  14.497  3.134   1.00 24.26 ? 25  ALA A CB    1 
ATOM   164 N N     . ASP A 1 46  ? -0.696  12.032  5.018   1.00 21.98 ? 26  ASP A N     1 
ATOM   165 C CA    . ASP A 1 46  ? -0.452  11.341  6.275   1.00 21.72 ? 26  ASP A CA    1 
ATOM   166 C C     . ASP A 1 46  ? -0.026  9.886   6.052   1.00 21.41 ? 26  ASP A C     1 
ATOM   167 O O     . ASP A 1 46  ? 0.774   9.338   6.814   1.00 23.59 ? 26  ASP A O     1 
ATOM   168 C CB    . ASP A 1 46  ? -1.678  11.424  7.185   1.00 23.76 ? 26  ASP A CB    1 
ATOM   169 C CG    . ASP A 1 46  ? -1.883  12.816  7.782   1.00 27.95 ? 26  ASP A CG    1 
ATOM   170 O OD1   . ASP A 1 46  ? -0.982  13.678  7.671   1.00 29.23 ? 26  ASP A OD1   1 
ATOM   171 O OD2   . ASP A 1 46  ? -2.953  13.038  8.386   1.00 30.10 ? 26  ASP A OD2   1 
ATOM   172 N N     . VAL A 1 47  ? -0.553  9.262   5.004   1.00 20.18 ? 27  VAL A N     1 
ATOM   173 C CA    . VAL A 1 47  ? -0.158  7.897   4.675   1.00 19.01 ? 27  VAL A CA    1 
ATOM   174 C C     . VAL A 1 47  ? 1.309   7.833   4.224   1.00 19.96 ? 27  VAL A C     1 
ATOM   175 O O     . VAL A 1 47  ? 2.051   6.932   4.620   1.00 21.09 ? 27  VAL A O     1 
ATOM   176 C CB    . VAL A 1 47  ? -1.119  7.288   3.629   1.00 18.96 ? 27  VAL A CB    1 
ATOM   177 C CG1   . VAL A 1 47  ? -0.531  6.034   2.981   1.00 19.71 ? 27  VAL A CG1   1 
ATOM   178 C CG2   . VAL A 1 47  ? -2.479  6.999   4.281   1.00 19.00 ? 27  VAL A CG2   1 
ATOM   179 N N     . LYS A 1 48  ? 1.731   8.786   3.400   1.00 20.02 ? 28  LYS A N     1 
ATOM   180 C CA    . LYS A 1 48  ? 3.142   8.852   3.013   1.00 21.60 ? 28  LYS A CA    1 
ATOM   181 C C     . LYS A 1 48  ? 4.054   8.954   4.238   1.00 23.55 ? 28  LYS A C     1 
ATOM   182 O O     . LYS A 1 48  ? 5.068   8.263   4.332   1.00 24.50 ? 28  LYS A O     1 
ATOM   183 C CB    . LYS A 1 48  ? 3.399   10.010  2.038   1.00 22.38 ? 28  LYS A CB    1 
ATOM   184 C CG    . LYS A 1 48  ? 2.756   9.794   0.660   1.00 23.06 ? 28  LYS A CG    1 
ATOM   185 C CD    . LYS A 1 48  ? 3.109   10.890  -0.331  1.00 26.34 ? 28  LYS A CD    1 
ATOM   186 C CE    . LYS A 1 48  ? 2.600   12.248  0.098   1.00 28.06 ? 28  LYS A CE    1 
ATOM   187 N NZ    . LYS A 1 48  ? 3.052   13.285  -0.889  1.00 29.88 ? 28  LYS A NZ    1 
ATOM   188 N N     . THR A 1 49  ? 3.687   9.818   5.176   1.00 24.40 ? 29  THR A N     1 
ATOM   189 C CA    . THR A 1 49  ? 4.465   9.986   6.403   1.00 25.94 ? 29  THR A CA    1 
ATOM   190 C C     . THR A 1 49  ? 4.504   8.690   7.215   1.00 25.75 ? 29  THR A C     1 
ATOM   191 O O     . THR A 1 49  ? 5.554   8.291   7.717   1.00 27.81 ? 29  THR A O     1 
ATOM   192 C CB    . THR A 1 49  ? 3.894   11.128  7.259   1.00 29.90 ? 29  THR A CB    1 
ATOM   193 O OG1   . THR A 1 49  ? 3.885   12.332  6.483   1.00 31.36 ? 29  THR A OG1   1 
ATOM   194 C CG2   . THR A 1 49  ? 4.727   11.336  8.529   1.00 31.63 ? 29  THR A CG2   1 
ATOM   195 N N     . ALA A 1 50  ? 3.358   8.029   7.330   1.00 24.19 ? 30  ALA A N     1 
ATOM   196 C CA    . ALA A 1 50  ? 3.269   6.785   8.089   1.00 24.56 ? 30  ALA A CA    1 
ATOM   197 C C     . ALA A 1 50  ? 4.121   5.682   7.461   1.00 25.02 ? 30  ALA A C     1 
ATOM   198 O O     . ALA A 1 50  ? 4.739   4.881   8.169   1.00 27.16 ? 30  ALA A O     1 
ATOM   199 C CB    . ALA A 1 50  ? 1.822   6.340   8.200   1.00 24.37 ? 30  ALA A CB    1 
ATOM   200 N N     . LEU A 1 51  ? 4.144   5.631   6.132   1.00 23.93 ? 31  LEU A N     1 
ATOM   201 C CA    . LEU A 1 51  ? 4.946   4.635   5.439   1.00 23.92 ? 31  LEU A CA    1 
ATOM   202 C C     . LEU A 1 51  ? 6.436   4.862   5.669   1.00 25.91 ? 31  LEU A C     1 
ATOM   203 O O     . LEU A 1 51  ? 7.193   3.913   5.880   1.00 26.48 ? 31  LEU A O     1 
ATOM   204 C CB    . LEU A 1 51  ? 4.619   4.632   3.945   1.00 21.77 ? 31  LEU A CB    1 
ATOM   205 C CG    . LEU A 1 51  ? 3.268   3.998   3.607   1.00 22.45 ? 31  LEU A CG    1 
ATOM   206 C CD1   . LEU A 1 51  ? 2.894   4.265   2.154   1.00 23.62 ? 31  LEU A CD1   1 
ATOM   207 C CD2   . LEU A 1 51  ? 3.294   2.500   3.902   1.00 23.55 ? 31  LEU A CD2   1 
ATOM   208 N N     . ALA A 1 52  ? 6.855   6.122   5.634   1.00 26.03 ? 32  ALA A N     1 
ATOM   209 C CA    . ALA A 1 52  ? 8.244   6.460   5.922   1.00 28.64 ? 32  ALA A CA    1 
ATOM   210 C C     . ALA A 1 52  ? 8.615   6.043   7.347   1.00 30.95 ? 32  ALA A C     1 
ATOM   211 O O     . ALA A 1 52  ? 9.668   5.450   7.579   1.00 32.30 ? 32  ALA A O     1 
ATOM   212 C CB    . ALA A 1 52  ? 8.474   7.948   5.727   1.00 29.10 ? 32  ALA A CB    1 
ATOM   213 N N     . GLU A 1 53  ? 7.733   6.340   8.296   1.00 32.57 ? 33  GLU A N     1 
ATOM   214 C CA    . GLU A 1 53  ? 7.992   6.050   9.706   1.00 37.25 ? 33  GLU A CA    1 
ATOM   215 C C     . GLU A 1 53  ? 8.125   4.555   9.991   1.00 36.25 ? 33  GLU A C     1 
ATOM   216 O O     . GLU A 1 53  ? 8.896   4.145   10.865  1.00 38.06 ? 33  GLU A O     1 
ATOM   217 C CB    . GLU A 1 53  ? 6.898   6.660   10.585  1.00 43.85 ? 33  GLU A CB    1 
ATOM   218 C CG    . GLU A 1 53  ? 6.925   8.182   10.649  1.00 51.26 ? 33  GLU A CG    1 
ATOM   219 C CD    . GLU A 1 53  ? 5.753   8.756   11.431  1.00 57.11 ? 33  GLU A CD    1 
ATOM   220 O OE1   . GLU A 1 53  ? 5.777   9.967   11.746  1.00 58.15 ? 33  GLU A OE1   1 
ATOM   221 O OE2   . GLU A 1 53  ? 4.804   7.997   11.723  1.00 59.83 ? 33  GLU A OE2   1 
ATOM   222 N N     . VAL A 1 54  ? 7.379   3.738   9.253   1.00 34.11 ? 34  VAL A N     1 
ATOM   223 C CA    . VAL A 1 54  ? 7.398   2.299   9.483   1.00 33.85 ? 34  VAL A CA    1 
ATOM   224 C C     . VAL A 1 54  ? 8.560   1.637   8.735   1.00 34.21 ? 34  VAL A C     1 
ATOM   225 O O     . VAL A 1 54  ? 8.799   0.439   8.874   1.00 35.96 ? 34  VAL A O     1 
ATOM   226 C CB    . VAL A 1 54  ? 6.040   1.644   9.121   1.00 35.72 ? 34  VAL A CB    1 
ATOM   227 C CG1   . VAL A 1 54  ? 5.906   1.459   7.613   1.00 35.13 ? 34  VAL A CG1   1 
ATOM   228 C CG2   . VAL A 1 54  ? 5.877   0.316   9.848   1.00 37.42 ? 34  VAL A CG2   1 
ATOM   229 N N     . GLY A 1 55  ? 9.280   2.428   7.945   1.00 33.24 ? 35  GLY A N     1 
ATOM   230 C CA    . GLY A 1 55  ? 10.480  1.960   7.274   1.00 32.95 ? 35  GLY A CA    1 
ATOM   231 C C     . GLY A 1 55  ? 10.256  1.357   5.900   1.00 32.53 ? 35  GLY A C     1 
ATOM   232 O O     . GLY A 1 55  ? 11.112  0.645   5.380   1.00 33.98 ? 35  GLY A O     1 
ATOM   233 N N     . ALA A 1 56  ? 9.100   1.645   5.311   1.00 29.71 ? 36  ALA A N     1 
ATOM   234 C CA    . ALA A 1 56  ? 8.757   1.122   3.997   1.00 29.59 ? 36  ALA A CA    1 
ATOM   235 C C     . ALA A 1 56  ? 8.200   2.261   3.164   1.00 28.35 ? 36  ALA A C     1 
ATOM   236 O O     . ALA A 1 56  ? 7.006   2.288   2.854   1.00 29.92 ? 36  ALA A O     1 
ATOM   237 C CB    . ALA A 1 56  ? 7.731   -0.001  4.128   1.00 30.90 ? 36  ALA A CB    1 
ATOM   238 N N     . PRO A 1 57  ? 9.064   3.215   2.796   1.00 27.58 ? 37  PRO A N     1 
ATOM   239 C CA    . PRO A 1 57  ? 8.578   4.439   2.148   1.00 28.50 ? 37  PRO A CA    1 
ATOM   240 C C     . PRO A 1 57  ? 8.124   4.267   0.704   1.00 25.92 ? 37  PRO A C     1 
ATOM   241 O O     . PRO A 1 57  ? 7.288   5.061   0.270   1.00 27.01 ? 37  PRO A O     1 
ATOM   242 C CB    . PRO A 1 57  ? 9.799   5.365   2.190   1.00 31.55 ? 37  PRO A CB    1 
ATOM   243 C CG    . PRO A 1 57  ? 10.976  4.449   2.292   1.00 33.45 ? 37  PRO A CG    1 
ATOM   244 C CD    . PRO A 1 57  ? 10.501  3.290   3.122   1.00 30.99 ? 37  PRO A CD    1 
ATOM   245 N N     . SER A 1 58  ? 8.655   3.290   -0.032  1.00 22.96 ? 38  SER A N     1 
ATOM   246 C CA    A SER A 1 58  ? 8.317   3.130   -1.454  0.83 21.54 ? 38  SER A CA    1 
ATOM   247 C CA    B SER A 1 58  ? 8.324   3.164   -1.447  0.17 22.58 ? 38  SER A CA    1 
ATOM   248 C C     . SER A 1 58  ? 6.830   2.955   -1.664  1.00 19.36 ? 38  SER A C     1 
ATOM   249 O O     . SER A 1 58  ? 6.194   2.175   -0.962  1.00 21.40 ? 38  SER A O     1 
ATOM   250 C CB    A SER A 1 58  ? 9.021   1.915   -2.061  0.83 21.75 ? 38  SER A CB    1 
ATOM   251 C CB    B SER A 1 58  ? 9.113   2.027   -2.095  0.17 24.87 ? 38  SER A CB    1 
ATOM   252 O OG    A SER A 1 58  ? 10.425  2.019   -1.937  0.83 23.13 ? 38  SER A OG    1 
ATOM   253 O OG    B SER A 1 58  ? 8.954   2.055   -3.500  0.17 26.37 ? 38  SER A OG    1 
ATOM   254 N N     . LEU A 1 59  ? 6.277   3.659   -2.644  1.00 15.27 ? 39  LEU A N     1 
ATOM   255 C CA    A LEU A 1 59  ? 4.860   3.501   -2.957  0.57 13.27 ? 39  LEU A CA    1 
ATOM   256 C CA    B LEU A 1 59  ? 4.859   3.527   -2.941  0.43 13.62 ? 39  LEU A CA    1 
ATOM   257 C C     . LEU A 1 59  ? 4.552   3.983   -4.360  1.00 13.53 ? 39  LEU A C     1 
ATOM   258 O O     . LEU A 1 59  ? 5.308   4.772   -4.944  1.00 13.61 ? 39  LEU A O     1 
ATOM   259 C CB    A LEU A 1 59  ? 3.967   4.243   -1.945  0.57 15.44 ? 39  LEU A CB    1 
ATOM   260 C CB    B LEU A 1 59  ? 4.037   4.334   -1.928  0.43 15.22 ? 39  LEU A CB    1 
ATOM   261 C CG    A LEU A 1 59  ? 3.685   5.727   -2.209  0.57 17.50 ? 39  LEU A CG    1 
ATOM   262 C CG    B LEU A 1 59  ? 4.430   5.809   -1.810  0.43 16.48 ? 39  LEU A CG    1 
ATOM   263 C CD1   A LEU A 1 59  ? 2.520   6.238   -1.365  0.57 18.70 ? 39  LEU A CD1   1 
ATOM   264 C CD1   B LEU A 1 59  ? 3.582   6.648   -2.750  0.43 17.37 ? 39  LEU A CD1   1 
ATOM   265 C CD2   A LEU A 1 59  ? 4.933   6.560   -1.978  0.57 18.43 ? 39  LEU A CD2   1 
ATOM   266 C CD2   B LEU A 1 59  ? 4.307   6.319   -0.373  0.43 17.39 ? 39  LEU A CD2   1 
ATOM   267 N N     . THR A 1 60  ? 3.448   3.478   -4.900  1.00 13.22 ? 40  THR A N     1 
ATOM   268 C CA    . THR A 1 60  ? 2.931   3.910   -6.199  1.00 12.56 ? 40  THR A CA    1 
ATOM   269 C C     . THR A 1 60  ? 1.488   4.330   -5.991  1.00 11.47 ? 40  THR A C     1 
ATOM   270 O O     . THR A 1 60  ? 0.718   3.618   -5.341  1.00 13.26 ? 40  THR A O     1 
ATOM   271 C CB    . THR A 1 60  ? 3.040   2.783   -7.247  1.00 13.36 ? 40  THR A CB    1 
ATOM   272 O OG1   . THR A 1 60  ? 4.428   2.521   -7.489  1.00 13.37 ? 40  THR A OG1   1 
ATOM   273 C CG2   . THR A 1 60  ? 2.399   3.190   -8.592  1.00 12.92 ? 40  THR A CG2   1 
ATOM   274 N N     . VAL A 1 61  ? 1.131   5.492   -6.522  1.00 10.52 ? 41  VAL A N     1 
ATOM   275 C CA    A VAL A 1 61  ? -0.182  6.100   -6.319  0.71 10.94 ? 41  VAL A CA    1 
ATOM   276 C CA    B VAL A 1 61  ? -0.220  6.000   -6.323  0.29 11.05 ? 41  VAL A CA    1 
ATOM   277 C C     . VAL A 1 61  ? -0.953  6.210   -7.635  1.00 10.43 ? 41  VAL A C     1 
ATOM   278 O O     . VAL A 1 61  ? -0.380  6.617   -8.644  1.00 11.18 ? 41  VAL A O     1 
ATOM   279 C CB    A VAL A 1 61  ? -0.008  7.522   -5.733  0.71 14.09 ? 41  VAL A CB    1 
ATOM   280 C CB    B VAL A 1 61  ? -0.256  7.296   -5.485  0.29 13.25 ? 41  VAL A CB    1 
ATOM   281 C CG1   A VAL A 1 61  ? -1.285  8.324   -5.850  0.71 16.20 ? 41  VAL A CG1   1 
ATOM   282 C CG1   B VAL A 1 61  ? 0.350   7.059   -4.107  0.29 14.46 ? 41  VAL A CG1   1 
ATOM   283 C CG2   A VAL A 1 61  ? 0.472   7.456   -4.282  0.71 15.13 ? 41  VAL A CG2   1 
ATOM   284 C CG2   B VAL A 1 61  ? 0.456   8.408   -6.201  0.29 13.63 ? 41  VAL A CG2   1 
ATOM   285 N N     . THR A 1 62  ? -2.244  5.891   -7.612  1.00 11.29 ? 42  THR A N     1 
ATOM   286 C CA    . THR A 1 62  ? -3.106  5.982   -8.795  1.00 10.66 ? 42  THR A CA    1 
ATOM   287 C C     . THR A 1 62  ? -4.379  6.755   -8.447  1.00 9.51  ? 42  THR A C     1 
ATOM   288 O O     . THR A 1 62  ? -4.976  6.522   -7.402  1.00 10.67 ? 42  THR A O     1 
ATOM   289 C CB    . THR A 1 62  ? -3.520  4.571   -9.285  1.00 11.78 ? 42  THR A CB    1 
ATOM   290 O OG1   . THR A 1 62  ? -2.349  3.760   -9.462  1.00 12.42 ? 42  THR A OG1   1 
ATOM   291 C CG2   . THR A 1 62  ? -4.269  4.642   -10.611 1.00 12.00 ? 42  THR A CG2   1 
ATOM   292 N N     . ASN A 1 63  ? -4.785  7.674   -9.317  1.00 10.92 ? 43  ASN A N     1 
ATOM   293 C CA    . ASN A 1 63  ? -6.072  8.337   -9.194  1.00 10.42 ? 43  ASN A CA    1 
ATOM   294 C C     . ASN A 1 63  ? -7.152  7.338   -9.594  1.00 9.87  ? 43  ASN A C     1 
ATOM   295 O O     . ASN A 1 63  ? -7.110  6.787   -10.694 1.00 11.49 ? 43  ASN A O     1 
ATOM   296 C CB    . ASN A 1 63  ? -6.052  9.543   -10.136 1.00 12.89 ? 43  ASN A CB    1 
ATOM   297 C CG    . ASN A 1 63  ? -7.360  10.266  -10.220 1.00 15.75 ? 43  ASN A CG    1 
ATOM   298 O OD1   . ASN A 1 63  ? -8.112  10.355  -9.256  1.00 17.90 ? 43  ASN A OD1   1 
ATOM   299 N ND2   . ASN A 1 63  ? -7.637  10.809  -11.394 1.00 21.85 ? 43  ASN A ND2   1 
ATOM   300 N N     . VAL A 1 64  ? -8.115  7.095   -8.698  1.00 9.45  ? 44  VAL A N     1 
ATOM   301 C CA    . VAL A 1 64  ? -9.202  6.147   -8.977  1.00 8.97  ? 44  VAL A CA    1 
ATOM   302 C C     . VAL A 1 64  ? -10.540 6.722   -8.502  1.00 10.14 ? 44  VAL A C     1 
ATOM   303 O O     . VAL A 1 64  ? -10.589 7.811   -7.917  1.00 12.10 ? 44  VAL A O     1 
ATOM   304 C CB    . VAL A 1 64  ? -8.964  4.744   -8.307  1.00 10.27 ? 44  VAL A CB    1 
ATOM   305 C CG1   . VAL A 1 64  ? -7.625  4.151   -8.754  1.00 11.01 ? 44  VAL A CG1   1 
ATOM   306 C CG2   . VAL A 1 64  ? -9.031  4.836   -6.772  1.00 11.34 ? 44  VAL A CG2   1 
ATOM   307 N N     . SER A 1 65  ? -11.627 6.021   -8.793  1.00 9.88  ? 45  SER A N     1 
ATOM   308 C CA    A SER A 1 65  ? -12.940 6.371   -8.251  0.42 11.78 ? 45  SER A CA    1 
ATOM   309 C CA    B SER A 1 65  ? -12.923 6.369   -8.208  0.58 11.20 ? 45  SER A CA    1 
ATOM   310 C C     . SER A 1 65  ? -13.643 5.096   -7.821  1.00 11.33 ? 45  SER A C     1 
ATOM   311 O O     . SER A 1 65  ? -13.273 4.009   -8.257  1.00 13.68 ? 45  SER A O     1 
ATOM   312 C CB    A SER A 1 65  ? -13.782 7.129   -9.280  0.42 15.62 ? 45  SER A CB    1 
ATOM   313 C CB    B SER A 1 65  ? -13.783 7.148   -9.189  0.58 13.61 ? 45  SER A CB    1 
ATOM   314 O OG    A SER A 1 65  ? -13.214 8.403   -9.541  0.42 18.63 ? 45  SER A OG    1 
ATOM   315 O OG    B SER A 1 65  ? -14.082 6.319   -10.280 0.58 16.02 ? 45  SER A OG    1 
ATOM   316 N N     . GLY A 1 66  ? -14.664 5.207   -6.978  1.00 11.58 ? 46  GLY A N     1 
ATOM   317 C CA    . GLY A 1 66  ? -15.345 3.999   -6.580  1.00 12.64 ? 46  GLY A CA    1 
ATOM   318 C C     . GLY A 1 66  ? -16.610 4.212   -5.790  1.00 13.22 ? 46  GLY A C     1 
ATOM   319 O O     . GLY A 1 66  ? -17.018 5.344   -5.509  1.00 14.51 ? 46  GLY A O     1 
ATOM   320 N N     . ARG A 1 67  ? -17.238 3.096   -5.436  1.00 14.66 ? 47  ARG A N     1 
ATOM   321 C CA    . ARG A 1 67  ? -18.290 3.108   -4.434  1.00 16.39 ? 47  ARG A CA    1 
ATOM   322 C C     . ARG A 1 67  ? -18.123 1.867   -3.582  1.00 17.56 ? 47  ARG A C     1 
ATOM   323 O O     . ARG A 1 67  ? -17.491 0.894   -4.003  1.00 17.37 ? 47  ARG A O     1 
ATOM   324 C CB    . ARG A 1 67  ? -19.671 3.126   -5.082  1.00 18.94 ? 47  ARG A CB    1 
ATOM   325 C CG    . ARG A 1 67  ? -19.946 1.873   -5.885  1.00 20.19 ? 47  ARG A CG    1 
ATOM   326 C CD    . ARG A 1 67  ? -21.319 1.863   -6.559  1.00 23.06 ? 47  ARG A CD    1 
ATOM   327 N NE    . ARG A 1 67  ? -21.540 0.571   -7.198  1.00 24.56 ? 47  ARG A NE    1 
ATOM   328 C CZ    . ARG A 1 67  ? -22.460 0.323   -8.127  1.00 27.14 ? 47  ARG A CZ    1 
ATOM   329 N NH1   . ARG A 1 67  ? -22.558 -0.896  -8.640  1.00 27.29 ? 47  ARG A NH1   1 
ATOM   330 N NH2   . ARG A 1 67  ? -23.273 1.285   -8.550  1.00 29.68 ? 47  ARG A NH2   1 
ATOM   331 N N     . GLY A 1 68  ? -18.662 1.916   -2.371  1.00 20.63 ? 48  GLY A N     1 
ATOM   332 C CA    . GLY A 1 68  ? -18.629 0.770   -1.487  1.00 24.77 ? 48  GLY A CA    1 
ATOM   333 C C     . GLY A 1 68  ? -19.994 0.119   -1.389  1.00 33.85 ? 48  GLY A C     1 
ATOM   334 O O     . GLY A 1 68  ? -20.679 -0.067  -2.401  1.00 33.56 ? 48  GLY A O     1 
ATOM   335 N N     . SER A 1 69  ? -20.360 -0.228  -0.156  1.00 37.61 ? 49  SER A N     1 
ATOM   336 C CA    . SER A 1 69  ? -21.647 -0.819  0.213   1.00 47.50 ? 49  SER A CA    1 
ATOM   337 C C     . SER A 1 69  ? -21.610 -2.342  0.152   1.00 50.69 ? 49  SER A C     1 
ATOM   338 O O     . SER A 1 69  ? -20.938 -2.980  0.966   1.00 52.04 ? 49  SER A O     1 
ATOM   339 C CB    . SER A 1 69  ? -22.805 -0.253  -0.614  1.00 50.42 ? 49  SER A CB    1 
ATOM   340 O OG    . SER A 1 69  ? -24.048 -0.730  -0.122  1.00 52.76 ? 49  SER A OG    1 
ATOM   341 N N     . ASP A 1 85  ? -23.247 7.338   -8.840  1.00 37.81 ? 65  ASP A N     1 
ATOM   342 C CA    . ASP A 1 85  ? -22.172 8.333   -8.793  1.00 36.34 ? 65  ASP A CA    1 
ATOM   343 C C     . ASP A 1 85  ? -20.943 7.854   -8.020  1.00 31.67 ? 65  ASP A C     1 
ATOM   344 O O     . ASP A 1 85  ? -21.012 7.565   -6.824  1.00 36.10 ? 65  ASP A O     1 
ATOM   345 C CB    . ASP A 1 85  ? -22.687 9.646   -8.203  1.00 40.02 ? 65  ASP A CB    1 
ATOM   346 N N     . LEU A 1 86  ? -19.804 7.787   -8.696  1.00 20.15 ? 66  LEU A N     1 
ATOM   347 C CA    . LEU A 1 86  ? -18.605 7.309   -8.033  1.00 15.55 ? 66  LEU A CA    1 
ATOM   348 C C     . LEU A 1 86  ? -17.856 8.455   -7.372  1.00 14.82 ? 66  LEU A C     1 
ATOM   349 O O     . LEU A 1 86  ? -17.899 9.591   -7.839  1.00 15.26 ? 66  LEU A O     1 
ATOM   350 C CB    . LEU A 1 86  ? -17.698 6.597   -9.035  1.00 14.74 ? 66  LEU A CB    1 
ATOM   351 C CG    . LEU A 1 86  ? -18.318 5.384   -9.742  1.00 14.66 ? 66  LEU A CG    1 
ATOM   352 C CD1   . LEU A 1 86  ? -17.252 4.703   -10.588 1.00 16.17 ? 66  LEU A CD1   1 
ATOM   353 C CD2   . LEU A 1 86  ? -18.941 4.407   -8.744  1.00 17.40 ? 66  LEU A CD2   1 
ATOM   354 N N     . HIS A 1 87  ? -17.195 8.149   -6.265  1.00 13.74 ? 67  HIS A N     1 
ATOM   355 C CA    A HIS A 1 87  ? -16.427 9.149   -5.541  0.58 13.60 ? 67  HIS A CA    1 
ATOM   356 C CA    B HIS A 1 87  ? -16.424 9.141   -5.524  0.42 14.65 ? 67  HIS A CA    1 
ATOM   357 C C     . HIS A 1 87  ? -14.938 9.001   -5.800  1.00 12.77 ? 67  HIS A C     1 
ATOM   358 O O     . HIS A 1 87  ? -14.419 7.896   -5.930  1.00 14.70 ? 67  HIS A O     1 
ATOM   359 C CB    A HIS A 1 87  ? -16.702 9.051   -4.044  0.58 16.68 ? 67  HIS A CB    1 
ATOM   360 C CB    B HIS A 1 87  ? -16.653 8.994   -4.020  0.42 18.96 ? 67  HIS A CB    1 
ATOM   361 C CG    A HIS A 1 87  ? -18.110 9.389   -3.673  0.58 21.81 ? 67  HIS A CG    1 
ATOM   362 C CG    B HIS A 1 87  ? -18.062 9.255   -3.595  0.42 25.03 ? 67  HIS A CG    1 
ATOM   363 N ND1   A HIS A 1 87  ? -18.553 9.417   -2.369  0.58 24.30 ? 67  HIS A ND1   1 
ATOM   364 N ND1   B HIS A 1 87  ? -19.017 8.265   -3.546  0.42 27.65 ? 67  HIS A ND1   1 
ATOM   365 C CD2   A HIS A 1 87  ? -19.177 9.717   -4.440  0.58 24.22 ? 67  HIS A CD2   1 
ATOM   366 C CD2   B HIS A 1 87  ? -18.681 10.396  -3.209  0.42 28.37 ? 67  HIS A CD2   1 
ATOM   367 C CE1   A HIS A 1 87  ? -19.832 9.748   -2.349  0.58 26.73 ? 67  HIS A CE1   1 
ATOM   368 C CE1   B HIS A 1 87  ? -20.164 8.781   -3.141  0.42 28.06 ? 67  HIS A CE1   1 
ATOM   369 N NE2   A HIS A 1 87  ? -20.234 9.935   -3.594  0.58 26.11 ? 67  HIS A NE2   1 
ATOM   370 N NE2   B HIS A 1 87  ? -19.987 10.074  -2.933  0.42 28.95 ? 67  HIS A NE2   1 
ATOM   371 N N     . GLN A 1 88  ? -14.252 10.132  -5.867  1.00 12.22 ? 68  GLN A N     1 
ATOM   372 C CA    . GLN A 1 88  ? -12.809 10.100  -6.067  1.00 12.74 ? 68  GLN A CA    1 
ATOM   373 C C     . GLN A 1 88  ? -12.106 9.450   -4.879  1.00 12.86 ? 68  GLN A C     1 
ATOM   374 O O     . GLN A 1 88  ? -12.425 9.740   -3.714  1.00 14.65 ? 68  GLN A O     1 
ATOM   375 C CB    . GLN A 1 88  ? -12.275 11.500  -6.279  1.00 15.79 ? 68  GLN A CB    1 
ATOM   376 C CG    . GLN A 1 88  ? -10.790 11.476  -6.582  1.00 19.78 ? 68  GLN A CG    1 
ATOM   377 C CD    . GLN A 1 88  ? -10.291 12.803  -6.957  1.00 25.97 ? 68  GLN A CD    1 
ATOM   378 O OE1   . GLN A 1 88  ? -10.522 13.777  -6.246  1.00 26.71 ? 68  GLN A OE1   1 
ATOM   379 N NE2   . GLN A 1 88  ? -9.590  12.878  -8.090  1.00 29.72 ? 68  GLN A NE2   1 
ATOM   380 N N     . LYS A 1 89  ? -11.170 8.549   -5.177  1.00 12.89 ? 69  LYS A N     1 
ATOM   381 C CA    . LYS A 1 89  ? -10.337 7.932   -4.144  1.00 12.44 ? 69  LYS A CA    1 
ATOM   382 C C     . LYS A 1 89  ? -8.903  7.897   -4.647  1.00 12.31 ? 69  LYS A C     1 
ATOM   383 O O     . LYS A 1 89  ? -8.622  8.273   -5.788  1.00 14.00 ? 69  LYS A O     1 
ATOM   384 C CB    . LYS A 1 89  ? -10.802 6.498   -3.820  1.00 13.99 ? 69  LYS A CB    1 
ATOM   385 C CG    . LYS A 1 89  ? -12.266 6.394   -3.348  1.00 14.55 ? 69  LYS A CG    1 
ATOM   386 C CD    . LYS A 1 89  ? -12.479 6.941   -1.930  1.00 14.22 ? 69  LYS A CD    1 
ATOM   387 C CE    . LYS A 1 89  ? -13.957 7.200   -1.672  1.00 15.57 ? 69  LYS A CE    1 
ATOM   388 N NZ    . LYS A 1 89  ? -14.229 7.787   -0.318  1.00 17.53 ? 69  LYS A NZ    1 
ATOM   389 N N     . VAL A 1 90  ? -7.989  7.444   -3.809  1.00 12.52 ? 70  VAL A N     1 
ATOM   390 C CA    A VAL A 1 90  ? -6.629  7.223   -4.276  0.65 11.70 ? 70  VAL A CA    1 
ATOM   391 C CA    B VAL A 1 90  ? -6.606  7.239   -4.229  0.35 12.09 ? 70  VAL A CA    1 
ATOM   392 C C     . VAL A 1 90  ? -6.211  5.800   -3.942  1.00 11.97 ? 70  VAL A C     1 
ATOM   393 O O     . VAL A 1 90  ? -6.549  5.278   -2.882  1.00 12.78 ? 70  VAL A O     1 
ATOM   394 C CB    A VAL A 1 90  ? -5.632  8.265   -3.716  0.65 13.85 ? 70  VAL A CB    1 
ATOM   395 C CB    B VAL A 1 90  ? -5.648  8.186   -3.484  0.35 13.70 ? 70  VAL A CB    1 
ATOM   396 C CG1   A VAL A 1 90  ? -5.555  8.180   -2.202  0.65 14.80 ? 70  VAL A CG1   1 
ATOM   397 C CG1   B VAL A 1 90  ? -4.207  7.694   -3.590  0.35 16.35 ? 70  VAL A CG1   1 
ATOM   398 C CG2   A VAL A 1 90  ? -4.255  8.096   -4.363  0.65 15.02 ? 70  VAL A CG2   1 
ATOM   399 C CG2   B VAL A 1 90  ? -5.790  9.601   -4.018  0.35 12.12 ? 70  VAL A CG2   1 
ATOM   400 N N     . LYS A 1 91  ? -5.525  5.156   -4.887  1.00 11.49 ? 71  LYS A N     1 
ATOM   401 C CA    . LYS A 1 91  ? -4.971  3.825   -4.655  1.00 10.82 ? 71  LYS A CA    1 
ATOM   402 C C     . LYS A 1 91  ? -3.495  3.987   -4.296  1.00 11.71 ? 71  LYS A C     1 
ATOM   403 O O     . LYS A 1 91  ? -2.752  4.707   -4.972  1.00 12.36 ? 71  LYS A O     1 
ATOM   404 C CB    . LYS A 1 91  ? -5.122  2.912   -5.883  1.00 12.48 ? 71  LYS A CB    1 
ATOM   405 C CG    . LYS A 1 91  ? -4.457  1.550   -5.683  1.00 13.61 ? 71  LYS A CG    1 
ATOM   406 C CD    . LYS A 1 91  ? -4.481  0.698   -6.948  1.00 15.38 ? 71  LYS A CD    1 
ATOM   407 C CE    . LYS A 1 91  ? -5.865  0.196   -7.256  1.00 17.36 ? 71  LYS A CE    1 
ATOM   408 N NZ    . LYS A 1 91  ? -5.817  -0.745  -8.410  1.00 21.23 ? 71  LYS A NZ    1 
ATOM   409 N N     . VAL A 1 92  ? -3.086  3.331   -3.218  1.00 12.38 ? 72  VAL A N     1 
ATOM   410 C CA    . VAL A 1 92  ? -1.690  3.323   -2.781  1.00 13.17 ? 72  VAL A CA    1 
ATOM   411 C C     . VAL A 1 92  ? -1.217  1.885   -2.831  1.00 13.63 ? 72  VAL A C     1 
ATOM   412 O O     . VAL A 1 92  ? -1.844  0.997   -2.239  1.00 16.97 ? 72  VAL A O     1 
ATOM   413 C CB    . VAL A 1 92  ? -1.541  3.849   -1.333  1.00 16.78 ? 72  VAL A CB    1 
ATOM   414 C CG1   . VAL A 1 92  ? -0.107  3.679   -0.855  1.00 19.81 ? 72  VAL A CG1   1 
ATOM   415 C CG2   . VAL A 1 92  ? -1.973  5.308   -1.255  1.00 17.54 ? 72  VAL A CG2   1 
ATOM   416 N N     . GLU A 1 93  ? -0.131  1.637   -3.557  1.00 13.45 ? 73  GLU A N     1 
ATOM   417 C CA    . GLU A 1 93  ? 0.431   0.293   -3.632  1.00 13.23 ? 73  GLU A CA    1 
ATOM   418 C C     . GLU A 1 93  ? 1.848   0.257   -3.097  1.00 13.89 ? 73  GLU A C     1 
ATOM   419 O O     . GLU A 1 93  ? 2.699   1.053   -3.516  1.00 15.07 ? 73  GLU A O     1 
ATOM   420 C CB    . GLU A 1 93  ? 0.403   -0.224  -5.069  1.00 13.55 ? 73  GLU A CB    1 
ATOM   421 C CG    . GLU A 1 93  ? -0.995  -0.544  -5.545  1.00 15.35 ? 73  GLU A CG    1 
ATOM   422 C CD    . GLU A 1 93  ? -1.029  -0.823  -7.019  1.00 17.42 ? 73  GLU A CD    1 
ATOM   423 O OE1   . GLU A 1 93  ? -0.594  0.055   -7.793  1.00 17.62 ? 73  GLU A OE1   1 
ATOM   424 O OE2   . GLU A 1 93  ? -1.480  -1.919  -7.410  1.00 21.15 ? 73  GLU A OE2   1 
ATOM   425 N N     . CYS A 1 94  ? 2.092   -0.681  -2.179  1.00 14.62 ? 74  CYS A N     1 
ATOM   426 C CA    . CYS A 1 94  ? 3.418   -0.875  -1.603  1.00 14.93 ? 74  CYS A CA    1 
ATOM   427 C C     . CYS A 1 94  ? 3.768   -2.344  -1.702  1.00 15.41 ? 74  CYS A C     1 
ATOM   428 O O     . CYS A 1 94  ? 3.104   -3.174  -1.079  1.00 16.53 ? 74  CYS A O     1 
ATOM   429 C CB    . CYS A 1 94  ? 3.426   -0.492  -0.119  1.00 17.22 ? 74  CYS A CB    1 
ATOM   430 S SG    . CYS A 1 94  ? 2.968   1.213   0.207   1.00 19.67 ? 74  CYS A SG    1 
ATOM   431 N N     . VAL A 1 95  ? 4.795   -2.677  -2.482  1.00 14.96 ? 75  VAL A N     1 
ATOM   432 C CA    . VAL A 1 95  ? 5.295   -4.043  -2.483  1.00 15.39 ? 75  VAL A CA    1 
ATOM   433 C C     . VAL A 1 95  ? 6.355   -4.145  -1.392  1.00 16.36 ? 75  VAL A C     1 
ATOM   434 O O     . VAL A 1 95  ? 7.252   -3.305  -1.305  1.00 18.32 ? 75  VAL A O     1 
ATOM   435 C CB    . VAL A 1 95  ? 5.854   -4.472  -3.856  1.00 16.39 ? 75  VAL A CB    1 
ATOM   436 C CG1   . VAL A 1 95  ? 6.413   -5.888  -3.770  1.00 18.00 ? 75  VAL A CG1   1 
ATOM   437 C CG2   . VAL A 1 95  ? 4.749   -4.393  -4.919  1.00 16.91 ? 75  VAL A CG2   1 
ATOM   438 N N     . VAL A 1 96  ? 6.227   -5.168  -0.546  1.00 18.09 ? 76  VAL A N     1 
ATOM   439 C CA    . VAL A 1 96  ? 7.054   -5.282  0.647   1.00 20.60 ? 76  VAL A CA    1 
ATOM   440 C C     . VAL A 1 96  ? 7.662   -6.674  0.789   1.00 21.02 ? 76  VAL A C     1 
ATOM   441 O O     . VAL A 1 96  ? 7.138   -7.654  0.261   1.00 21.69 ? 76  VAL A O     1 
ATOM   442 C CB    . VAL A 1 96  ? 6.240   -4.953  1.931   1.00 22.17 ? 76  VAL A CB    1 
ATOM   443 C CG1   . VAL A 1 96  ? 5.613   -3.566  1.826   1.00 23.48 ? 76  VAL A CG1   1 
ATOM   444 C CG2   . VAL A 1 96  ? 5.167   -6.001  2.178   1.00 21.85 ? 76  VAL A CG2   1 
ATOM   445 N N     . ALA A 1 97  ? 8.785   -6.747  1.493   1.00 22.17 ? 77  ALA A N     1 
ATOM   446 C CA    . ALA A 1 97  ? 9.419   -8.024  1.788   1.00 24.14 ? 77  ALA A CA    1 
ATOM   447 C C     . ALA A 1 97  ? 10.011  -7.995  3.189   1.00 27.60 ? 77  ALA A C     1 
ATOM   448 O O     . ALA A 1 97  ? 9.674   -8.831  4.024   1.00 29.06 ? 77  ALA A O     1 
ATOM   449 C CB    . ALA A 1 97  ? 10.491  -8.343  0.750   1.00 24.89 ? 77  ALA A CB    1 
ATOM   450 N N     . ASP A 1 98  ? 10.871  -7.010  3.445   1.00 30.19 ? 78  ASP A N     1 
ATOM   451 C CA    . ASP A 1 98  ? 11.564  -6.876  4.730   1.00 33.55 ? 78  ASP A CA    1 
ATOM   452 C C     . ASP A 1 98  ? 10.638  -6.457  5.871   1.00 32.38 ? 78  ASP A C     1 
ATOM   453 O O     . ASP A 1 98  ? 10.900  -6.745  7.043   1.00 34.62 ? 78  ASP A O     1 
ATOM   454 C CB    . ASP A 1 98  ? 12.709  -5.865  4.615   1.00 38.30 ? 78  ASP A CB    1 
ATOM   455 C CG    . ASP A 1 98  ? 13.917  -6.422  3.880   1.00 42.93 ? 78  ASP A CG    1 
ATOM   456 O OD1   . ASP A 1 98  ? 13.995  -7.656  3.690   1.00 44.60 ? 78  ASP A OD1   1 
ATOM   457 O OD2   . ASP A 1 98  ? 14.798  -5.620  3.506   1.00 44.22 ? 78  ASP A OD2   1 
ATOM   458 N N     . THR A 1 99  ? 9.559   -5.767  5.522   1.00 29.85 ? 79  THR A N     1 
ATOM   459 C CA    . THR A 1 99  ? 8.606   -5.267  6.496   1.00 29.36 ? 79  THR A CA    1 
ATOM   460 C C     . THR A 1 99  ? 7.344   -6.112  6.428   1.00 28.11 ? 79  THR A C     1 
ATOM   461 O O     . THR A 1 99  ? 6.787   -6.304  5.347   1.00 27.10 ? 79  THR A O     1 
ATOM   462 C CB    . THR A 1 99  ? 8.234   -3.800  6.199   1.00 31.15 ? 79  THR A CB    1 
ATOM   463 O OG1   . THR A 1 99  ? 9.427   -3.019  6.051   1.00 32.26 ? 79  THR A OG1   1 
ATOM   464 C CG2   . THR A 1 99  ? 7.382   -3.222  7.321   1.00 31.16 ? 79  THR A CG2   1 
ATOM   465 N N     . PRO A 1 100 ? 6.888   -6.630  7.576   1.00 29.74 ? 80  PRO A N     1 
ATOM   466 C CA    . PRO A 1 100 ? 5.647   -7.414  7.583   1.00 28.16 ? 80  PRO A CA    1 
ATOM   467 C C     . PRO A 1 100 ? 4.501   -6.652  6.914   1.00 26.52 ? 80  PRO A C     1 
ATOM   468 O O     . PRO A 1 100 ? 4.249   -5.489  7.240   1.00 27.02 ? 80  PRO A O     1 
ATOM   469 C CB    . PRO A 1 100 ? 5.369   -7.614  9.078   1.00 30.03 ? 80  PRO A CB    1 
ATOM   470 C CG    . PRO A 1 100 ? 6.726   -7.569  9.703   1.00 31.52 ? 80  PRO A CG    1 
ATOM   471 C CD    . PRO A 1 100 ? 7.491   -6.538  8.918   1.00 30.86 ? 80  PRO A CD    1 
ATOM   472 N N     . ALA A 1 101 ? 3.823   -7.309  5.980   1.00 24.56 ? 81  ALA A N     1 
ATOM   473 C CA    . ALA A 1 101 ? 2.729   -6.682  5.248   1.00 24.61 ? 81  ALA A CA    1 
ATOM   474 C C     . ALA A 1 101 ? 1.662   -6.157  6.205   1.00 26.22 ? 81  ALA A C     1 
ATOM   475 O O     . ALA A 1 101 ? 1.088   -5.095  5.985   1.00 25.08 ? 81  ALA A O     1 
ATOM   476 C CB    . ALA A 1 101 ? 2.124   -7.660  4.260   1.00 26.39 ? 81  ALA A CB    1 
ATOM   477 N N     . GLU A 1 102 ? 1.406   -6.901  7.274   1.00 30.18 ? 82  GLU A N     1 
ATOM   478 C CA    . GLU A 1 102 ? 0.405   -6.490  8.245   1.00 34.87 ? 82  GLU A CA    1 
ATOM   479 C C     . GLU A 1 102 ? 0.789   -5.173  8.927   1.00 31.94 ? 82  GLU A C     1 
ATOM   480 O O     . GLU A 1 102 ? -0.074  -4.339  9.215   1.00 30.59 ? 82  GLU A O     1 
ATOM   481 C CB    . GLU A 1 102 ? 0.199   -7.595  9.280   1.00 42.34 ? 82  GLU A CB    1 
ATOM   482 C CG    . GLU A 1 102 ? -1.029  -7.418  10.139  1.00 52.21 ? 82  GLU A CG    1 
ATOM   483 C CD    . GLU A 1 102 ? -1.219  -8.572  11.098  1.00 59.83 ? 82  GLU A CD    1 
ATOM   484 O OE1   . GLU A 1 102 ? -0.665  -8.510  12.217  1.00 62.36 ? 82  GLU A OE1   1 
ATOM   485 O OE2   . GLU A 1 102 ? -1.913  -9.544  10.726  1.00 62.88 ? 82  GLU A OE2   1 
ATOM   486 N N     . ASP A 1 103 ? 2.081   -4.986  9.178   1.00 31.06 ? 83  ASP A N     1 
ATOM   487 C CA    . ASP A 1 103 ? 2.559   -3.745  9.791   1.00 31.04 ? 83  ASP A CA    1 
ATOM   488 C C     . ASP A 1 103 ? 2.369   -2.562  8.842   1.00 28.36 ? 83  ASP A C     1 
ATOM   489 O O     . ASP A 1 103 ? 2.016   -1.460  9.263   1.00 29.38 ? 83  ASP A O     1 
ATOM   490 C CB    . ASP A 1 103 ? 4.032   -3.859  10.208  1.00 33.76 ? 83  ASP A CB    1 
ATOM   491 C CG    . ASP A 1 103 ? 4.249   -4.846  11.343  1.00 37.79 ? 83  ASP A CG    1 
ATOM   492 O OD1   . ASP A 1 103 ? 3.255   -5.260  11.978  1.00 39.37 ? 83  ASP A OD1   1 
ATOM   493 O OD2   . ASP A 1 103 ? 5.417   -5.200  11.603  1.00 38.93 ? 83  ASP A OD2   1 
ATOM   494 N N     . VAL A 1 104 ? 2.612   -2.792  7.557   1.00 24.94 ? 84  VAL A N     1 
ATOM   495 C CA    . VAL A 1 104 ? 2.433   -1.751  6.557   1.00 22.93 ? 84  VAL A CA    1 
ATOM   496 C C     . VAL A 1 104 ? 0.946   -1.420  6.414   1.00 22.47 ? 84  VAL A C     1 
ATOM   497 O O     . VAL A 1 104 ? 0.561   -0.250  6.368   1.00 21.83 ? 84  VAL A O     1 
ATOM   498 C CB    . VAL A 1 104 ? 3.033   -2.186  5.206   1.00 22.25 ? 84  VAL A CB    1 
ATOM   499 C CG1   . VAL A 1 104 ? 2.762   -1.146  4.120   1.00 22.62 ? 84  VAL A CG1   1 
ATOM   500 C CG2   . VAL A 1 104 ? 4.532   -2.447  5.364   1.00 24.72 ? 84  VAL A CG2   1 
ATOM   501 N N     . ALA A 1 105 ? 0.108   -2.452  6.362   1.00 22.59 ? 85  ALA A N     1 
ATOM   502 C CA    . ALA A 1 105 ? -1.334  -2.233  6.300   1.00 23.29 ? 85  ALA A CA    1 
ATOM   503 C C     . ALA A 1 105 ? -1.846  -1.434  7.503   1.00 24.36 ? 85  ALA A C     1 
ATOM   504 O O     . ALA A 1 105 ? -2.665  -0.530  7.348   1.00 23.57 ? 85  ALA A O     1 
ATOM   505 C CB    . ALA A 1 105 ? -2.087  -3.560  6.161   1.00 24.82 ? 85  ALA A CB    1 
ATOM   506 N N     . ASP A 1 106 ? -1.354  -1.758  8.697   1.00 26.23 ? 86  ASP A N     1 
ATOM   507 C CA    . ASP A 1 106 ? -1.767  -1.046  9.904   1.00 27.11 ? 86  ASP A CA    1 
ATOM   508 C C     . ASP A 1 106 ? -1.362  0.418   9.845   1.00 25.99 ? 86  ASP A C     1 
ATOM   509 O O     . ASP A 1 106 ? -2.125  1.302   10.237  1.00 26.59 ? 86  ASP A O     1 
ATOM   510 C CB    . ASP A 1 106 ? -1.161  -1.688  11.157  1.00 30.06 ? 86  ASP A CB    1 
ATOM   511 C CG    . ASP A 1 106 ? -1.803  -3.019  11.500  1.00 34.94 ? 86  ASP A CG    1 
ATOM   512 O OD1   . ASP A 1 106 ? -2.913  -3.291  11.001  1.00 37.30 ? 86  ASP A OD1   1 
ATOM   513 O OD2   . ASP A 1 106 ? -1.199  -3.791  12.278  1.00 37.00 ? 86  ASP A OD2   1 
ATOM   514 N N     . ALA A 1 107 ? -0.155  0.669   9.350   1.00 24.86 ? 87  ALA A N     1 
ATOM   515 C CA    . ALA A 1 107 ? 0.354   2.028   9.239   1.00 23.77 ? 87  ALA A CA    1 
ATOM   516 C C     . ALA A 1 107 ? -0.528  2.845   8.299   1.00 22.25 ? 87  ALA A C     1 
ATOM   517 O O     . ALA A 1 107 ? -0.879  3.984   8.601   1.00 23.41 ? 87  ALA A O     1 
ATOM   518 C CB    . ALA A 1 107 ? 1.797   2.017   8.745   1.00 25.30 ? 87  ALA A CB    1 
ATOM   519 N N     . ILE A 1 108 ? -0.882  2.263   7.154   1.00 19.64 ? 88  ILE A N     1 
ATOM   520 C CA    . ILE A 1 108 ? -1.755  2.959   6.219   1.00 17.72 ? 88  ILE A CA    1 
ATOM   521 C C     . ILE A 1 108 ? -3.143  3.181   6.821   1.00 18.30 ? 88  ILE A C     1 
ATOM   522 O O     . ILE A 1 108 ? -3.691  4.290   6.760   1.00 19.70 ? 88  ILE A O     1 
ATOM   523 C CB    . ILE A 1 108 ? -1.892  2.193   4.892   1.00 17.04 ? 88  ILE A CB    1 
ATOM   524 C CG1   . ILE A 1 108 ? -0.538  2.135   4.166   1.00 17.93 ? 88  ILE A CG1   1 
ATOM   525 C CG2   . ILE A 1 108 ? -2.912  2.888   3.992   1.00 19.01 ? 88  ILE A CG2   1 
ATOM   526 C CD1   . ILE A 1 108 ? -0.514  1.203   2.980   1.00 20.05 ? 88  ILE A CD1   1 
ATOM   527 N N     . ALA A 1 109 ? -3.707  2.134   7.415   1.00 19.01 ? 89  ALA A N     1 
ATOM   528 C CA    . ALA A 1 109 ? -5.065  2.223   7.940   1.00 20.74 ? 89  ALA A CA    1 
ATOM   529 C C     . ALA A 1 109 ? -5.176  3.288   9.035   1.00 22.34 ? 89  ALA A C     1 
ATOM   530 O O     . ALA A 1 109 ? -6.129  4.062   9.058   1.00 22.30 ? 89  ALA A O     1 
ATOM   531 C CB    . ALA A 1 109 ? -5.526  0.868   8.465   1.00 22.92 ? 89  ALA A CB    1 
ATOM   532 N N     . ASP A 1 110 ? -4.197  3.335   9.934   1.00 22.62 ? 90  ASP A N     1 
ATOM   533 C CA    . ASP A 1 110 ? -4.234  4.317   11.014  1.00 24.27 ? 90  ASP A CA    1 
ATOM   534 C C     . ASP A 1 110 ? -4.221  5.745   10.473  1.00 22.72 ? 90  ASP A C     1 
ATOM   535 O O     . ASP A 1 110 ? -4.934  6.616   10.975  1.00 25.43 ? 90  ASP A O     1 
ATOM   536 C CB    . ASP A 1 110 ? -3.061  4.122   11.982  1.00 27.59 ? 90  ASP A CB    1 
ATOM   537 C CG    . ASP A 1 110 ? -3.225  2.902   12.868  1.00 33.61 ? 90  ASP A CG    1 
ATOM   538 O OD1   . ASP A 1 110 ? -4.345  2.352   12.935  1.00 36.17 ? 90  ASP A OD1   1 
ATOM   539 O OD2   . ASP A 1 110 ? -2.230  2.508   13.517  1.00 36.81 ? 90  ASP A OD2   1 
ATOM   540 N N     . ALA A 1 111 ? -3.399  5.979   9.454   1.00 21.46 ? 91  ALA A N     1 
ATOM   541 C CA    . ALA A 1 111 ? -3.246  7.308   8.881   1.00 20.61 ? 91  ALA A CA    1 
ATOM   542 C C     . ALA A 1 111 ? -4.423  7.695   7.987   1.00 21.00 ? 91  ALA A C     1 
ATOM   543 O O     . ALA A 1 111 ? -4.743  8.871   7.859   1.00 22.99 ? 91  ALA A O     1 
ATOM   544 C CB    . ALA A 1 111 ? -1.933  7.403   8.095   1.00 21.19 ? 91  ALA A CB    1 
ATOM   545 N N     . ALA A 1 112 ? -5.063  6.702   7.375   1.00 19.57 ? 92  ALA A N     1 
ATOM   546 C CA    . ALA A 1 112 ? -6.176  6.962   6.459   1.00 19.34 ? 92  ALA A CA    1 
ATOM   547 C C     . ALA A 1 112 ? -7.520  7.071   7.173   1.00 19.84 ? 92  ALA A C     1 
ATOM   548 O O     . ALA A 1 112 ? -8.509  7.489   6.578   1.00 19.71 ? 92  ALA A O     1 
ATOM   549 C CB    . ALA A 1 112 ? -6.248  5.880   5.394   1.00 19.12 ? 92  ALA A CB    1 
ATOM   550 N N     . HIS A 1 113 ? -7.557  6.684   8.441   1.00 19.88 ? 93  HIS A N     1 
ATOM   551 C CA    . HIS A 1 113 ? -8.812  6.594   9.167   1.00 19.39 ? 93  HIS A CA    1 
ATOM   552 C C     . HIS A 1 113 ? -9.468  7.947   9.448   1.00 19.98 ? 93  HIS A C     1 
ATOM   553 O O     . HIS A 1 113 ? -8.787  8.913   9.820   1.00 21.26 ? 93  HIS A O     1 
ATOM   554 C CB    . HIS A 1 113 ? -8.553  5.881   10.497  1.00 20.68 ? 93  HIS A CB    1 
ATOM   555 C CG    . HIS A 1 113 ? -9.768  5.740   11.353  1.00 20.88 ? 93  HIS A CG    1 
ATOM   556 N ND1   . HIS A 1 113 ? -10.126 6.682   12.296  1.00 22.50 ? 93  HIS A ND1   1 
ATOM   557 C CD2   . HIS A 1 113 ? -10.719 4.777   11.401  1.00 22.46 ? 93  HIS A CD2   1 
ATOM   558 C CE1   . HIS A 1 113 ? -11.244 6.301   12.889  1.00 22.50 ? 93  HIS A CE1   1 
ATOM   559 N NE2   . HIS A 1 113 ? -11.626 5.150   12.362  1.00 23.28 ? 93  HIS A NE2   1 
ATOM   560 N N     . THR A 1 114 ? -10.794 8.002   9.302   1.00 20.86 ? 94  THR A N     1 
ATOM   561 C CA    . THR A 1 114 ? -11.575 9.142   9.801   1.00 22.65 ? 94  THR A CA    1 
ATOM   562 C C     . THR A 1 114 ? -12.744 8.709   10.691  1.00 24.68 ? 94  THR A C     1 
ATOM   563 O O     . THR A 1 114 ? -13.194 9.476   11.549  1.00 26.95 ? 94  THR A O     1 
ATOM   564 C CB    . THR A 1 114 ? -12.150 10.050  8.674   1.00 24.17 ? 94  THR A CB    1 
ATOM   565 O OG1   . THR A 1 114 ? -13.276 9.413   8.053   1.00 22.38 ? 94  THR A OG1   1 
ATOM   566 C CG2   . THR A 1 114 ? -11.086 10.404  7.629   1.00 23.96 ? 94  THR A CG2   1 
ATOM   567 N N     . GLY A 1 115 ? -13.237 7.492   10.475  1.00 24.17 ? 95  GLY A N     1 
ATOM   568 C CA    . GLY A 1 115 ? -14.409 7.009   11.185  1.00 25.07 ? 95  GLY A CA    1 
ATOM   569 C C     . GLY A 1 115 ? -15.712 7.156   10.421  1.00 25.96 ? 95  GLY A C     1 
ATOM   570 O O     . GLY A 1 115 ? -16.747 6.656   10.858  1.00 26.62 ? 95  GLY A O     1 
ATOM   571 N N     . GLU A 1 116 ? -15.668 7.839   9.280   1.00 27.26 ? 96  GLU A N     1 
ATOM   572 C CA    . GLU A 1 116 ? -16.852 8.010   8.441   1.00 28.45 ? 96  GLU A CA    1 
ATOM   573 C C     . GLU A 1 116 ? -16.842 7.008   7.293   1.00 25.51 ? 96  GLU A C     1 
ATOM   574 O O     . GLU A 1 116 ? -15.776 6.639   6.786   1.00 22.51 ? 96  GLU A O     1 
ATOM   575 C CB    . GLU A 1 116 ? -16.894 9.427   7.866   1.00 32.33 ? 96  GLU A CB    1 
ATOM   576 C CG    . GLU A 1 116 ? -16.847 10.531  8.919   1.00 35.83 ? 96  GLU A CG    1 
ATOM   577 C CD    . GLU A 1 116 ? -18.125 10.628  9.736   1.00 41.25 ? 96  GLU A CD    1 
ATOM   578 O OE1   . GLU A 1 116 ? -19.186 10.202  9.236   1.00 44.19 ? 96  GLU A OE1   1 
ATOM   579 O OE2   . GLU A 1 116 ? -18.065 11.127  10.881  1.00 42.84 ? 96  GLU A OE2   1 
ATOM   580 N N     . LYS A 1 117 ? -18.028 6.578   6.874   1.00 25.71 ? 97  LYS A N     1 
ATOM   581 C CA    . LYS A 1 117 ? -18.143 5.693   5.720   1.00 25.10 ? 97  LYS A CA    1 
ATOM   582 C C     . LYS A 1 117 ? -17.479 6.334   4.509   1.00 22.92 ? 97  LYS A C     1 
ATOM   583 O O     . LYS A 1 117 ? -17.659 7.528   4.252   1.00 24.87 ? 97  LYS A O     1 
ATOM   584 C CB    . LYS A 1 117 ? -19.607 5.355   5.446   1.00 29.62 ? 97  LYS A CB    1 
ATOM   585 C CG    . LYS A 1 117 ? -20.231 4.524   6.571   1.00 35.09 ? 97  LYS A CG    1 
ATOM   586 C CD    . LYS A 1 117 ? -21.618 4.029   6.199   1.00 40.28 ? 97  LYS A CD    1 
ATOM   587 C CE    . LYS A 1 117 ? -22.056 2.898   7.119   1.00 45.08 ? 97  LYS A CE    1 
ATOM   588 N NZ    . LYS A 1 117 ? -23.331 2.280   6.662   1.00 48.27 ? 97  LYS A NZ    1 
ATOM   589 N N     . GLY A 1 118 ? -16.689 5.544   3.785   1.00 20.49 ? 98  GLY A N     1 
ATOM   590 C CA    . GLY A 1 118 ? -15.906 6.043   2.668   1.00 19.49 ? 98  GLY A CA    1 
ATOM   591 C C     . GLY A 1 118 ? -14.406 5.971   2.934   1.00 18.11 ? 98  GLY A C     1 
ATOM   592 O O     . GLY A 1 118 ? -13.607 6.311   2.067   1.00 18.11 ? 98  GLY A O     1 
ATOM   593 N N     . ASP A 1 119 ? -14.014 5.523   4.131   1.00 18.21 ? 99  ASP A N     1 
ATOM   594 C CA    . ASP A 1 119 ? -12.594 5.455   4.503   1.00 18.47 ? 99  ASP A CA    1 
ATOM   595 C C     . ASP A 1 119 ? -11.786 4.462   3.663   1.00 17.87 ? 99  ASP A C     1 
ATOM   596 O O     . ASP A 1 119 ? -10.565 4.574   3.575   1.00 18.84 ? 99  ASP A O     1 
ATOM   597 C CB    . ASP A 1 119 ? -12.453 5.057   5.977   1.00 19.21 ? 99  ASP A CB    1 
ATOM   598 C CG    . ASP A 1 119 ? -12.505 6.241   6.925   1.00 19.68 ? 99  ASP A CG    1 
ATOM   599 O OD1   . ASP A 1 119 ? -12.663 7.395   6.477   1.00 19.99 ? 99  ASP A OD1   1 
ATOM   600 O OD2   . ASP A 1 119 ? -12.392 5.998   8.149   1.00 19.43 ? 99  ASP A OD2   1 
ATOM   601 N N     . GLY A 1 120 ? -12.454 3.465   3.092   1.00 16.96 ? 100 GLY A N     1 
ATOM   602 C CA    . GLY A 1 120 ? -11.783 2.539   2.203   1.00 17.57 ? 100 GLY A CA    1 
ATOM   603 C C     . GLY A 1 120 ? -11.276 1.249   2.824   1.00 15.08 ? 100 GLY A C     1 
ATOM   604 O O     . GLY A 1 120 ? -11.674 0.844   3.926   1.00 17.01 ? 100 GLY A O     1 
ATOM   605 N N     . LYS A 1 121 ? -10.382 0.596   2.090   1.00 14.23 ? 101 LYS A N     1 
ATOM   606 C CA    . LYS A 1 121 ? -9.972  -0.767  2.386   1.00 14.89 ? 101 LYS A CA    1 
ATOM   607 C C     . LYS A 1 121 ? -8.511  -0.976  2.046   1.00 14.88 ? 101 LYS A C     1 
ATOM   608 O O     . LYS A 1 121 ? -7.965  -0.306  1.162   1.00 16.50 ? 101 LYS A O     1 
ATOM   609 C CB    . LYS A 1 121 ? -10.763 -1.755  1.526   1.00 21.47 ? 101 LYS A CB    1 
ATOM   610 C CG    . LYS A 1 121 ? -12.247 -1.521  1.444   1.00 27.02 ? 101 LYS A CG    1 
ATOM   611 C CD    . LYS A 1 121 ? -12.920 -2.094  2.649   1.00 28.13 ? 101 LYS A CD    1 
ATOM   612 C CE    . LYS A 1 121 ? -13.989 -3.105  2.256   1.00 31.62 ? 101 LYS A CE    1 
ATOM   613 N NZ    . LYS A 1 121 ? -15.256 -2.478  1.815   1.00 28.91 ? 101 LYS A NZ    1 
ATOM   614 N N     . ILE A 1 122 ? -7.893  -1.947  2.704   1.00 15.93 ? 102 ILE A N     1 
ATOM   615 C CA    . ILE A 1 122 ? -6.558  -2.382  2.331   1.00 16.43 ? 102 ILE A CA    1 
ATOM   616 C C     . ILE A 1 122 ? -6.608  -3.865  2.012   1.00 15.71 ? 102 ILE A C     1 
ATOM   617 O O     . ILE A 1 122 ? -7.256  -4.636  2.718   1.00 17.95 ? 102 ILE A O     1 
ATOM   618 C CB    . ILE A 1 122 ? -5.560  -2.106  3.456   1.00 19.12 ? 102 ILE A CB    1 
ATOM   619 C CG1   . ILE A 1 122 ? -5.655  -0.628  3.853   1.00 22.06 ? 102 ILE A CG1   1 
ATOM   620 C CG2   . ILE A 1 122 ? -4.152  -2.467  3.019   1.00 19.95 ? 102 ILE A CG2   1 
ATOM   621 C CD1   . ILE A 1 122 ? -4.940  -0.308  5.118   1.00 27.45 ? 102 ILE A CD1   1 
ATOM   622 N N     . PHE A 1 123 ? -5.950  -4.256  0.926   1.00 15.49 ? 103 PHE A N     1 
ATOM   623 C CA    . PHE A 1 123 ? -5.919  -5.650  0.509   1.00 15.86 ? 103 PHE A CA    1 
ATOM   624 C C     . PHE A 1 123 ? -4.475  -6.119  0.399   1.00 18.24 ? 103 PHE A C     1 
ATOM   625 O O     . PHE A 1 123 ? -3.597  -5.350  0.021   1.00 19.34 ? 103 PHE A O     1 
ATOM   626 C CB    . PHE A 1 123 ? -6.611  -5.808  -0.843  1.00 17.04 ? 103 PHE A CB    1 
ATOM   627 C CG    . PHE A 1 123 ? -8.003  -5.262  -0.870  1.00 16.54 ? 103 PHE A CG    1 
ATOM   628 C CD1   . PHE A 1 123 ? -9.022  -5.906  -0.180  1.00 17.46 ? 103 PHE A CD1   1 
ATOM   629 C CD2   . PHE A 1 123 ? -8.300  -4.102  -1.568  1.00 18.39 ? 103 PHE A CD2   1 
ATOM   630 C CE1   . PHE A 1 123 ? -10.313 -5.411  -0.190  1.00 18.35 ? 103 PHE A CE1   1 
ATOM   631 C CE2   . PHE A 1 123 ? -9.597  -3.604  -1.583  1.00 18.91 ? 103 PHE A CE2   1 
ATOM   632 C CZ    . PHE A 1 123 ? -10.603 -4.262  -0.897  1.00 18.82 ? 103 PHE A CZ    1 
ATOM   633 N N     . ILE A 1 124 ? -4.224  -7.375  0.753   1.00 17.73 ? 104 ILE A N     1 
ATOM   634 C CA    A ILE A 1 124 ? -2.886  -7.932  0.623   0.63 17.99 ? 104 ILE A CA    1 
ATOM   635 C CA    B ILE A 1 124 ? -2.889  -7.948  0.638   0.37 18.82 ? 104 ILE A CA    1 
ATOM   636 C C     . ILE A 1 124 ? -2.903  -9.077  -0.382  1.00 17.69 ? 104 ILE A C     1 
ATOM   637 O O     . ILE A 1 124 ? -3.694  -10.018 -0.260  1.00 19.77 ? 104 ILE A O     1 
ATOM   638 C CB    A ILE A 1 124 ? -2.334  -8.426  1.976   0.63 19.19 ? 104 ILE A CB    1 
ATOM   639 C CB    B ILE A 1 124 ? -2.401  -8.510  1.982   0.37 21.27 ? 104 ILE A CB    1 
ATOM   640 C CG1   A ILE A 1 124 ? -2.284  -7.272  2.983   0.63 19.99 ? 104 ILE A CG1   1 
ATOM   641 C CG1   B ILE A 1 124 ? -2.625  -7.490  3.099   0.37 23.09 ? 104 ILE A CG1   1 
ATOM   642 C CG2   A ILE A 1 124 ? -0.954  -9.034  1.784   0.63 20.73 ? 104 ILE A CG2   1 
ATOM   643 C CG2   B ILE A 1 124 ? -0.934  -8.912  1.888   0.37 22.35 ? 104 ILE A CG2   1 
ATOM   644 C CD1   A ILE A 1 124 ? -1.939  -7.700  4.413   0.63 20.56 ? 104 ILE A CD1   1 
ATOM   645 C CD1   B ILE A 1 124 ? -1.832  -6.221  2.926   0.37 23.99 ? 104 ILE A CD1   1 
ATOM   646 N N     . LEU A 1 125 ? -2.037  -8.975  -1.393  1.00 17.01 ? 105 LEU A N     1 
ATOM   647 C CA    . LEU A 1 125 ? -1.952  -9.974  -2.460  1.00 16.77 ? 105 LEU A CA    1 
ATOM   648 C C     . LEU A 1 125 ? -0.550  -10.566 -2.505  1.00 17.74 ? 105 LEU A C     1 
ATOM   649 O O     . LEU A 1 125 ? 0.425   -9.884  -2.203  1.00 18.58 ? 105 LEU A O     1 
ATOM   650 C CB    . LEU A 1 125 ? -2.267  -9.343  -3.825  1.00 16.96 ? 105 LEU A CB    1 
ATOM   651 C CG    . LEU A 1 125 ? -3.702  -8.856  -4.055  1.00 17.64 ? 105 LEU A CG    1 
ATOM   652 C CD1   . LEU A 1 125 ? -3.897  -7.452  -3.505  1.00 18.70 ? 105 LEU A CD1   1 
ATOM   653 C CD2   . LEU A 1 125 ? -4.067  -8.878  -5.528  1.00 19.20 ? 105 LEU A CD2   1 
ATOM   654 N N     . PRO A 1 126 ? -0.443  -11.840 -2.899  1.00 18.81 ? 106 PRO A N     1 
ATOM   655 C CA    . PRO A 1 126 ? 0.879   -12.446 -3.052  1.00 19.16 ? 106 PRO A CA    1 
ATOM   656 C C     . PRO A 1 126 ? 1.617   -11.944 -4.289  1.00 19.15 ? 106 PRO A C     1 
ATOM   657 O O     . PRO A 1 126 ? 1.004   -11.706 -5.340  1.00 20.64 ? 106 PRO A O     1 
ATOM   658 C CB    . PRO A 1 126 ? 0.558   -13.936 -3.204  1.00 21.10 ? 106 PRO A CB    1 
ATOM   659 C CG    . PRO A 1 126 ? -0.810  -13.949 -3.834  1.00 21.80 ? 106 PRO A CG    1 
ATOM   660 C CD    . PRO A 1 126 ? -1.530  -12.797 -3.177  1.00 20.60 ? 106 PRO A CD    1 
ATOM   661 N N     . VAL A 1 127 ? 2.930   -11.780 -4.148  1.00 19.54 ? 107 VAL A N     1 
ATOM   662 C CA    . VAL A 1 127 ? 3.820   -11.454 -5.259  1.00 18.53 ? 107 VAL A CA    1 
ATOM   663 C C     . VAL A 1 127 ? 4.867   -12.565 -5.336  1.00 19.76 ? 107 VAL A C     1 
ATOM   664 O O     . VAL A 1 127 ? 5.493   -12.907 -4.330  1.00 22.63 ? 107 VAL A O     1 
ATOM   665 C CB    . VAL A 1 127 ? 4.499   -10.082 -5.047  1.00 18.49 ? 107 VAL A CB    1 
ATOM   666 C CG1   . VAL A 1 127 ? 5.572   -9.839  -6.087  1.00 20.08 ? 107 VAL A CG1   1 
ATOM   667 C CG2   . VAL A 1 127 ? 3.446   -8.960  -5.089  1.00 18.70 ? 107 VAL A CG2   1 
ATOM   668 N N     . GLU A 1 128 ? 5.038   -13.143 -6.520  1.00 20.00 ? 108 GLU A N     1 
ATOM   669 C CA    . GLU A 1 128 ? 5.927   -14.297 -6.681  1.00 21.91 ? 108 GLU A CA    1 
ATOM   670 C C     . GLU A 1 128 ? 7.379   -13.927 -7.007  1.00 22.97 ? 108 GLU A C     1 
ATOM   671 O O     . GLU A 1 128 ? 8.313   -14.663 -6.652  1.00 26.46 ? 108 GLU A O     1 
ATOM   672 C CB    . GLU A 1 128 ? 5.350   -15.275 -7.713  1.00 24.03 ? 108 GLU A CB    1 
ATOM   673 C CG    . GLU A 1 128 ? 4.113   -15.992 -7.189  1.00 27.05 ? 108 GLU A CG    1 
ATOM   674 C CD    . GLU A 1 128 ? 3.438   -16.877 -8.214  1.00 30.17 ? 108 GLU A CD    1 
ATOM   675 O OE1   . GLU A 1 128 ? 3.819   -16.830 -9.404  1.00 30.22 ? 108 GLU A OE1   1 
ATOM   676 O OE2   . GLU A 1 128 ? 2.526   -17.635 -7.816  1.00 32.14 ? 108 GLU A OE2   1 
ATOM   677 N N     . ASN A 1 129 ? 7.576   -12.789 -7.668  1.00 21.99 ? 109 ASN A N     1 
ATOM   678 C CA    . ASN A 1 129 ? 8.929   -12.332 -7.965  1.00 23.08 ? 109 ASN A CA    1 
ATOM   679 C C     . ASN A 1 129 ? 8.977   -10.820 -8.138  1.00 20.25 ? 109 ASN A C     1 
ATOM   680 O O     . ASN A 1 129 ? 7.950   -10.181 -8.374  1.00 19.16 ? 109 ASN A O     1 
ATOM   681 C CB    . ASN A 1 129 ? 9.482   -13.029 -9.214  1.00 27.39 ? 109 ASN A CB    1 
ATOM   682 C CG    . ASN A 1 129 ? 11.018  -13.096 -9.234  1.00 32.77 ? 109 ASN A CG    1 
ATOM   683 O OD1   . ASN A 1 129 ? 11.692  -12.804 -8.239  1.00 32.52 ? 109 ASN A OD1   1 
ATOM   684 N ND2   . ASN A 1 129 ? 11.570  -13.495 -10.377 1.00 37.34 ? 109 ASN A ND2   1 
ATOM   685 N N     . ALA A 1 130 ? 10.179  -10.266 -8.018  1.00 21.46 ? 110 ALA A N     1 
ATOM   686 C CA    . ALA A 1 130 ? 10.414  -8.842  -8.185  1.00 21.21 ? 110 ALA A CA    1 
ATOM   687 C C     . ALA A 1 130 ? 11.730  -8.659  -8.920  1.00 21.64 ? 110 ALA A C     1 
ATOM   688 O O     . ALA A 1 130 ? 12.691  -9.404  -8.687  1.00 23.70 ? 110 ALA A O     1 
ATOM   689 C CB    . ALA A 1 130 ? 10.463  -8.140  -6.822  1.00 21.60 ? 110 ALA A CB    1 
ATOM   690 N N     . ILE A 1 131 ? 11.775  -7.679  -9.812  1.00 20.25 ? 111 ILE A N     1 
ATOM   691 C CA    . ILE A 1 131 ? 12.990  -7.359  -10.550 1.00 21.03 ? 111 ILE A CA    1 
ATOM   692 C C     . ILE A 1 131 ? 13.251  -5.863  -10.467 1.00 20.18 ? 111 ILE A C     1 
ATOM   693 O O     . ILE A 1 131 ? 12.364  -5.058  -10.731 1.00 20.24 ? 111 ILE A O     1 
ATOM   694 C CB    . ILE A 1 131 ? 12.888  -7.750  -12.036 1.00 24.93 ? 111 ILE A CB    1 
ATOM   695 C CG1   . ILE A 1 131 ? 12.546  -9.237  -12.186 1.00 28.44 ? 111 ILE A CG1   1 
ATOM   696 C CG2   . ILE A 1 131 ? 14.185  -7.402  -12.756 1.00 25.47 ? 111 ILE A CG2   1 
ATOM   697 C CD1   . ILE A 1 131 ? 11.060  -9.557  -12.080 1.00 32.80 ? 111 ILE A CD1   1 
ATOM   698 N N     . GLN A 1 132 ? 14.468  -5.493  -10.097 1.00 21.59 ? 112 GLN A N     1 
ATOM   699 C CA    . GLN A 1 132 ? 14.878  -4.104  -10.064 1.00 22.75 ? 112 GLN A CA    1 
ATOM   700 C C     . GLN A 1 132 ? 15.349  -3.739  -11.470 1.00 21.65 ? 112 GLN A C     1 
ATOM   701 O O     . GLN A 1 132 ? 16.303  -4.316  -11.972 1.00 23.29 ? 112 GLN A O     1 
ATOM   702 C CB    . GLN A 1 132 ? 16.020  -3.972  -9.061  1.00 27.76 ? 112 GLN A CB    1 
ATOM   703 C CG    . GLN A 1 132 ? 16.301  -2.596  -8.537  1.00 32.47 ? 112 GLN A CG    1 
ATOM   704 C CD    . GLN A 1 132 ? 17.260  -2.644  -7.367  1.00 35.84 ? 112 GLN A CD    1 
ATOM   705 O OE1   . GLN A 1 132 ? 18.382  -3.132  -7.494  1.00 34.54 ? 112 GLN A OE1   1 
ATOM   706 N NE2   . GLN A 1 132 ? 16.813  -2.163  -6.209  1.00 39.66 ? 112 GLN A NE2   1 
ATOM   707 N N     . VAL A 1 133 ? 14.690  -2.783  -12.118 1.00 19.21 ? 113 VAL A N     1 
ATOM   708 C CA    . VAL A 1 133 ? 15.052  -2.452  -13.493 1.00 18.96 ? 113 VAL A CA    1 
ATOM   709 C C     . VAL A 1 133 ? 16.489  -1.924  -13.623 1.00 21.39 ? 113 VAL A C     1 
ATOM   710 O O     . VAL A 1 133 ? 17.203  -2.282  -14.557 1.00 22.61 ? 113 VAL A O     1 
ATOM   711 C CB    . VAL A 1 133 ? 14.041  -1.452  -14.119 1.00 18.16 ? 113 VAL A CB    1 
ATOM   712 C CG1   . VAL A 1 133 ? 14.544  -0.948  -15.480 1.00 19.17 ? 113 VAL A CG1   1 
ATOM   713 C CG2   . VAL A 1 133 ? 12.656  -2.105  -14.247 1.00 18.76 ? 113 VAL A CG2   1 
ATOM   714 N N     . ARG A 1 134 ? 16.918  -1.079  -12.689 1.00 20.02 ? 114 ARG A N     1 
ATOM   715 C CA    . ARG A 1 134 ? 18.232  -0.446  -12.820 1.00 20.87 ? 114 ARG A CA    1 
ATOM   716 C C     . ARG A 1 134 ? 19.385  -1.444  -12.848 1.00 21.75 ? 114 ARG A C     1 
ATOM   717 O O     . ARG A 1 134 ? 20.377  -1.245  -13.564 1.00 22.75 ? 114 ARG A O     1 
ATOM   718 C CB    . ARG A 1 134 ? 18.457  0.561   -11.694 1.00 23.99 ? 114 ARG A CB    1 
ATOM   719 C CG    . ARG A 1 134 ? 19.621  1.506   -11.955 1.00 26.41 ? 114 ARG A CG    1 
ATOM   720 C CD    . ARG A 1 134 ? 19.646  2.624   -10.939 1.00 30.68 ? 114 ARG A CD    1 
ATOM   721 N NE    . ARG A 1 134 ? 20.230  2.206   -9.674  1.00 35.28 ? 114 ARG A NE    1 
ATOM   722 C CZ    . ARG A 1 134 ? 21.474  2.500   -9.291  1.00 37.51 ? 114 ARG A CZ    1 
ATOM   723 N NH1   . ARG A 1 134 ? 22.266  3.231   -10.069 1.00 39.48 ? 114 ARG A NH1   1 
ATOM   724 N NH2   . ARG A 1 134 ? 21.922  2.076   -8.120  1.00 38.75 ? 114 ARG A NH2   1 
ATOM   725 N N     . THR A 1 135 ? 19.249  -2.509  -12.067 1.00 22.96 ? 115 THR A N     1 
ATOM   726 C CA    . THR A 1 135 ? 20.344  -3.456  -11.859 1.00 23.81 ? 115 THR A CA    1 
ATOM   727 C C     . THR A 1 135 ? 20.076  -4.838  -12.443 1.00 23.26 ? 115 THR A C     1 
ATOM   728 O O     . THR A 1 135 ? 21.011  -5.610  -12.678 1.00 24.85 ? 115 THR A O     1 
ATOM   729 C CB    . THR A 1 135 ? 20.571  -3.678  -10.365 1.00 23.92 ? 115 THR A CB    1 
ATOM   730 O OG1   . THR A 1 135 ? 19.339  -4.124  -9.783  1.00 23.79 ? 115 THR A OG1   1 
ATOM   731 C CG2   . THR A 1 135 ? 21.020  -2.393  -9.677  1.00 24.58 ? 115 THR A CG2   1 
ATOM   732 N N     . GLY A 1 136 ? 18.809  -5.175  -12.647 1.00 24.04 ? 116 GLY A N     1 
ATOM   733 C CA    . GLY A 1 136 ? 18.465  -6.535  -13.021 1.00 24.99 ? 116 GLY A CA    1 
ATOM   734 C C     . GLY A 1 136 ? 18.447  -7.478  -11.829 1.00 25.98 ? 116 GLY A C     1 
ATOM   735 O O     . GLY A 1 136 ? 18.238  -8.681  -11.982 1.00 29.24 ? 116 GLY A O     1 
ATOM   736 N N     . LYS A 1 137 ? 18.657  -6.944  -10.633 1.00 25.96 ? 117 LYS A N     1 
ATOM   737 C CA    . LYS A 1 137 ? 18.587  -7.774  -9.433  1.00 26.33 ? 117 LYS A CA    1 
ATOM   738 C C     . LYS A 1 137 ? 17.187  -8.352  -9.241  1.00 26.42 ? 117 LYS A C     1 
ATOM   739 O O     . LYS A 1 137 ? 16.192  -7.672  -9.479  1.00 25.44 ? 117 LYS A O     1 
ATOM   740 C CB    . LYS A 1 137 ? 19.011  -6.978  -8.196  1.00 29.22 ? 117 LYS A CB    1 
ATOM   741 C CG    . LYS A 1 137 ? 18.928  -7.777  -6.915  1.00 33.72 ? 117 LYS A CG    1 
ATOM   742 C CD    . LYS A 1 137 ? 20.070  -7.450  -5.980  1.00 39.23 ? 117 LYS A CD    1 
ATOM   743 C CE    . LYS A 1 137 ? 19.990  -8.297  -4.722  1.00 42.23 ? 117 LYS A CE    1 
ATOM   744 N NZ    . LYS A 1 137 ? 19.932  -9.750  -5.046  1.00 44.29 ? 117 LYS A NZ    1 
ATOM   745 N N     . THR A 1 138 ? 17.100  -9.604  -8.803  1.00 28.31 ? 118 THR A N     1 
ATOM   746 C CA    . THR A 1 138 ? 15.804  -10.252 -8.643  1.00 29.47 ? 118 THR A CA    1 
ATOM   747 C C     . THR A 1 138 ? 15.600  -10.770 -7.230  1.00 31.01 ? 118 THR A C     1 
ATOM   748 O O     . THR A 1 138 ? 16.558  -10.909 -6.460  1.00 32.47 ? 118 THR A O     1 
ATOM   749 C CB    . THR A 1 138 ? 15.624  -11.435 -9.612  1.00 31.67 ? 118 THR A CB    1 
ATOM   750 O OG1   . THR A 1 138 ? 16.546  -12.479 -9.267  1.00 34.82 ? 118 THR A OG1   1 
ATOM   751 C CG2   . THR A 1 138 ? 15.846  -10.997 -11.057 1.00 32.88 ? 118 THR A CG2   1 
ATOM   752 N N     . GLY A 1 139 ? 14.345  -11.065 -6.905  1.00 30.56 ? 119 GLY A N     1 
ATOM   753 C CA    . GLY A 1 139 ? 13.999  -11.687 -5.641  1.00 31.34 ? 119 GLY A CA    1 
ATOM   754 C C     . GLY A 1 139 ? 13.600  -10.692 -4.575  1.00 31.52 ? 119 GLY A C     1 
ATOM   755 O O     . GLY A 1 139 ? 13.406  -9.507  -4.851  1.00 30.42 ? 119 GLY A O     1 
ATOM   756 N N     . ARG A 1 140 ? 13.474  -11.177 -3.346  1.00 32.66 ? 120 ARG A N     1 
ATOM   757 C CA    . ARG A 1 140 ? 13.044  -10.332 -2.242  1.00 35.32 ? 120 ARG A CA    1 
ATOM   758 C C     . ARG A 1 140 ? 13.965  -9.132  -2.016  1.00 34.76 ? 120 ARG A C     1 
ATOM   759 O O     . ARG A 1 140 ? 13.508  -8.074  -1.582  1.00 35.77 ? 120 ARG A O     1 
ATOM   760 C CB    . ARG A 1 140 ? 12.885  -11.153 -0.957  1.00 38.88 ? 120 ARG A CB    1 
ATOM   761 C CG    . ARG A 1 140 ? 14.143  -11.855 -0.497  1.00 42.00 ? 120 ARG A CG    1 
ATOM   762 C CD    . ARG A 1 140 ? 13.878  -12.617 0.793   1.00 44.68 ? 120 ARG A CD    1 
ATOM   763 N NE    . ARG A 1 140 ? 13.074  -11.830 1.724   1.00 47.04 ? 120 ARG A NE    1 
ATOM   764 C CZ    . ARG A 1 140 ? 13.572  -10.946 2.581   1.00 50.10 ? 120 ARG A CZ    1 
ATOM   765 N NH1   . ARG A 1 140 ? 14.881  -10.736 2.636   1.00 52.68 ? 120 ARG A NH1   1 
ATOM   766 N NH2   . ARG A 1 140 ? 12.761  -10.273 3.389   1.00 49.93 ? 120 ARG A NH2   1 
ATOM   767 N N     . ASP A 1 141 ? 15.253  -9.285  -2.317  1.00 37.24 ? 121 ASP A N     1 
ATOM   768 C CA    . ASP A 1 141 ? 16.191  -8.186  -2.114  1.00 39.18 ? 121 ASP A CA    1 
ATOM   769 C C     . ASP A 1 141 ? 16.043  -7.074  -3.153  1.00 39.37 ? 121 ASP A C     1 
ATOM   770 O O     . ASP A 1 141 ? 16.635  -6.004  -3.015  1.00 42.67 ? 121 ASP A O     1 
ATOM   771 C CB    . ASP A 1 141 ? 17.633  -8.700  -2.068  1.00 43.41 ? 121 ASP A CB    1 
ATOM   772 C CG    . ASP A 1 141 ? 17.919  -9.516  -0.819  1.00 48.83 ? 121 ASP A CG    1 
ATOM   773 O OD1   . ASP A 1 141 ? 17.266  -9.265  0.217   1.00 51.14 ? 121 ASP A OD1   1 
ATOM   774 O OD2   . ASP A 1 141 ? 18.798  -10.403 -0.869  1.00 51.55 ? 121 ASP A OD2   1 
ATOM   775 N N     . ALA A 1 142 ? 15.243  -7.322  -4.185  1.00 35.63 ? 122 ALA A N     1 
ATOM   776 C CA    . ALA A 1 142 ? 14.991  -6.310  -5.206  1.00 33.36 ? 122 ALA A CA    1 
ATOM   777 C C     . ALA A 1 142 ? 13.865  -5.347  -4.828  1.00 31.91 ? 122 ALA A C     1 
ATOM   778 O O     . ALA A 1 142 ? 13.691  -4.315  -5.472  1.00 33.50 ? 122 ALA A O     1 
ATOM   779 C CB    . ALA A 1 142 ? 14.693  -6.971  -6.544  1.00 32.75 ? 122 ALA A CB    1 
ATOM   780 N N     . VAL A 1 143 ? 13.107  -5.680  -3.785  1.00 29.81 ? 123 VAL A N     1 
ATOM   781 C CA    . VAL A 1 143 ? 11.883  -4.948  -3.448  1.00 30.64 ? 123 VAL A CA    1 
ATOM   782 C C     . VAL A 1 143 ? 12.090  -3.542  -2.861  1.00 32.84 ? 123 VAL A C     1 
ATOM   783 O O     . VAL A 1 143 ? 11.413  -2.564  -3.228  1.00 33.72 ? 123 VAL A O     1 
ATOM   784 C CB    . VAL A 1 143 ? 11.007  -5.780  -2.491  1.00 27.44 ? 123 VAL A CB    1 
ATOM   785 C CG1   . VAL A 1 143 ? 9.854   -4.946  -1.936  1.00 27.69 ? 123 VAL A CG1   1 
ATOM   786 C CG2   . VAL A 1 143 ? 10.491  -7.013  -3.214  1.00 28.21 ? 123 VAL A CG2   1 
ATOM   787 O OXT   . VAL A 1 143 ? 12.924  -3.353  -1.987  1.00 31.56 ? 123 VAL A OXT   1 
HETATM 788 P P     . AMP B 2 .   ? -15.889 2.246   1.571   1.00 20.76 ? 201 AMP A P     1 
HETATM 789 O O1P   . AMP B 2 .   ? -17.136 2.917   1.060   1.00 24.34 ? 201 AMP A O1P   1 
HETATM 790 O O2P   . AMP B 2 .   ? -15.198 2.869   2.764   1.00 20.32 ? 201 AMP A O2P   1 
HETATM 791 O O3P   . AMP B 2 .   ? -16.220 0.792   1.830   1.00 24.94 ? 201 AMP A O3P   1 
HETATM 792 O "O5'" . AMP B 2 .   ? -14.846 2.128   0.384   1.00 19.24 ? 201 AMP A "O5'" 1 
HETATM 793 C "C5'" . AMP B 2 .   ? -14.218 3.281   -0.144  1.00 17.35 ? 201 AMP A "C5'" 1 
HETATM 794 C "C4'" . AMP B 2 .   ? -13.701 3.005   -1.523  1.00 14.73 ? 201 AMP A "C4'" 1 
HETATM 795 O "O4'" . AMP B 2 .   ? -12.885 1.805   -1.486  1.00 14.82 ? 201 AMP A "O4'" 1 
HETATM 796 C "C3'" . AMP B 2 .   ? -14.772 2.689   -2.560  1.00 13.52 ? 201 AMP A "C3'" 1 
HETATM 797 O "O3'" . AMP B 2 .   ? -15.347 3.852   -3.128  1.00 17.03 ? 201 AMP A "O3'" 1 
HETATM 798 C "C2'" . AMP B 2 .   ? -14.019 1.838   -3.565  1.00 13.45 ? 201 AMP A "C2'" 1 
HETATM 799 O "O2'" . AMP B 2 .   ? -13.216 2.665   -4.396  1.00 13.52 ? 201 AMP A "O2'" 1 
HETATM 800 C "C1'" . AMP B 2 .   ? -13.094 1.043   -2.652  1.00 15.22 ? 201 AMP A "C1'" 1 
HETATM 801 N N9    . AMP B 2 .   ? -13.652 -0.268  -2.258  1.00 15.51 ? 201 AMP A N9    1 
HETATM 802 C C8    . AMP B 2 .   ? -14.251 -0.560  -1.079  1.00 17.22 ? 201 AMP A C8    1 
HETATM 803 N N7    . AMP B 2 .   ? -14.600 -1.873  -1.025  1.00 17.75 ? 201 AMP A N7    1 
HETATM 804 C C5    . AMP B 2 .   ? -14.188 -2.439  -2.189  1.00 17.51 ? 201 AMP A C5    1 
HETATM 805 C C6    . AMP B 2 .   ? -14.248 -3.777  -2.795  1.00 16.02 ? 201 AMP A C6    1 
HETATM 806 N N6    . AMP B 2 .   ? -14.801 -4.819  -2.119  1.00 17.83 ? 201 AMP A N6    1 
HETATM 807 N N1    . AMP B 2 .   ? -13.707 -3.931  -4.022  1.00 15.57 ? 201 AMP A N1    1 
HETATM 808 C C2    . AMP B 2 .   ? -13.148 -2.908  -4.701  1.00 15.19 ? 201 AMP A C2    1 
HETATM 809 N N3    . AMP B 2 .   ? -13.074 -1.656  -4.213  1.00 14.56 ? 201 AMP A N3    1 
HETATM 810 C C4    . AMP B 2 .   ? -13.571 -1.377  -2.985  1.00 15.79 ? 201 AMP A C4    1 
HETATM 811 S S     . SO4 C 3 .   ? -5.674  9.994   -14.848 0.16 14.56 ? 202 SO4 A S     1 
HETATM 812 O O1    . SO4 C 3 .   ? -6.920  9.247   -14.997 0.20 14.20 ? 202 SO4 A O1    1 
HETATM 813 O O2    . SO4 C 3 .   ? -5.872  11.356  -15.338 0.21 15.45 ? 202 SO4 A O2    1 
HETATM 814 O O3    . SO4 C 3 .   ? -4.617  9.354   -15.625 0.17 16.06 ? 202 SO4 A O3    1 
HETATM 815 O O4    . SO4 C 3 .   ? -5.293  10.040  -13.439 0.15 16.74 ? 202 SO4 A O4    1 
HETATM 816 S S     . SO4 D 3 .   ? -4.016  12.129  -6.457  0.45 46.15 ? 203 SO4 A S     1 
HETATM 817 O O1    . SO4 D 3 .   ? -2.755  12.793  -6.136  0.45 29.05 ? 203 SO4 A O1    1 
HETATM 818 O O2    . SO4 D 3 .   ? -4.767  12.929  -7.421  0.45 39.35 ? 203 SO4 A O2    1 
HETATM 819 O O3    . SO4 D 3 .   ? -3.737  10.815  -7.032  0.45 30.15 ? 203 SO4 A O3    1 
HETATM 820 O O4    . SO4 D 3 .   ? -4.813  11.976  -5.243  0.45 35.04 ? 203 SO4 A O4    1 
HETATM 821 O O     . HOH E 4 .   ? 20.344  0.546   -7.267  1.00 51.66 ? 301 HOH A O     1 
HETATM 822 O O     . HOH E 4 .   ? -15.969 2.853   5.221   1.00 23.94 ? 302 HOH A O     1 
HETATM 823 O O     . HOH E 4 .   ? -13.887 11.723  -2.671  1.00 31.60 ? 303 HOH A O     1 
HETATM 824 O O     . HOH E 4 .   ? -7.374  10.515  -6.568  1.00 21.42 ? 304 HOH A O     1 
HETATM 825 O O     . HOH E 4 .   ? -13.590 1.463   5.711   1.00 19.47 ? 305 HOH A O     1 
HETATM 826 O O     . HOH E 4 .   ? -7.733  6.906   -13.321 1.00 15.38 ? 306 HOH A O     1 
HETATM 827 O O     . HOH E 4 .   ? -1.300  2.657   -7.227  1.00 13.60 ? 307 HOH A O     1 
HETATM 828 O O     . HOH E 4 .   ? 6.566   0.319   0.985   1.00 30.47 ? 308 HOH A O     1 
HETATM 829 O O     . HOH E 4 .   ? 17.126  -9.785  -14.205 1.00 47.91 ? 309 HOH A O     1 
HETATM 830 O O     . HOH E 4 .   ? 1.342   13.125  -3.026  1.00 41.49 ? 310 HOH A O     1 
HETATM 831 O O     . HOH E 4 .   ? -2.787  1.351   -10.709 1.00 20.23 ? 311 HOH A O     1 
HETATM 832 O O     . HOH E 4 .   ? 17.619  -4.371  -16.315 1.00 40.74 ? 312 HOH A O     1 
HETATM 833 O O     . HOH E 4 .   ? 3.766   -14.106 -1.504  1.00 28.03 ? 313 HOH A O     1 
HETATM 834 O O     . HOH E 4 .   ? 8.790   -1.814  0.442   1.00 35.11 ? 314 HOH A O     1 
HETATM 835 O O     . HOH E 4 .   ? 2.564   -11.397 5.146   1.00 37.37 ? 315 HOH A O     1 
HETATM 836 O O     . HOH E 4 .   ? 3.595   13.589  3.429   1.00 37.75 ? 316 HOH A O     1 
HETATM 837 O O     . HOH E 4 .   ? -3.107  14.233  0.985   1.00 27.26 ? 317 HOH A O     1 
HETATM 838 O O     . HOH E 4 .   ? -3.841  13.306  -2.614  1.00 31.63 ? 318 HOH A O     1 
HETATM 839 O O     . HOH E 4 .   ? -20.454 7.707   8.474   1.00 32.08 ? 319 HOH A O     1 
HETATM 840 O O     . HOH E 4 .   ? -9.208  13.835  -10.816 1.00 19.67 ? 320 HOH A O     1 
HETATM 841 O O     . HOH E 4 .   ? -13.087 10.507  -0.212  1.00 26.41 ? 321 HOH A O     1 
HETATM 842 O O     . HOH E 4 .   ? -10.500 9.235   -10.608 1.00 24.81 ? 322 HOH A O     1 
HETATM 843 O O     . HOH E 4 .   ? -23.235 1.035   -3.447  1.00 39.98 ? 323 HOH A O     1 
HETATM 844 O O     . HOH E 4 .   ? 1.542   -17.256 -4.999  1.00 34.97 ? 324 HOH A O     1 
HETATM 845 O O     . HOH E 4 .   ? -13.066 12.376  1.503   1.00 34.30 ? 325 HOH A O     1 
HETATM 846 O O     . HOH E 4 .   ? -19.824 8.081   -11.729 1.00 37.43 ? 326 HOH A O     1 
HETATM 847 O O     . HOH E 4 .   ? 10.580  0.761   0.867   1.00 22.21 ? 327 HOH A O     1 
HETATM 848 O O     . HOH E 4 .   ? -3.817  16.501  2.425   0.45 28.85 ? 328 HOH A O     1 
HETATM 849 O O     . HOH E 4 .   ? -10.648 13.321  0.341   1.00 29.43 ? 329 HOH A O     1 
HETATM 850 O O     . HOH E 4 .   ? 3.102   -14.097 5.417   1.00 41.76 ? 330 HOH A O     1 
HETATM 851 O O     . HOH E 4 .   ? 17.801  2.557   -7.143  1.00 35.94 ? 331 HOH A O     1 
HETATM 852 O O     . HOH E 4 .   ? 3.640   -16.246 -3.394  1.00 32.84 ? 332 HOH A O     1 
HETATM 853 O O     . HOH E 4 .   ? -1.186  -17.814 -4.531  0.33 31.80 ? 333 HOH A O     1 
HETATM 854 O O     . HOH E 4 .   ? -17.269 7.712   -0.398  1.00 22.39 ? 334 HOH A O     1 
HETATM 855 O O     . HOH E 4 .   ? -17.189 4.897   -1.278  1.00 23.63 ? 335 HOH A O     1 
HETATM 856 O O     . HOH E 4 .   ? -9.258  6.978   3.920   1.00 17.83 ? 336 HOH A O     1 
HETATM 857 O O     . HOH E 4 .   ? -3.129  13.648  4.937   1.00 23.45 ? 337 HOH A O     1 
HETATM 858 O O     . HOH E 4 .   ? -0.039  5.350   10.907  1.00 27.18 ? 338 HOH A O     1 
HETATM 859 O O     . HOH E 4 .   ? 7.041   -14.284 -2.615  1.00 28.84 ? 339 HOH A O     1 
HETATM 860 O O     . HOH E 4 .   ? 2.467   -9.747  8.073   1.00 31.00 ? 340 HOH A O     1 
HETATM 861 O O     . HOH E 4 .   ? -14.329 11.745  6.757   1.00 33.08 ? 341 HOH A O     1 
HETATM 862 O O     . HOH E 4 .   ? 5.310   -11.100 8.597   1.00 35.40 ? 342 HOH A O     1 
HETATM 863 O O     . HOH E 4 .   ? 11.952  -5.165  1.330   1.00 36.12 ? 343 HOH A O     1 
HETATM 864 O O     . HOH E 4 .   ? 1.039   10.137  9.477   1.00 28.20 ? 344 HOH A O     1 
HETATM 865 O O     . HOH E 4 .   ? -8.530  8.896   13.143  1.00 35.65 ? 345 HOH A O     1 
HETATM 866 O O     . HOH E 4 .   ? -4.578  11.218  9.326   1.00 30.53 ? 346 HOH A O     1 
HETATM 867 O O     . HOH E 4 .   ? 13.956  -5.260  -0.344  1.00 38.83 ? 347 HOH A O     1 
HETATM 868 O O     . HOH E 4 .   ? 16.852  -11.303 -3.742  1.00 40.17 ? 348 HOH A O     1 
HETATM 869 O O     . HOH E 4 .   ? -1.483  10.054  10.757  1.00 35.12 ? 349 HOH A O     1 
HETATM 870 O O     . HOH E 4 .   ? -6.338  8.991   11.118  1.00 30.69 ? 350 HOH A O     1 
HETATM 871 O O     . HOH E 4 .   ? 9.455   -3.738  2.882   1.00 20.41 ? 351 HOH A O     1 
HETATM 872 O O     . HOH E 4 .   ? 1.751   14.112  7.173   1.00 40.27 ? 352 HOH A O     1 
HETATM 873 O O     . HOH E 4 .   ? 10.712  -1.694  8.148   1.00 49.80 ? 353 HOH A O     1 
HETATM 874 O O     . HOH E 4 .   ? 11.759  -1.698  3.755   1.00 46.33 ? 354 HOH A O     1 
HETATM 875 O O     . HOH E 4 .   ? 2.557   -0.594  11.816  1.00 34.01 ? 355 HOH A O     1 
HETATM 876 O O     . HOH E 4 .   ? -4.372  -0.094  12.318  1.00 47.80 ? 356 HOH A O     1 
HETATM 877 O O     . HOH E 4 .   ? -1.626  7.428   12.210  1.00 37.36 ? 357 HOH A O     1 
HETATM 878 O O     . HOH E 4 .   ? -5.166  11.163  11.816  1.00 41.22 ? 358 HOH A O     1 
HETATM 879 O O     . HOH E 4 .   ? -20.362 4.675   -1.714  1.00 35.36 ? 359 HOH A O     1 
HETATM 880 O O     . HOH E 4 .   ? -19.286 3.683   2.019   1.00 39.91 ? 360 HOH A O     1 
HETATM 881 O O     . HOH E 4 .   ? 10.564  -11.671 2.968   1.00 35.72 ? 361 HOH A O     1 
# 
